data_3M5G
#
_entry.id   3M5G
#
_cell.length_a   66.882
_cell.length_b   115.434
_cell.length_c   250.967
_cell.angle_alpha   90.00
_cell.angle_beta   90.00
_cell.angle_gamma   90.00
#
_symmetry.space_group_name_H-M   'P 21 21 21'
#
loop_
_entity.id
_entity.type
_entity.pdbx_description
1 polymer Hemagglutinin
2 polymer Hemagglutinin
3 branched 2-acetamido-2-deoxy-beta-D-glucopyranose-(1-4)-2-acetamido-2-deoxy-beta-D-glucopyranose
4 non-polymer 2-acetamido-2-deoxy-beta-D-glucopyranose
5 non-polymer DI(HYDROXYETHYL)ETHER
6 water water
#
loop_
_entity_poly.entity_id
_entity_poly.type
_entity_poly.pdbx_seq_one_letter_code
_entity_poly.pdbx_strand_id
1 'polypeptide(L)'
;ADPGDKICLGHHAVANGTKVNTLTERGIEVVNATETVETTNIKKICTQGKRPTDLGQCGLLGTLIGPPQCDQFLEFSSDL
IIERREGTDICYPGRFTNEESLRQILRRSGGIGKESMGFTYSGIRTNGATSACTRSGSSFYAEMKWLLSNSDNAAFPQMT
KAYRNPRNKPALIIWGVHHSESVSEQTKLYGSGNKLITVRSSKYQQSFTPNPGARRIDFHWLLLDPNDTVTFTFNGAFIA
PDRTSFFRGESLGVQSDAPLDSSCRGDCFHSGGTIVSSLPFQNINSRTVGKCPRYVKQKSLLLATGMRNVPEKPKPR
;
A,C,E
2 'polypeptide(L)'
;GLFGAIAGFIENGWEGLINGWYGFRHQNAQGEGTAADYKSTQSAIDQITGKLNRLIGKTNQQFELIDNEFNEIEQQIGNV
INWTRDAMTEIWSYNAELLVAMENQHTIDLADSEMSKLYERVKKQLRENAEEDGTGCFEIFHKCDDQCMESIRNNTYDHT
QYRTESLQNRIQIDSGRLVPRG
;
B,D,F
#
# COMPACT_ATOMS: atom_id res chain seq x y z
N GLY A 4 30.42 -6.12 56.74
CA GLY A 4 31.83 -5.84 56.35
C GLY A 4 31.98 -5.42 54.89
N ASP A 5 32.58 -6.30 54.09
CA ASP A 5 32.83 -6.03 52.68
C ASP A 5 31.61 -6.35 51.82
N LYS A 6 31.43 -5.58 50.75
CA LYS A 6 30.34 -5.83 49.80
C LYS A 6 30.68 -5.41 48.38
N ILE A 7 30.03 -6.05 47.42
CA ILE A 7 30.19 -5.74 46.01
C ILE A 7 28.82 -5.52 45.36
N CYS A 8 28.69 -4.42 44.62
CA CYS A 8 27.43 -4.05 43.99
C CYS A 8 27.53 -4.07 42.49
N LEU A 9 26.47 -4.55 41.85
CA LEU A 9 26.38 -4.50 40.40
C LEU A 9 25.48 -3.36 39.97
N GLY A 10 25.88 -2.69 38.89
CA GLY A 10 25.13 -1.55 38.39
C GLY A 10 25.42 -1.24 36.93
N HIS A 11 24.79 -0.18 36.46
CA HIS A 11 24.87 0.23 35.07
C HIS A 11 25.14 1.73 34.98
N HIS A 12 25.48 2.18 33.78
CA HIS A 12 25.80 3.59 33.57
C HIS A 12 24.55 4.46 33.40
N ALA A 13 24.72 5.75 33.60
CA ALA A 13 23.66 6.74 33.37
C ALA A 13 24.28 8.07 32.96
N VAL A 14 23.45 8.96 32.41
CA VAL A 14 23.88 10.32 32.07
C VAL A 14 22.96 11.34 32.71
N ALA A 15 23.43 12.58 32.82
CA ALA A 15 22.65 13.68 33.41
C ALA A 15 21.30 13.85 32.71
N ASN A 16 21.32 14.19 31.43
CA ASN A 16 20.10 14.22 30.62
C ASN A 16 20.17 13.25 29.44
N GLY A 17 19.18 12.36 29.36
CA GLY A 17 19.11 11.41 28.26
C GLY A 17 18.20 11.91 27.15
N THR A 18 17.79 10.99 26.28
CA THR A 18 16.92 11.33 25.17
C THR A 18 15.57 10.66 25.33
N LYS A 19 14.51 11.43 25.08
CA LYS A 19 13.14 10.91 25.08
C LYS A 19 12.93 10.06 23.82
N VAL A 20 12.41 8.84 24.01
CA VAL A 20 12.00 7.98 22.90
C VAL A 20 10.63 7.40 23.20
N ASN A 21 10.01 6.81 22.17
CA ASN A 21 8.72 6.15 22.34
C ASN A 21 8.84 4.63 22.26
N THR A 22 8.04 3.95 23.07
CA THR A 22 7.96 2.50 23.06
C THR A 22 6.52 2.08 22.82
N LEU A 23 6.25 0.78 22.86
CA LEU A 23 4.90 0.26 22.71
C LEU A 23 3.98 0.65 23.86
N THR A 24 4.56 0.86 25.03
CA THR A 24 3.80 1.07 26.25
C THR A 24 3.98 2.46 26.86
N GLU A 25 4.98 3.21 26.39
CA GLU A 25 5.29 4.50 26.98
C GLU A 25 5.75 5.53 25.97
N ARG A 26 5.19 6.74 26.09
CA ARG A 26 5.60 7.88 25.26
C ARG A 26 6.57 8.75 26.05
N GLY A 27 7.70 9.08 25.42
CA GLY A 27 8.70 9.97 26.01
C GLY A 27 9.48 9.40 27.18
N ILE A 28 9.77 8.10 27.13
CA ILE A 28 10.68 7.47 28.11
C ILE A 28 12.13 7.85 27.79
N GLU A 29 12.95 8.01 28.82
CA GLU A 29 14.33 8.48 28.64
C GLU A 29 15.36 7.35 28.59
N VAL A 30 16.19 7.38 27.55
CA VAL A 30 17.27 6.40 27.37
C VAL A 30 18.63 7.09 27.30
N VAL A 31 19.70 6.33 27.48
CA VAL A 31 21.06 6.89 27.53
C VAL A 31 21.44 7.57 26.21
N ASN A 32 21.12 6.92 25.09
CA ASN A 32 21.38 7.48 23.77
C ASN A 32 20.37 6.99 22.73
N ALA A 33 20.08 7.86 21.77
CA ALA A 33 19.16 7.53 20.69
C ALA A 33 19.68 8.06 19.36
N THR A 34 19.13 7.55 18.26
CA THR A 34 19.50 8.02 16.93
C THR A 34 18.27 8.26 16.04
N GLU A 35 18.36 9.30 15.22
CA GLU A 35 17.27 9.71 14.35
C GLU A 35 17.10 8.72 13.18
N THR A 36 15.85 8.36 12.90
CA THR A 36 15.54 7.42 11.82
C THR A 36 14.87 8.10 10.62
N VAL A 37 14.45 9.35 10.81
CA VAL A 37 13.77 10.13 9.78
C VAL A 37 14.61 11.32 9.34
N GLU A 38 14.92 11.39 8.05
CA GLU A 38 15.74 12.46 7.50
C GLU A 38 14.94 13.72 7.27
N THR A 39 15.46 14.85 7.76
CA THR A 39 14.82 16.16 7.59
C THR A 39 15.75 17.19 6.96
N THR A 40 17.04 16.86 6.85
CA THR A 40 18.03 17.76 6.26
C THR A 40 18.03 17.67 4.75
N ASN A 41 17.70 18.79 4.11
CA ASN A 41 17.66 18.89 2.67
C ASN A 41 18.83 19.72 2.14
N ILE A 42 19.38 19.30 1.02
CA ILE A 42 20.32 20.13 0.28
C ILE A 42 19.54 20.81 -0.85
N LYS A 43 19.57 22.14 -0.87
CA LYS A 43 18.82 22.93 -1.84
C LYS A 43 19.51 22.97 -3.21
N LYS A 44 20.06 21.82 -3.62
CA LYS A 44 20.86 21.70 -4.84
C LYS A 44 20.67 20.34 -5.46
N ILE A 45 20.90 20.25 -6.78
CA ILE A 45 20.97 18.95 -7.45
C ILE A 45 22.43 18.49 -7.43
N CYS A 46 22.71 17.48 -6.60
CA CYS A 46 24.07 16.96 -6.46
C CYS A 46 24.40 16.04 -7.63
N THR A 47 25.35 16.48 -8.46
CA THR A 47 25.63 15.86 -9.75
C THR A 47 27.04 15.27 -9.85
N GLN A 48 27.69 15.04 -8.71
CA GLN A 48 29.01 14.42 -8.69
C GLN A 48 28.90 12.93 -9.01
N GLY A 49 29.80 12.46 -9.88
CA GLY A 49 29.80 11.06 -10.31
C GLY A 49 28.76 10.79 -11.38
N LYS A 50 28.03 11.83 -11.78
CA LYS A 50 26.98 11.71 -12.78
C LYS A 50 27.22 12.65 -13.96
N ARG A 51 26.60 12.32 -15.09
CA ARG A 51 26.62 13.18 -16.28
C ARG A 51 25.26 13.86 -16.38
N PRO A 52 25.14 15.09 -15.83
CA PRO A 52 23.83 15.74 -15.79
C PRO A 52 23.50 16.48 -17.08
N THR A 53 22.21 16.59 -17.38
CA THR A 53 21.76 17.48 -18.44
C THR A 53 20.67 18.43 -17.93
N ASP A 54 21.06 19.69 -17.76
CA ASP A 54 20.13 20.76 -17.38
C ASP A 54 19.47 21.28 -18.65
N LEU A 55 18.18 21.00 -18.79
CA LEU A 55 17.44 21.34 -20.01
C LEU A 55 17.09 22.82 -20.13
N GLY A 56 17.06 23.52 -19.00
CA GLY A 56 16.78 24.96 -18.98
C GLY A 56 15.48 25.34 -19.67
N GLN A 57 15.61 26.11 -20.75
CA GLN A 57 14.46 26.63 -21.48
C GLN A 57 13.81 25.60 -22.41
N CYS A 58 14.50 24.48 -22.62
CA CYS A 58 14.03 23.42 -23.50
C CYS A 58 13.20 22.38 -22.75
N GLY A 59 12.03 22.07 -23.28
CA GLY A 59 11.18 21.02 -22.72
C GLY A 59 11.68 19.65 -23.15
N LEU A 60 11.48 18.65 -22.30
CA LEU A 60 11.94 17.29 -22.58
C LEU A 60 11.42 16.73 -23.91
N LEU A 61 10.16 17.00 -24.21
CA LEU A 61 9.56 16.54 -25.46
C LEU A 61 10.03 17.36 -26.66
N GLY A 62 10.51 18.57 -26.37
CA GLY A 62 11.08 19.44 -27.40
C GLY A 62 12.30 18.85 -28.06
N THR A 63 13.07 18.06 -27.31
CA THR A 63 14.29 17.42 -27.82
C THR A 63 13.99 16.48 -28.99
N LEU A 64 12.73 16.05 -29.09
CA LEU A 64 12.29 15.11 -30.12
C LEU A 64 11.90 15.78 -31.43
N ILE A 65 11.27 16.95 -31.32
CA ILE A 65 10.75 17.65 -32.50
C ILE A 65 11.63 18.83 -32.92
N GLY A 66 12.32 19.42 -31.95
CA GLY A 66 13.33 20.44 -32.20
C GLY A 66 12.87 21.86 -32.45
N PRO A 67 12.21 22.48 -31.45
CA PRO A 67 11.98 23.92 -31.50
C PRO A 67 13.30 24.66 -31.23
N PRO A 68 13.39 25.95 -31.58
CA PRO A 68 14.66 26.70 -31.45
C PRO A 68 15.31 26.62 -30.07
N GLN A 69 14.50 26.55 -29.01
CA GLN A 69 15.02 26.48 -27.65
C GLN A 69 15.67 25.14 -27.32
N CYS A 70 15.46 24.15 -28.18
CA CYS A 70 16.00 22.81 -27.98
C CYS A 70 17.14 22.44 -28.94
N ASP A 71 17.63 23.42 -29.69
CA ASP A 71 18.73 23.21 -30.64
C ASP A 71 19.93 22.47 -30.04
N GLN A 72 20.25 22.80 -28.79
CA GLN A 72 21.42 22.23 -28.11
C GLN A 72 21.16 20.87 -27.46
N PHE A 73 19.95 20.35 -27.60
CA PHE A 73 19.55 19.09 -26.96
C PHE A 73 18.92 18.08 -27.92
N LEU A 74 19.03 18.31 -29.23
CA LEU A 74 18.48 17.39 -30.22
C LEU A 74 19.07 15.99 -30.08
N GLU A 75 20.34 15.96 -29.68
CA GLU A 75 21.02 14.72 -29.31
C GLU A 75 21.79 14.98 -28.03
N PHE A 76 21.59 14.12 -27.03
CA PHE A 76 22.25 14.26 -25.75
C PHE A 76 22.39 12.92 -25.04
N SER A 77 23.36 12.85 -24.13
CA SER A 77 23.60 11.65 -23.33
C SER A 77 23.76 12.05 -21.86
N SER A 78 22.97 11.43 -21.00
CA SER A 78 23.05 11.70 -19.56
C SER A 78 22.39 10.60 -18.73
N ASP A 79 22.77 10.54 -17.46
CA ASP A 79 22.11 9.66 -16.49
C ASP A 79 21.22 10.45 -15.52
N LEU A 80 21.22 11.78 -15.67
CA LEU A 80 20.43 12.65 -14.80
C LEU A 80 19.87 13.85 -15.57
N ILE A 81 18.60 13.74 -15.96
CA ILE A 81 17.91 14.77 -16.74
C ILE A 81 17.15 15.73 -15.82
N ILE A 82 17.55 17.00 -15.83
CA ILE A 82 16.91 18.01 -15.01
C ILE A 82 15.96 18.87 -15.84
N GLU A 83 14.68 18.84 -15.47
CA GLU A 83 13.66 19.67 -16.11
C GLU A 83 13.43 20.95 -15.32
N ARG A 84 13.21 22.04 -16.02
CA ARG A 84 12.97 23.34 -15.40
C ARG A 84 11.56 23.85 -15.72
N ARG A 85 11.02 24.67 -14.81
CA ARG A 85 9.69 25.25 -14.97
C ARG A 85 9.53 26.05 -16.27
N GLU A 86 10.57 26.74 -16.70
CA GLU A 86 10.53 27.56 -17.91
C GLU A 86 10.67 26.76 -19.21
N GLY A 87 10.88 25.45 -19.10
CA GLY A 87 11.04 24.58 -20.27
C GLY A 87 9.78 24.50 -21.11
N THR A 88 9.94 24.49 -22.41
CA THR A 88 8.84 24.48 -23.35
C THR A 88 9.10 23.47 -24.46
N ASP A 89 8.06 22.75 -24.87
CA ASP A 89 8.17 21.71 -25.91
C ASP A 89 7.92 22.24 -27.32
N ILE A 90 7.24 23.37 -27.42
CA ILE A 90 6.71 23.84 -28.71
C ILE A 90 7.05 25.29 -29.06
N CYS A 91 6.93 25.64 -30.33
CA CYS A 91 6.90 27.04 -30.77
C CYS A 91 5.51 27.36 -31.30
N TYR A 92 5.09 26.61 -32.32
CA TYR A 92 3.72 26.69 -32.84
C TYR A 92 2.78 26.07 -31.81
N PRO A 93 1.56 26.63 -31.64
CA PRO A 93 0.61 26.04 -30.69
C PRO A 93 0.29 24.59 -31.02
N GLY A 94 0.14 23.76 -29.99
CA GLY A 94 -0.17 22.35 -30.17
C GLY A 94 0.22 21.48 -29.00
N ARG A 95 -0.29 20.26 -28.96
CA ARG A 95 -0.03 19.33 -27.87
C ARG A 95 0.52 17.98 -28.34
N PHE A 96 1.23 17.31 -27.44
CA PHE A 96 1.63 15.92 -27.62
C PHE A 96 0.55 15.04 -27.00
N THR A 97 0.03 14.08 -27.76
CA THR A 97 -0.87 13.09 -27.17
C THR A 97 -0.04 12.08 -26.37
N ASN A 98 -0.57 11.71 -25.20
CA ASN A 98 0.15 10.88 -24.22
C ASN A 98 1.45 11.51 -23.75
N GLU A 99 1.44 12.84 -23.61
CA GLU A 99 2.66 13.60 -23.31
C GLU A 99 3.39 13.14 -22.04
N GLU A 100 2.63 12.76 -21.03
CA GLU A 100 3.21 12.37 -19.74
C GLU A 100 3.82 10.97 -19.77
N SER A 101 3.22 10.08 -20.56
CA SER A 101 3.79 8.75 -20.80
C SER A 101 5.12 8.86 -21.52
N LEU A 102 5.16 9.75 -22.53
CA LEU A 102 6.37 10.00 -23.30
C LEU A 102 7.47 10.62 -22.46
N ARG A 103 7.10 11.52 -21.55
CA ARG A 103 8.07 12.12 -20.63
C ARG A 103 8.69 11.06 -19.72
N GLN A 104 7.85 10.21 -19.17
CA GLN A 104 8.31 9.11 -18.32
C GLN A 104 9.29 8.20 -19.06
N ILE A 105 9.03 7.94 -20.35
CA ILE A 105 9.94 7.16 -21.18
C ILE A 105 11.27 7.87 -21.41
N LEU A 106 11.21 9.16 -21.74
CA LEU A 106 12.41 9.95 -22.01
C LEU A 106 13.28 10.17 -20.77
N ARG A 107 12.64 10.30 -19.62
CA ARG A 107 13.34 10.51 -18.34
C ARG A 107 14.31 9.38 -18.00
N ARG A 108 13.97 8.16 -18.41
CA ARG A 108 14.76 6.97 -18.09
C ARG A 108 15.53 6.40 -19.30
N SER A 109 15.61 7.17 -20.37
CA SER A 109 16.16 6.71 -21.63
C SER A 109 17.69 6.74 -21.71
N GLY A 110 18.32 7.54 -20.84
CA GLY A 110 19.76 7.76 -20.91
C GLY A 110 20.15 8.81 -21.93
N GLY A 111 19.14 9.38 -22.59
CA GLY A 111 19.37 10.36 -23.65
C GLY A 111 18.89 9.85 -24.99
N ILE A 112 19.05 10.68 -26.02
CA ILE A 112 18.60 10.33 -27.36
C ILE A 112 19.66 10.52 -28.44
N GLY A 113 19.64 9.63 -29.43
CA GLY A 113 20.44 9.77 -30.64
C GLY A 113 19.50 9.84 -31.83
N LYS A 114 19.82 10.70 -32.79
CA LYS A 114 18.97 10.90 -33.96
C LYS A 114 19.51 10.22 -35.21
N GLU A 115 18.60 9.70 -36.02
CA GLU A 115 18.94 9.11 -37.31
C GLU A 115 17.93 9.52 -38.37
N SER A 116 18.44 9.93 -39.54
CA SER A 116 17.60 10.30 -40.67
C SER A 116 16.71 9.14 -41.09
N MET A 117 15.49 9.47 -41.51
CA MET A 117 14.53 8.45 -41.94
C MET A 117 14.54 8.26 -43.45
N GLY A 118 15.39 9.02 -44.14
CA GLY A 118 15.62 8.85 -45.57
C GLY A 118 14.45 9.19 -46.46
N PHE A 119 13.52 9.99 -45.95
CA PHE A 119 12.36 10.42 -46.72
C PHE A 119 12.73 11.53 -47.68
N THR A 120 12.52 11.28 -48.97
CA THR A 120 12.62 12.32 -50.01
C THR A 120 11.25 12.45 -50.67
N TYR A 121 10.95 13.64 -51.19
CA TYR A 121 9.61 13.94 -51.66
C TYR A 121 9.56 14.48 -53.08
N SER A 122 8.50 14.14 -53.79
CA SER A 122 8.33 14.56 -55.17
C SER A 122 6.92 15.11 -55.39
N GLY A 123 6.85 16.19 -56.18
CA GLY A 123 5.56 16.79 -56.54
C GLY A 123 4.90 17.61 -55.46
N ILE A 124 5.60 17.77 -54.33
CA ILE A 124 5.12 18.59 -53.21
C ILE A 124 6.23 19.51 -52.70
N ARG A 125 5.88 20.45 -51.84
CA ARG A 125 6.85 21.31 -51.18
C ARG A 125 7.14 20.83 -49.75
N THR A 126 8.32 21.20 -49.25
CA THR A 126 8.80 20.70 -47.96
C THR A 126 9.14 21.88 -47.04
N ASN A 127 9.14 23.07 -47.63
CA ASN A 127 9.60 24.30 -46.96
C ASN A 127 8.53 25.02 -46.14
N GLY A 128 7.55 24.28 -45.62
CA GLY A 128 6.52 24.84 -44.74
C GLY A 128 7.15 25.41 -43.48
N ALA A 129 6.75 26.64 -43.14
CA ALA A 129 7.44 27.40 -42.09
C ALA A 129 6.52 28.34 -41.33
N THR A 130 6.96 28.76 -40.15
CA THR A 130 6.21 29.67 -39.29
C THR A 130 7.14 30.56 -38.46
N SER A 131 6.72 31.81 -38.25
CA SER A 131 7.51 32.81 -37.52
C SER A 131 7.60 32.54 -36.01
N ALA A 132 6.87 31.53 -35.54
CA ALA A 132 6.95 31.10 -34.14
C ALA A 132 8.25 30.33 -33.87
N CYS A 133 8.75 29.66 -34.91
CA CYS A 133 9.97 28.87 -34.80
C CYS A 133 11.10 29.50 -35.62
N THR A 134 11.35 30.78 -35.36
CA THR A 134 12.39 31.52 -36.08
C THR A 134 13.79 31.07 -35.65
N ARG A 135 14.59 30.71 -36.64
CA ARG A 135 15.93 30.16 -36.42
C ARG A 135 16.58 30.02 -37.79
N SER A 136 17.64 30.79 -38.03
CA SER A 136 18.31 30.84 -39.34
C SER A 136 17.26 30.88 -40.46
N GLY A 137 16.46 31.96 -40.48
CA GLY A 137 15.25 32.07 -41.31
C GLY A 137 14.00 31.77 -40.49
N SER A 138 12.84 32.17 -40.99
CA SER A 138 11.57 31.73 -40.40
C SER A 138 11.41 30.25 -40.74
N SER A 139 11.94 29.40 -39.85
CA SER A 139 12.05 27.98 -40.14
C SER A 139 10.90 27.20 -39.50
N PHE A 140 11.19 25.96 -39.10
CA PHE A 140 10.19 25.06 -38.55
C PHE A 140 10.87 24.18 -37.50
N TYR A 141 10.14 23.20 -36.96
CA TYR A 141 10.72 22.19 -36.10
C TYR A 141 11.87 21.48 -36.83
N ALA A 142 13.03 21.42 -36.17
CA ALA A 142 14.26 20.93 -36.79
C ALA A 142 14.21 19.47 -37.23
N GLU A 143 13.41 18.66 -36.54
CA GLU A 143 13.32 17.23 -36.83
C GLU A 143 12.13 16.89 -37.73
N MET A 144 11.39 17.92 -38.13
CA MET A 144 10.13 17.73 -38.84
C MET A 144 10.11 18.46 -40.19
N LYS A 145 9.27 17.97 -41.09
CA LYS A 145 9.04 18.64 -42.36
C LYS A 145 7.55 18.98 -42.51
N TRP A 146 7.29 20.26 -42.76
CA TRP A 146 5.93 20.74 -43.02
C TRP A 146 5.69 20.64 -44.51
N LEU A 147 4.98 19.60 -44.92
CA LEU A 147 4.70 19.35 -46.33
C LEU A 147 3.44 20.08 -46.79
N LEU A 148 3.51 20.67 -47.98
CA LEU A 148 2.36 21.33 -48.59
C LEU A 148 2.37 21.24 -50.12
N SER A 149 1.25 21.60 -50.74
CA SER A 149 1.11 21.57 -52.20
C SER A 149 2.10 22.50 -52.90
N ASN A 150 2.28 22.31 -54.20
CA ASN A 150 3.26 23.06 -54.99
C ASN A 150 2.94 24.55 -55.14
N SER A 151 1.65 24.88 -55.10
CA SER A 151 1.20 26.27 -55.13
C SER A 151 -0.11 26.38 -54.35
N ASP A 152 -0.51 27.62 -54.07
CA ASP A 152 -1.75 27.88 -53.34
C ASP A 152 -2.95 27.21 -54.01
N ASN A 153 -3.64 26.36 -53.24
CA ASN A 153 -4.88 25.68 -53.65
C ASN A 153 -4.71 24.38 -54.44
N ALA A 154 -3.49 24.08 -54.85
CA ALA A 154 -3.21 22.86 -55.64
C ALA A 154 -3.51 21.58 -54.86
N ALA A 155 -3.97 20.56 -55.56
CA ALA A 155 -4.34 19.29 -54.94
C ALA A 155 -3.11 18.52 -54.45
N PHE A 156 -3.07 18.25 -53.15
CA PHE A 156 -1.99 17.50 -52.52
C PHE A 156 -2.16 16.01 -52.84
N PRO A 157 -1.17 15.40 -53.50
CA PRO A 157 -1.22 14.01 -53.96
C PRO A 157 -1.41 13.01 -52.83
N GLN A 158 -2.21 11.97 -53.08
CA GLN A 158 -2.36 10.88 -52.12
C GLN A 158 -1.02 10.15 -52.03
N MET A 159 -0.43 10.18 -50.84
CA MET A 159 0.97 9.84 -50.67
C MET A 159 1.19 8.71 -49.66
N THR A 160 2.27 7.95 -49.85
CA THR A 160 2.64 6.86 -48.96
C THR A 160 4.14 6.88 -48.68
N LYS A 161 4.51 6.89 -47.41
CA LYS A 161 5.90 6.84 -46.98
C LYS A 161 6.09 5.74 -45.95
N ALA A 162 7.06 4.86 -46.20
CA ALA A 162 7.33 3.75 -45.30
C ALA A 162 8.76 3.81 -44.75
N TYR A 163 8.90 3.48 -43.48
CA TYR A 163 10.22 3.46 -42.84
C TYR A 163 10.38 2.17 -42.03
N ARG A 164 11.50 1.49 -42.27
CA ARG A 164 11.83 0.29 -41.52
C ARG A 164 12.93 0.61 -40.51
N ASN A 165 12.70 0.23 -39.27
CA ASN A 165 13.70 0.35 -38.20
C ASN A 165 14.86 -0.62 -38.47
N PRO A 166 16.06 -0.08 -38.79
CA PRO A 166 17.21 -0.91 -39.15
C PRO A 166 18.14 -1.22 -37.98
N ARG A 167 17.70 -0.92 -36.76
CA ARG A 167 18.51 -1.11 -35.55
C ARG A 167 17.98 -2.24 -34.67
N ASN A 168 18.71 -2.53 -33.58
CA ASN A 168 18.31 -3.59 -32.65
C ASN A 168 17.57 -3.06 -31.41
N LYS A 169 17.13 -1.80 -31.47
CA LYS A 169 16.34 -1.21 -30.39
C LYS A 169 15.19 -0.36 -30.96
N PRO A 170 14.13 -0.12 -30.15
CA PRO A 170 12.94 0.60 -30.63
C PRO A 170 13.23 2.01 -31.12
N ALA A 171 12.61 2.38 -32.25
CA ALA A 171 12.67 3.74 -32.76
C ALA A 171 11.46 4.52 -32.27
N LEU A 172 11.72 5.72 -31.75
CA LEU A 172 10.65 6.63 -31.36
C LEU A 172 10.22 7.48 -32.56
N ILE A 173 9.08 7.14 -33.13
CA ILE A 173 8.56 7.81 -34.32
C ILE A 173 7.57 8.91 -33.93
N ILE A 174 7.82 10.12 -34.41
CA ILE A 174 6.95 11.27 -34.17
C ILE A 174 6.38 11.77 -35.49
N TRP A 175 5.12 12.21 -35.46
CA TRP A 175 4.54 12.91 -36.59
C TRP A 175 3.54 13.95 -36.10
N GLY A 176 3.15 14.86 -36.99
CA GLY A 176 2.23 15.92 -36.63
C GLY A 176 1.02 16.02 -37.54
N VAL A 177 -0.11 16.39 -36.94
CA VAL A 177 -1.30 16.72 -37.70
C VAL A 177 -1.50 18.23 -37.56
N HIS A 178 -1.53 18.92 -38.70
CA HIS A 178 -1.73 20.36 -38.70
C HIS A 178 -3.20 20.73 -38.83
N HIS A 179 -3.70 21.49 -37.86
CA HIS A 179 -5.04 22.00 -37.87
C HIS A 179 -4.96 23.48 -38.25
N SER A 180 -5.38 23.78 -39.48
CA SER A 180 -5.27 25.13 -40.04
C SER A 180 -6.13 26.14 -39.29
N GLU A 181 -5.85 27.42 -39.49
CA GLU A 181 -6.58 28.50 -38.84
C GLU A 181 -8.03 28.56 -39.32
N SER A 182 -8.25 28.17 -40.58
CA SER A 182 -9.59 28.15 -41.17
C SER A 182 -9.69 27.12 -42.29
N VAL A 183 -10.92 26.81 -42.68
CA VAL A 183 -11.20 25.96 -43.84
C VAL A 183 -10.49 26.51 -45.08
N SER A 184 -10.49 27.84 -45.20
CA SER A 184 -9.83 28.55 -46.28
C SER A 184 -8.32 28.31 -46.31
N GLU A 185 -7.70 28.34 -45.12
CA GLU A 185 -6.27 28.10 -44.98
C GLU A 185 -5.87 26.67 -45.38
N GLN A 186 -6.67 25.70 -44.95
CA GLN A 186 -6.42 24.29 -45.25
C GLN A 186 -6.44 24.03 -46.76
N THR A 187 -7.40 24.64 -47.44
CA THR A 187 -7.51 24.54 -48.89
C THR A 187 -6.34 25.25 -49.60
N LYS A 188 -5.89 26.37 -49.03
CA LYS A 188 -4.76 27.11 -49.58
C LYS A 188 -3.47 26.31 -49.51
N LEU A 189 -3.27 25.60 -48.40
CA LEU A 189 -2.02 24.87 -48.15
C LEU A 189 -1.99 23.47 -48.77
N TYR A 190 -3.12 22.77 -48.75
CA TYR A 190 -3.17 21.37 -49.14
C TYR A 190 -4.19 21.05 -50.23
N GLY A 191 -4.91 22.07 -50.69
CA GLY A 191 -5.97 21.90 -51.68
C GLY A 191 -7.29 21.58 -51.02
N SER A 192 -8.36 21.70 -51.79
CA SER A 192 -9.72 21.49 -51.27
C SER A 192 -10.04 20.03 -50.98
N GLY A 193 -11.06 19.81 -50.16
CA GLY A 193 -11.60 18.47 -49.93
C GLY A 193 -11.16 17.81 -48.63
N ASN A 194 -11.58 16.56 -48.46
CA ASN A 194 -11.28 15.78 -47.26
C ASN A 194 -9.80 15.52 -47.06
N LYS A 195 -9.38 15.51 -45.81
CA LYS A 195 -7.99 15.22 -45.47
C LYS A 195 -7.95 14.10 -44.43
N LEU A 196 -7.15 13.08 -44.72
CA LEU A 196 -7.00 11.94 -43.83
C LEU A 196 -5.56 11.44 -43.77
N ILE A 197 -5.09 11.20 -42.55
CA ILE A 197 -3.75 10.70 -42.30
C ILE A 197 -3.86 9.35 -41.59
N THR A 198 -3.18 8.34 -42.11
CA THR A 198 -3.16 7.02 -41.49
C THR A 198 -1.73 6.57 -41.20
N VAL A 199 -1.51 6.07 -39.98
CA VAL A 199 -0.22 5.59 -39.55
C VAL A 199 -0.36 4.14 -39.09
N ARG A 200 0.35 3.24 -39.78
CA ARG A 200 0.30 1.81 -39.47
C ARG A 200 1.68 1.22 -39.20
N SER A 201 1.78 0.49 -38.08
CA SER A 201 2.87 -0.45 -37.86
C SER A 201 2.27 -1.83 -37.59
N SER A 202 3.07 -2.79 -37.17
CA SER A 202 2.57 -4.14 -36.89
C SER A 202 1.75 -4.19 -35.59
N LYS A 203 2.03 -3.27 -34.67
CA LYS A 203 1.24 -3.18 -33.43
C LYS A 203 0.73 -1.76 -33.14
N TYR A 204 0.32 -1.06 -34.20
CA TYR A 204 -0.26 0.28 -34.12
C TYR A 204 -1.00 0.60 -35.41
N GLN A 205 -2.23 1.12 -35.27
CA GLN A 205 -2.97 1.68 -36.40
C GLN A 205 -3.94 2.77 -35.94
N GLN A 206 -3.76 3.98 -36.49
CA GLN A 206 -4.62 5.13 -36.17
C GLN A 206 -4.85 6.00 -37.40
N SER A 207 -6.07 6.52 -37.51
CA SER A 207 -6.38 7.53 -38.52
C SER A 207 -6.60 8.89 -37.86
N PHE A 208 -6.29 9.96 -38.60
CA PHE A 208 -6.40 11.33 -38.08
C PHE A 208 -7.03 12.24 -39.13
N THR A 209 -7.96 13.08 -38.72
CA THR A 209 -8.48 14.14 -39.57
C THR A 209 -8.16 15.49 -38.95
N PRO A 210 -7.70 16.46 -39.78
CA PRO A 210 -7.48 17.79 -39.24
C PRO A 210 -8.79 18.45 -38.81
N ASN A 211 -8.69 19.28 -37.78
CA ASN A 211 -9.82 20.02 -37.24
C ASN A 211 -9.58 21.52 -37.43
N PRO A 212 -9.82 22.04 -38.65
CA PRO A 212 -9.53 23.46 -38.94
C PRO A 212 -10.32 24.42 -38.05
N GLY A 213 -9.72 25.56 -37.72
CA GLY A 213 -10.32 26.55 -36.84
C GLY A 213 -9.33 27.15 -35.87
N ALA A 214 -8.56 26.31 -35.21
CA ALA A 214 -7.53 26.77 -34.28
C ALA A 214 -6.14 26.45 -34.82
N ARG A 215 -5.33 27.49 -35.03
CA ARG A 215 -3.92 27.31 -35.42
C ARG A 215 -3.33 26.25 -34.50
N ARG A 216 -2.91 25.12 -35.05
CA ARG A 216 -2.49 24.00 -34.22
C ARG A 216 -1.67 22.96 -34.97
N ILE A 217 -0.60 22.51 -34.36
CA ILE A 217 0.12 21.31 -34.81
C ILE A 217 0.21 20.34 -33.64
N ASP A 218 -0.60 19.28 -33.70
CA ASP A 218 -0.62 18.27 -32.65
C ASP A 218 0.27 17.09 -33.02
N PHE A 219 1.10 16.68 -32.06
CA PHE A 219 2.06 15.61 -32.28
C PHE A 219 1.63 14.28 -31.70
N HIS A 220 1.90 13.21 -32.46
CA HIS A 220 1.56 11.85 -32.05
C HIS A 220 2.79 10.96 -32.22
N TRP A 221 2.78 9.81 -31.53
CA TRP A 221 3.97 8.95 -31.48
C TRP A 221 3.69 7.48 -31.25
N LEU A 222 4.63 6.65 -31.71
CA LEU A 222 4.63 5.21 -31.43
C LEU A 222 6.08 4.74 -31.20
N LEU A 223 6.22 3.55 -30.62
CA LEU A 223 7.52 2.89 -30.54
C LEU A 223 7.60 1.80 -31.60
N LEU A 224 8.48 2.01 -32.58
CA LEU A 224 8.65 1.09 -33.68
C LEU A 224 9.67 0.01 -33.32
N ASP A 225 9.22 -1.24 -33.29
CA ASP A 225 10.09 -2.37 -33.03
C ASP A 225 11.16 -2.56 -34.11
N PRO A 226 12.31 -3.15 -33.75
CA PRO A 226 13.36 -3.53 -34.70
C PRO A 226 12.81 -4.37 -35.85
N ASN A 227 13.19 -4.01 -37.07
CA ASN A 227 12.77 -4.71 -38.30
C ASN A 227 11.34 -4.43 -38.76
N ASP A 228 10.51 -3.93 -37.85
CA ASP A 228 9.13 -3.57 -38.16
C ASP A 228 9.11 -2.26 -38.94
N THR A 229 8.08 -2.09 -39.78
CA THR A 229 7.94 -0.93 -40.64
C THR A 229 6.77 -0.05 -40.19
N VAL A 230 6.98 1.26 -40.21
CA VAL A 230 5.90 2.23 -40.03
C VAL A 230 5.52 2.81 -41.40
N THR A 231 4.21 2.93 -41.64
CA THR A 231 3.71 3.44 -42.92
C THR A 231 2.83 4.67 -42.71
N PHE A 232 3.12 5.72 -43.47
CA PHE A 232 2.32 6.94 -43.45
C PHE A 232 1.59 7.10 -44.78
N THR A 233 0.27 7.11 -44.74
CA THR A 233 -0.54 7.45 -45.90
C THR A 233 -1.31 8.74 -45.59
N PHE A 234 -1.26 9.69 -46.52
CA PHE A 234 -1.80 11.03 -46.26
C PHE A 234 -2.05 11.83 -47.54
N ASN A 235 -2.95 12.81 -47.45
CA ASN A 235 -3.24 13.70 -48.56
C ASN A 235 -3.18 15.19 -48.18
N GLY A 236 -2.44 15.49 -47.11
CA GLY A 236 -2.27 16.87 -46.64
C GLY A 236 -2.32 17.00 -45.14
N ALA A 237 -2.12 18.23 -44.65
CA ALA A 237 -2.13 18.56 -43.22
C ALA A 237 -1.19 17.68 -42.38
N PHE A 238 -0.17 17.16 -43.03
CA PHE A 238 0.74 16.20 -42.41
C PHE A 238 2.10 16.81 -42.12
N ILE A 239 2.54 16.66 -40.87
CA ILE A 239 3.87 17.09 -40.45
C ILE A 239 4.75 15.84 -40.36
N ALA A 240 5.67 15.75 -41.31
CA ALA A 240 6.49 14.55 -41.49
C ALA A 240 7.71 14.53 -40.58
N PRO A 241 8.07 13.35 -40.07
CA PRO A 241 9.34 13.23 -39.37
C PRO A 241 10.50 13.20 -40.37
N ASP A 242 11.56 13.94 -40.08
CA ASP A 242 12.78 13.88 -40.88
C ASP A 242 13.80 12.96 -40.20
N ARG A 243 13.82 13.01 -38.87
CA ARG A 243 14.68 12.17 -38.06
C ARG A 243 13.84 11.45 -37.02
N THR A 244 14.33 10.29 -36.58
CA THR A 244 13.74 9.56 -35.47
C THR A 244 14.75 9.41 -34.32
N SER A 245 14.26 9.10 -33.14
CA SER A 245 15.10 9.01 -31.95
C SER A 245 15.36 7.58 -31.51
N PHE A 246 16.52 7.38 -30.89
CA PHE A 246 16.87 6.10 -30.28
C PHE A 246 17.40 6.37 -28.89
N PHE A 247 17.05 5.50 -27.95
CA PHE A 247 17.47 5.66 -26.56
C PHE A 247 18.85 5.07 -26.31
N ARG A 248 19.52 5.57 -25.26
CA ARG A 248 20.92 5.24 -25.01
C ARG A 248 21.14 4.25 -23.87
N GLY A 249 20.22 4.22 -22.91
CA GLY A 249 20.36 3.34 -21.75
C GLY A 249 19.52 3.74 -20.56
N GLU A 250 20.20 4.10 -19.46
CA GLU A 250 19.53 4.32 -18.19
C GLU A 250 19.80 5.73 -17.64
N SER A 251 18.74 6.34 -17.08
CA SER A 251 18.83 7.67 -16.48
C SER A 251 17.69 7.95 -15.50
N LEU A 252 17.85 9.04 -14.75
CA LEU A 252 16.81 9.57 -13.88
C LEU A 252 16.36 10.92 -14.39
N GLY A 253 15.07 11.21 -14.25
CA GLY A 253 14.50 12.50 -14.64
C GLY A 253 13.93 13.23 -13.45
N VAL A 254 14.38 14.47 -13.25
CA VAL A 254 13.96 15.29 -12.12
C VAL A 254 13.31 16.57 -12.61
N GLN A 255 12.24 16.99 -11.93
CA GLN A 255 11.68 18.32 -12.10
C GLN A 255 12.11 19.16 -10.89
N SER A 256 12.90 20.19 -11.13
CA SER A 256 13.42 21.03 -10.06
C SER A 256 13.85 22.42 -10.51
N ASP A 257 13.97 23.32 -9.53
CA ASP A 257 14.50 24.66 -9.78
C ASP A 257 15.79 24.88 -9.00
N ALA A 258 16.17 23.87 -8.22
CA ALA A 258 17.43 23.88 -7.47
C ALA A 258 18.63 23.87 -8.41
N PRO A 259 19.64 24.71 -8.14
CA PRO A 259 20.86 24.75 -8.95
C PRO A 259 21.65 23.44 -8.86
N LEU A 260 22.43 23.14 -9.90
CA LEU A 260 23.28 21.97 -9.89
C LEU A 260 24.55 22.21 -9.07
N ASP A 261 25.03 21.17 -8.41
CA ASP A 261 26.27 21.23 -7.65
C ASP A 261 27.06 19.95 -7.90
N SER A 262 28.25 20.09 -8.46
CA SER A 262 29.09 18.94 -8.82
C SER A 262 30.05 18.52 -7.71
N SER A 263 29.92 19.13 -6.54
CA SER A 263 30.81 18.86 -5.41
C SER A 263 30.17 17.98 -4.32
N CYS A 264 29.01 17.39 -4.61
CA CYS A 264 28.34 16.46 -3.71
C CYS A 264 27.66 15.33 -4.46
N ARG A 265 27.62 14.14 -3.85
CA ARG A 265 27.00 12.96 -4.44
C ARG A 265 25.62 12.72 -3.84
N GLY A 266 24.66 12.37 -4.68
CA GLY A 266 23.30 12.06 -4.25
C GLY A 266 22.64 11.08 -5.19
N ASP A 267 21.78 10.22 -4.64
CA ASP A 267 21.06 9.22 -5.43
C ASP A 267 19.55 9.44 -5.35
N CYS A 268 19.16 10.44 -4.56
CA CYS A 268 17.75 10.73 -4.33
C CYS A 268 17.46 12.19 -4.62
N PHE A 269 16.51 12.44 -5.52
CA PHE A 269 16.22 13.79 -5.98
C PHE A 269 14.74 14.14 -5.91
N HIS A 270 14.48 15.43 -5.73
CA HIS A 270 13.12 15.97 -5.70
C HIS A 270 13.14 17.43 -6.14
N SER A 271 11.97 18.05 -6.20
CA SER A 271 11.85 19.46 -6.64
C SER A 271 12.66 20.42 -5.78
N GLY A 272 12.78 20.11 -4.49
CA GLY A 272 13.52 20.95 -3.56
C GLY A 272 15.03 20.71 -3.53
N GLY A 273 15.48 19.72 -4.29
CA GLY A 273 16.92 19.43 -4.37
C GLY A 273 17.26 17.97 -4.20
N THR A 274 18.18 17.70 -3.27
CA THR A 274 18.72 16.36 -3.07
C THR A 274 18.64 15.92 -1.61
N ILE A 275 18.33 14.64 -1.40
CA ILE A 275 18.34 14.03 -0.08
C ILE A 275 19.54 13.09 0.03
N VAL A 276 20.51 13.45 0.87
CA VAL A 276 21.67 12.60 1.12
C VAL A 276 21.56 12.02 2.53
N SER A 277 21.28 10.73 2.58
CA SER A 277 20.94 10.06 3.82
C SER A 277 21.11 8.56 3.69
N SER A 278 21.33 7.90 4.83
CA SER A 278 21.31 6.45 4.88
C SER A 278 20.16 5.98 5.78
N LEU A 279 19.36 6.93 6.25
CA LEU A 279 18.21 6.65 7.10
C LEU A 279 17.09 6.00 6.29
N PRO A 280 16.31 5.11 6.91
CA PRO A 280 15.25 4.41 6.17
C PRO A 280 14.07 5.31 5.79
N PHE A 281 13.89 6.41 6.51
CA PHE A 281 12.74 7.28 6.31
C PHE A 281 13.11 8.74 6.11
N GLN A 282 12.25 9.47 5.41
CA GLN A 282 12.43 10.90 5.20
C GLN A 282 11.11 11.65 5.28
N ASN A 283 11.17 12.92 5.66
CA ASN A 283 10.00 13.78 5.82
C ASN A 283 10.13 15.07 5.00
N ILE A 284 11.02 15.04 4.01
CA ILE A 284 11.32 16.23 3.20
C ILE A 284 10.33 16.42 2.05
N ASN A 285 10.07 15.35 1.30
CA ASN A 285 9.24 15.42 0.09
C ASN A 285 8.65 14.05 -0.27
N SER A 286 7.35 14.01 -0.55
CA SER A 286 6.69 12.76 -0.91
C SER A 286 6.86 12.38 -2.39
N ARG A 287 7.28 13.36 -3.20
CA ARG A 287 7.58 13.13 -4.61
C ARG A 287 9.08 13.10 -4.82
N THR A 288 9.63 11.91 -5.01
CA THR A 288 11.08 11.75 -5.20
C THR A 288 11.42 10.84 -6.38
N VAL A 289 12.66 10.93 -6.84
CA VAL A 289 13.16 10.11 -7.93
C VAL A 289 14.55 9.59 -7.58
N GLY A 290 14.77 8.29 -7.83
CA GLY A 290 16.05 7.67 -7.56
C GLY A 290 15.98 6.67 -6.42
N LYS A 291 17.07 6.57 -5.67
CA LYS A 291 17.15 5.65 -4.53
C LYS A 291 16.93 6.43 -3.23
N CYS A 292 15.71 6.33 -2.71
CA CYS A 292 15.27 7.20 -1.63
C CYS A 292 14.78 6.46 -0.39
N PRO A 293 14.94 7.09 0.79
CA PRO A 293 14.22 6.65 1.98
C PRO A 293 12.72 6.80 1.76
N ARG A 294 11.92 5.96 2.41
CA ARG A 294 10.46 6.06 2.30
C ARG A 294 9.95 7.33 2.96
N TYR A 295 9.03 8.01 2.29
CA TYR A 295 8.40 9.19 2.87
C TYR A 295 7.44 8.80 3.99
N VAL A 296 7.62 9.47 5.13
CA VAL A 296 6.72 9.31 6.27
C VAL A 296 6.29 10.70 6.74
N LYS A 297 5.16 10.77 7.44
CA LYS A 297 4.61 12.07 7.86
C LYS A 297 5.18 12.59 9.18
N GLN A 298 5.86 11.73 9.93
CA GLN A 298 6.47 12.11 11.20
C GLN A 298 7.73 12.93 10.99
N LYS A 299 7.91 13.95 11.81
CA LYS A 299 9.09 14.80 11.75
C LYS A 299 10.31 14.12 12.37
N SER A 300 10.06 13.17 13.26
CA SER A 300 11.11 12.55 14.06
C SER A 300 10.63 11.22 14.65
N LEU A 301 11.49 10.21 14.54
CA LEU A 301 11.29 8.93 15.22
C LEU A 301 12.63 8.47 15.78
N LEU A 302 12.83 8.67 17.08
CA LEU A 302 14.11 8.38 17.68
C LEU A 302 14.24 6.91 18.07
N LEU A 303 15.28 6.27 17.54
CA LEU A 303 15.57 4.88 17.84
C LEU A 303 16.56 4.81 18.99
N ALA A 304 16.16 4.15 20.08
CA ALA A 304 17.02 3.97 21.24
C ALA A 304 18.26 3.13 20.90
N THR A 305 19.42 3.63 21.28
CA THR A 305 20.68 2.91 21.08
C THR A 305 21.36 2.64 22.42
N GLY A 306 20.61 2.86 23.49
CA GLY A 306 21.10 2.60 24.84
C GLY A 306 19.99 2.16 25.76
N MET A 307 20.36 1.86 27.00
CA MET A 307 19.41 1.41 28.01
C MET A 307 18.58 2.57 28.54
N ARG A 308 17.60 2.23 29.37
CA ARG A 308 16.78 3.19 30.10
C ARG A 308 17.70 4.04 30.98
N ASN A 309 17.58 5.36 30.86
CA ASN A 309 18.39 6.27 31.66
C ASN A 309 17.75 6.53 33.02
N VAL A 310 18.47 6.18 34.07
CA VAL A 310 18.01 6.40 35.45
C VAL A 310 19.09 7.20 36.20
N PRO A 311 18.96 8.54 36.19
CA PRO A 311 19.92 9.40 36.91
C PRO A 311 19.77 9.29 38.43
N GLU A 312 20.78 9.78 39.16
CA GLU A 312 20.67 9.90 40.61
C GLU A 312 19.63 10.97 40.97
N LYS A 313 18.64 10.57 41.77
CA LYS A 313 17.51 11.44 42.15
C LYS A 313 17.95 12.59 43.06
N GLY B 1 12.51 -2.58 33.17
CA GLY B 1 11.75 -3.28 32.08
C GLY B 1 11.25 -4.64 32.54
N LEU B 2 11.22 -5.59 31.61
CA LEU B 2 10.70 -6.93 31.87
C LEU B 2 11.47 -7.71 32.94
N PHE B 3 12.72 -7.32 33.17
CA PHE B 3 13.63 -8.12 33.99
C PHE B 3 13.86 -7.56 35.39
N GLY B 4 13.46 -6.30 35.60
CA GLY B 4 13.43 -5.71 36.93
C GLY B 4 14.75 -5.31 37.53
N ALA B 5 15.82 -5.31 36.74
CA ALA B 5 17.11 -4.83 37.22
C ALA B 5 17.22 -3.32 37.02
N ILE B 6 17.37 -2.90 35.76
CA ILE B 6 17.44 -1.48 35.41
C ILE B 6 16.09 -0.83 35.62
N ALA B 7 16.07 0.24 36.41
CA ALA B 7 14.85 0.91 36.87
C ALA B 7 13.94 -0.04 37.69
N GLY B 8 14.58 -1.06 38.26
CA GLY B 8 13.90 -2.04 39.11
C GLY B 8 14.58 -2.12 40.45
N PHE B 9 15.18 -3.26 40.78
CA PHE B 9 15.82 -3.45 42.08
C PHE B 9 17.11 -2.66 42.25
N ILE B 10 17.76 -2.32 41.13
CA ILE B 10 18.86 -1.37 41.14
C ILE B 10 18.29 0.04 41.07
N GLU B 11 18.49 0.81 42.14
CA GLU B 11 17.89 2.13 42.31
C GLU B 11 18.11 3.08 41.14
N ASN B 12 19.37 3.31 40.79
CA ASN B 12 19.73 4.21 39.71
C ASN B 12 21.02 3.80 39.02
N GLY B 13 21.40 4.55 37.98
CA GLY B 13 22.63 4.31 37.25
C GLY B 13 23.78 5.11 37.82
N TRP B 14 25.00 4.73 37.46
CA TRP B 14 26.18 5.41 37.92
C TRP B 14 26.72 6.31 36.82
N GLU B 15 26.58 7.63 37.02
CA GLU B 15 27.05 8.61 36.05
C GLU B 15 28.58 8.60 35.94
N GLY B 16 29.23 8.08 36.98
CA GLY B 16 30.68 7.94 37.00
C GLY B 16 31.22 6.72 36.26
N LEU B 17 30.33 5.81 35.86
CA LEU B 17 30.71 4.64 35.07
C LEU B 17 30.77 5.03 33.60
N ILE B 18 31.92 5.54 33.18
CA ILE B 18 32.07 6.11 31.83
C ILE B 18 32.79 5.18 30.85
N ASN B 19 33.21 4.02 31.34
CA ASN B 19 33.98 3.07 30.52
C ASN B 19 33.21 1.81 30.15
N GLY B 20 31.91 1.80 30.42
CA GLY B 20 31.07 0.65 30.10
C GLY B 20 29.62 0.87 30.42
N TRP B 21 28.79 -0.10 30.02
CA TRP B 21 27.36 -0.08 30.25
C TRP B 21 27.02 -0.70 31.60
N TYR B 22 27.83 -1.67 32.02
CA TYR B 22 27.61 -2.40 33.27
C TYR B 22 28.91 -2.51 34.05
N GLY B 23 28.81 -2.43 35.38
CA GLY B 23 30.00 -2.42 36.21
C GLY B 23 29.83 -2.95 37.62
N PHE B 24 30.95 -2.98 38.34
CA PHE B 24 30.99 -3.40 39.74
C PHE B 24 31.49 -2.25 40.58
N ARG B 25 30.81 -2.02 41.70
CA ARG B 25 31.29 -1.08 42.71
C ARG B 25 31.47 -1.84 44.01
N HIS B 26 32.68 -1.82 44.53
CA HIS B 26 33.02 -2.60 45.72
C HIS B 26 33.38 -1.73 46.91
N GLN B 27 33.30 -2.32 48.10
CA GLN B 27 33.69 -1.66 49.33
C GLN B 27 34.37 -2.65 50.26
N ASN B 28 35.61 -2.33 50.63
CA ASN B 28 36.37 -3.15 51.58
C ASN B 28 37.21 -2.31 52.53
N ALA B 29 38.14 -2.94 53.23
CA ALA B 29 39.03 -2.25 54.16
C ALA B 29 40.02 -1.31 53.45
N GLN B 30 40.22 -1.54 52.16
CA GLN B 30 41.11 -0.72 51.33
C GLN B 30 40.40 0.49 50.72
N GLY B 31 39.08 0.45 50.68
CA GLY B 31 38.28 1.57 50.19
C GLY B 31 37.25 1.21 49.13
N GLU B 32 36.90 2.20 48.32
CA GLU B 32 35.90 2.05 47.25
C GLU B 32 36.60 1.83 45.91
N GLY B 33 35.85 1.34 44.92
CA GLY B 33 36.36 1.17 43.57
C GLY B 33 35.28 0.74 42.59
N THR B 34 35.35 1.31 41.39
CA THR B 34 34.42 0.97 40.31
C THR B 34 35.19 0.51 39.08
N ALA B 35 34.74 -0.60 38.50
CA ALA B 35 35.32 -1.14 37.27
C ALA B 35 34.22 -1.63 36.33
N ALA B 36 34.37 -1.32 35.04
CA ALA B 36 33.41 -1.72 34.03
C ALA B 36 33.51 -3.21 33.70
N ASP B 37 32.39 -3.81 33.33
CA ASP B 37 32.38 -5.18 32.82
C ASP B 37 32.33 -5.17 31.31
N TYR B 38 33.42 -5.62 30.69
CA TYR B 38 33.58 -5.60 29.24
C TYR B 38 32.62 -6.57 28.53
N LYS B 39 32.56 -7.80 29.03
CA LYS B 39 31.82 -8.89 28.37
C LYS B 39 30.33 -8.58 28.22
N SER B 40 29.70 -8.15 29.32
CA SER B 40 28.28 -7.81 29.32
C SER B 40 27.99 -6.56 28.50
N THR B 41 28.89 -5.59 28.57
CA THR B 41 28.77 -4.34 27.82
C THR B 41 28.80 -4.59 26.31
N GLN B 42 29.80 -5.36 25.85
CA GLN B 42 29.97 -5.67 24.44
C GLN B 42 28.83 -6.51 23.88
N SER B 43 28.29 -7.39 24.72
CA SER B 43 27.17 -8.23 24.33
C SER B 43 25.93 -7.39 24.02
N ALA B 44 25.72 -6.34 24.82
CA ALA B 44 24.60 -5.43 24.62
C ALA B 44 24.83 -4.51 23.42
N ILE B 45 26.06 -4.04 23.25
CA ILE B 45 26.42 -3.18 22.12
C ILE B 45 26.31 -3.93 20.78
N ASP B 46 26.77 -5.18 20.75
CA ASP B 46 26.68 -6.00 19.54
C ASP B 46 25.24 -6.22 19.06
N GLN B 47 24.32 -6.37 20.00
CA GLN B 47 22.91 -6.57 19.66
C GLN B 47 22.26 -5.28 19.17
N ILE B 48 22.58 -4.17 19.83
CA ILE B 48 22.12 -2.85 19.39
C ILE B 48 22.68 -2.48 18.01
N THR B 49 23.97 -2.72 17.81
CA THR B 49 24.59 -2.52 16.49
C THR B 49 23.86 -3.33 15.43
N GLY B 50 23.50 -4.57 15.78
CA GLY B 50 22.75 -5.45 14.89
C GLY B 50 21.45 -4.85 14.40
N LYS B 51 20.74 -4.16 15.29
CA LYS B 51 19.51 -3.45 14.95
C LYS B 51 19.79 -2.28 14.00
N LEU B 52 20.85 -1.52 14.31
CA LEU B 52 21.32 -0.43 13.45
C LEU B 52 21.67 -0.89 12.05
N ASN B 53 22.40 -2.01 11.95
CA ASN B 53 22.79 -2.57 10.65
C ASN B 53 21.59 -2.99 9.82
N ARG B 54 20.49 -3.32 10.50
CA ARG B 54 19.30 -3.80 9.82
C ARG B 54 18.44 -2.64 9.28
N LEU B 55 18.69 -1.43 9.79
CA LEU B 55 17.87 -0.26 9.44
C LEU B 55 18.62 0.90 8.76
N ILE B 56 19.88 1.10 9.14
CA ILE B 56 20.69 2.19 8.61
C ILE B 56 21.65 1.66 7.54
N GLY B 57 21.66 2.30 6.38
CA GLY B 57 22.53 1.90 5.29
C GLY B 57 21.85 0.93 4.33
N LYS B 58 20.68 0.44 4.73
CA LYS B 58 19.84 -0.44 3.92
C LYS B 58 19.69 0.08 2.49
N THR B 59 19.61 -0.84 1.54
CA THR B 59 19.37 -0.50 0.13
C THR B 59 17.96 0.07 -0.03
N ASN B 60 17.88 1.28 -0.55
CA ASN B 60 16.62 1.97 -0.75
C ASN B 60 15.88 1.43 -1.98
N GLN B 61 14.58 1.67 -2.05
CA GLN B 61 13.79 1.29 -3.22
C GLN B 61 13.86 2.36 -4.31
N GLN B 62 13.72 1.94 -5.57
CA GLN B 62 13.83 2.83 -6.72
C GLN B 62 12.55 3.64 -6.93
N PHE B 63 12.69 4.95 -7.09
CA PHE B 63 11.55 5.85 -7.29
C PHE B 63 11.58 6.55 -8.65
N GLU B 64 10.41 6.68 -9.26
CA GLU B 64 10.23 7.47 -10.48
C GLU B 64 9.00 8.37 -10.36
N LEU B 65 8.98 9.44 -11.14
CA LEU B 65 7.86 10.39 -11.13
C LEU B 65 6.73 9.90 -12.02
N ILE B 66 5.52 9.85 -11.46
CA ILE B 66 4.30 9.61 -12.25
C ILE B 66 3.49 10.89 -12.40
N ASP B 67 3.81 11.87 -11.54
CA ASP B 67 3.18 13.19 -11.56
C ASP B 67 3.94 14.17 -12.44
N ASN B 68 3.32 15.33 -12.66
CA ASN B 68 3.98 16.47 -13.27
C ASN B 68 3.71 17.71 -12.44
N GLU B 69 4.78 18.35 -11.97
CA GLU B 69 4.68 19.50 -11.07
C GLU B 69 4.62 20.84 -11.79
N PHE B 70 4.90 20.83 -13.10
CA PHE B 70 4.88 22.05 -13.90
C PHE B 70 3.66 22.11 -14.82
N ASN B 71 3.43 21.00 -15.53
CA ASN B 71 2.32 20.89 -16.46
C ASN B 71 1.34 19.82 -15.96
N GLU B 72 0.53 20.21 -14.98
CA GLU B 72 -0.34 19.27 -14.26
C GLU B 72 -1.16 18.37 -15.17
N ILE B 73 -1.15 17.07 -14.87
CA ILE B 73 -1.87 16.06 -15.64
C ILE B 73 -3.39 16.12 -15.37
N GLU B 74 -4.17 15.46 -16.23
CA GLU B 74 -5.62 15.35 -16.08
C GLU B 74 -6.04 15.01 -14.65
N GLN B 75 -7.10 15.67 -14.19
CA GLN B 75 -7.53 15.59 -12.79
C GLN B 75 -7.88 14.18 -12.31
N GLN B 76 -8.56 13.40 -13.15
CA GLN B 76 -9.02 12.07 -12.76
C GLN B 76 -7.88 11.12 -12.41
N ILE B 77 -6.94 10.95 -13.34
CA ILE B 77 -5.80 10.09 -13.11
C ILE B 77 -4.88 10.67 -12.03
N GLY B 78 -4.80 12.01 -11.99
CA GLY B 78 -4.04 12.72 -10.96
C GLY B 78 -4.57 12.51 -9.56
N ASN B 79 -5.88 12.32 -9.44
CA ASN B 79 -6.50 12.07 -8.14
C ASN B 79 -6.32 10.62 -7.69
N VAL B 80 -6.37 9.70 -8.66
CA VAL B 80 -6.02 8.30 -8.40
C VAL B 80 -4.59 8.21 -7.88
N ILE B 81 -3.66 8.87 -8.56
CA ILE B 81 -2.25 8.90 -8.16
C ILE B 81 -2.08 9.47 -6.74
N ASN B 82 -2.69 10.62 -6.48
CA ASN B 82 -2.65 11.24 -5.16
C ASN B 82 -3.21 10.36 -4.04
N TRP B 83 -4.34 9.69 -4.32
CA TRP B 83 -4.96 8.75 -3.40
C TRP B 83 -3.98 7.63 -3.04
N THR B 84 -3.37 7.04 -4.06
CA THR B 84 -2.42 5.93 -3.89
C THR B 84 -1.16 6.37 -3.14
N ARG B 85 -0.64 7.54 -3.49
CA ARG B 85 0.53 8.09 -2.81
C ARG B 85 0.26 8.29 -1.31
N ASP B 86 -0.89 8.90 -1.01
CA ASP B 86 -1.28 9.14 0.38
C ASP B 86 -1.54 7.85 1.16
N ALA B 87 -2.06 6.83 0.48
CA ALA B 87 -2.22 5.50 1.07
C ALA B 87 -0.87 4.85 1.38
N MET B 88 0.11 5.07 0.51
CA MET B 88 1.48 4.62 0.76
C MET B 88 2.08 5.34 1.96
N THR B 89 1.92 6.65 1.99
CA THR B 89 2.36 7.50 3.10
C THR B 89 1.78 6.98 4.42
N GLU B 90 0.50 6.62 4.41
CA GLU B 90 -0.19 6.12 5.59
C GLU B 90 0.41 4.79 6.08
N ILE B 91 0.64 3.87 5.15
CA ILE B 91 1.24 2.56 5.46
C ILE B 91 2.68 2.71 5.97
N TRP B 92 3.49 3.52 5.30
CA TRP B 92 4.88 3.69 5.70
C TRP B 92 5.06 4.47 7.01
N SER B 93 4.18 5.44 7.26
CA SER B 93 4.20 6.18 8.52
C SER B 93 3.83 5.26 9.68
N TYR B 94 2.85 4.39 9.44
CA TYR B 94 2.46 3.38 10.41
C TYR B 94 3.61 2.40 10.66
N ASN B 95 4.17 1.84 9.59
CA ASN B 95 5.28 0.91 9.70
C ASN B 95 6.46 1.48 10.47
N ALA B 96 6.79 2.74 10.17
CA ALA B 96 7.92 3.44 10.76
C ALA B 96 7.72 3.65 12.25
N GLU B 97 6.53 4.12 12.61
CA GLU B 97 6.14 4.34 14.00
C GLU B 97 6.21 3.05 14.79
N LEU B 98 5.64 1.98 14.22
CA LEU B 98 5.58 0.68 14.88
C LEU B 98 6.94 0.03 15.02
N LEU B 99 7.72 0.04 13.95
CA LEU B 99 9.07 -0.51 13.95
C LEU B 99 9.93 0.09 15.06
N VAL B 100 9.93 1.42 15.14
CA VAL B 100 10.76 2.13 16.11
C VAL B 100 10.27 1.87 17.54
N ALA B 101 8.96 1.90 17.74
CA ALA B 101 8.38 1.65 19.06
C ALA B 101 8.68 0.24 19.55
N MET B 102 8.55 -0.74 18.66
CA MET B 102 8.84 -2.14 18.96
C MET B 102 10.32 -2.37 19.25
N GLU B 103 11.19 -1.80 18.41
CA GLU B 103 12.63 -1.91 18.59
C GLU B 103 13.08 -1.29 19.90
N ASN B 104 12.56 -0.09 20.19
CA ASN B 104 12.87 0.60 21.45
C ASN B 104 12.45 -0.21 22.67
N GLN B 105 11.28 -0.84 22.57
CA GLN B 105 10.78 -1.71 23.63
C GLN B 105 11.77 -2.85 23.86
N HIS B 106 12.18 -3.48 22.76
CA HIS B 106 13.11 -4.62 22.83
C HIS B 106 14.50 -4.21 23.28
N THR B 107 14.96 -3.03 22.85
CA THR B 107 16.28 -2.52 23.25
C THR B 107 16.37 -2.28 24.76
N ILE B 108 15.33 -1.67 25.33
CA ILE B 108 15.24 -1.42 26.76
C ILE B 108 15.25 -2.73 27.56
N ASP B 109 14.44 -3.69 27.13
CA ASP B 109 14.35 -5.00 27.80
C ASP B 109 15.62 -5.81 27.63
N LEU B 110 16.22 -5.72 26.45
CA LEU B 110 17.49 -6.37 26.13
C LEU B 110 18.61 -5.89 27.07
N ALA B 111 18.73 -4.59 27.23
CA ALA B 111 19.68 -3.98 28.15
C ALA B 111 19.41 -4.41 29.60
N ASP B 112 18.12 -4.42 29.98
CA ASP B 112 17.67 -4.88 31.29
C ASP B 112 18.05 -6.36 31.50
N SER B 113 17.96 -7.14 30.44
CA SER B 113 18.32 -8.55 30.46
C SER B 113 19.81 -8.78 30.73
N GLU B 114 20.67 -7.99 30.07
CA GLU B 114 22.12 -8.12 30.24
C GLU B 114 22.57 -7.79 31.66
N MET B 115 21.95 -6.78 32.26
CA MET B 115 22.20 -6.43 33.66
C MET B 115 21.79 -7.60 34.55
N SER B 116 20.63 -8.17 34.25
CA SER B 116 20.10 -9.31 34.99
C SER B 116 21.01 -10.54 34.89
N LYS B 117 21.51 -10.81 33.68
CA LYS B 117 22.43 -11.93 33.45
C LYS B 117 23.71 -11.78 34.28
N LEU B 118 24.31 -10.60 34.25
CA LEU B 118 25.55 -10.33 34.95
C LEU B 118 25.37 -10.48 36.46
N TYR B 119 24.24 -9.99 36.96
CA TYR B 119 23.87 -10.12 38.36
C TYR B 119 23.78 -11.59 38.78
N GLU B 120 22.98 -12.36 38.04
CA GLU B 120 22.78 -13.78 38.32
C GLU B 120 24.05 -14.60 38.20
N ARG B 121 24.94 -14.20 37.30
CA ARG B 121 26.23 -14.86 37.12
C ARG B 121 27.11 -14.70 38.36
N VAL B 122 27.16 -13.48 38.91
CA VAL B 122 27.92 -13.20 40.12
C VAL B 122 27.32 -13.92 41.33
N LYS B 123 25.99 -13.98 41.40
CA LYS B 123 25.29 -14.69 42.47
C LYS B 123 25.68 -16.16 42.55
N LYS B 124 25.68 -16.83 41.39
CA LYS B 124 26.08 -18.24 41.30
C LYS B 124 27.56 -18.41 41.62
N GLN B 125 28.35 -17.41 41.22
CA GLN B 125 29.78 -17.35 41.46
C GLN B 125 30.10 -17.35 42.96
N LEU B 126 29.39 -16.50 43.71
CA LEU B 126 29.65 -16.30 45.13
C LEU B 126 29.14 -17.44 46.02
N ARG B 127 28.26 -18.29 45.46
CA ARG B 127 27.74 -19.47 46.14
C ARG B 127 27.11 -19.16 47.50
N GLU B 128 27.62 -19.79 48.56
CA GLU B 128 27.11 -19.57 49.91
C GLU B 128 27.97 -18.56 50.69
N ASN B 129 28.87 -17.88 49.98
CA ASN B 129 29.80 -16.94 50.60
C ASN B 129 29.29 -15.49 50.68
N ALA B 130 28.09 -15.26 50.14
CA ALA B 130 27.48 -13.92 50.15
C ALA B 130 25.96 -13.97 50.13
N GLU B 131 25.34 -12.84 50.46
CA GLU B 131 23.88 -12.69 50.41
C GLU B 131 23.48 -11.44 49.63
N GLU B 132 22.35 -11.53 48.93
CA GLU B 132 21.78 -10.39 48.20
C GLU B 132 21.07 -9.47 49.19
N ASP B 133 21.29 -8.16 49.07
CA ASP B 133 20.65 -7.19 49.96
C ASP B 133 19.41 -6.56 49.35
N GLY B 134 19.07 -6.99 48.13
CA GLY B 134 17.86 -6.52 47.44
C GLY B 134 18.07 -5.31 46.55
N THR B 135 19.22 -4.66 46.68
CA THR B 135 19.51 -3.43 45.93
C THR B 135 20.50 -3.65 44.78
N GLY B 136 20.86 -4.91 44.54
CA GLY B 136 21.85 -5.24 43.53
C GLY B 136 23.25 -5.42 44.11
N CYS B 137 23.35 -5.37 45.43
CA CYS B 137 24.62 -5.63 46.11
C CYS B 137 24.63 -7.01 46.74
N PHE B 138 25.84 -7.56 46.86
CA PHE B 138 26.07 -8.78 47.61
C PHE B 138 26.90 -8.40 48.81
N GLU B 139 26.38 -8.66 50.01
CA GLU B 139 27.22 -8.51 51.20
C GLU B 139 28.02 -9.79 51.42
N ILE B 140 29.34 -9.64 51.37
CA ILE B 140 30.26 -10.78 51.42
C ILE B 140 30.60 -11.09 52.87
N PHE B 141 30.54 -12.38 53.23
CA PHE B 141 30.70 -12.80 54.61
C PHE B 141 32.11 -13.31 54.94
N HIS B 142 33.09 -12.82 54.18
CA HIS B 142 34.49 -13.06 54.48
C HIS B 142 35.29 -11.84 54.06
N LYS B 143 36.51 -11.70 54.60
CA LYS B 143 37.38 -10.63 54.15
C LYS B 143 37.69 -10.80 52.68
N CYS B 144 37.39 -9.78 51.91
CA CYS B 144 37.61 -9.79 50.48
C CYS B 144 38.42 -8.55 50.10
N ASP B 145 39.73 -8.73 49.97
CA ASP B 145 40.63 -7.63 49.61
C ASP B 145 40.47 -7.22 48.14
N ASP B 146 41.32 -6.31 47.67
CA ASP B 146 41.23 -5.80 46.30
C ASP B 146 41.42 -6.88 45.24
N GLN B 147 42.32 -7.82 45.51
CA GLN B 147 42.56 -8.94 44.61
C GLN B 147 41.42 -9.95 44.63
N CYS B 148 40.79 -10.10 45.80
CA CYS B 148 39.60 -10.94 45.95
C CYS B 148 38.44 -10.38 45.12
N MET B 149 38.25 -9.06 45.20
CA MET B 149 37.23 -8.36 44.41
C MET B 149 37.51 -8.53 42.92
N GLU B 150 38.78 -8.47 42.55
CA GLU B 150 39.25 -8.65 41.18
C GLU B 150 38.90 -10.03 40.62
N SER B 151 39.08 -11.06 41.43
CA SER B 151 38.78 -12.44 41.02
C SER B 151 37.29 -12.66 40.76
N ILE B 152 36.44 -11.94 41.49
CA ILE B 152 35.00 -11.96 41.25
C ILE B 152 34.70 -11.32 39.89
N ARG B 153 35.25 -10.12 39.66
CA ARG B 153 35.03 -9.38 38.42
C ARG B 153 35.54 -10.13 37.20
N ASN B 154 36.70 -10.76 37.32
CA ASN B 154 37.29 -11.49 36.20
C ASN B 154 36.92 -12.99 36.19
N ASN B 155 35.97 -13.36 37.04
CA ASN B 155 35.36 -14.70 37.05
C ASN B 155 36.29 -15.85 37.43
N THR B 156 37.27 -15.57 38.30
CA THR B 156 38.21 -16.60 38.76
C THR B 156 38.05 -16.93 40.24
N TYR B 157 37.18 -16.18 40.92
CA TYR B 157 36.84 -16.39 42.33
C TYR B 157 36.49 -17.86 42.63
N ASP B 158 37.29 -18.50 43.48
CA ASP B 158 37.02 -19.86 43.93
C ASP B 158 36.33 -19.83 45.30
N HIS B 159 35.05 -20.18 45.31
CA HIS B 159 34.23 -20.09 46.54
C HIS B 159 34.72 -21.03 47.65
N THR B 160 35.35 -22.13 47.26
CA THR B 160 35.95 -23.10 48.18
C THR B 160 36.94 -22.42 49.14
N GLN B 161 37.70 -21.47 48.59
CA GLN B 161 38.75 -20.77 49.32
C GLN B 161 38.24 -20.06 50.58
N TYR B 162 36.99 -19.61 50.55
CA TYR B 162 36.44 -18.78 51.63
C TYR B 162 35.22 -19.37 52.33
N ARG B 163 34.74 -20.52 51.86
CA ARG B 163 33.51 -21.13 52.35
C ARG B 163 33.44 -21.27 53.88
N THR B 164 34.54 -21.73 54.49
CA THR B 164 34.60 -21.96 55.92
C THR B 164 34.42 -20.68 56.74
N GLU B 165 35.16 -19.63 56.38
CA GLU B 165 35.04 -18.33 57.04
C GLU B 165 33.64 -17.77 56.85
N SER B 166 33.10 -17.94 55.65
CA SER B 166 31.79 -17.42 55.29
C SER B 166 30.66 -18.07 56.09
N LEU B 167 30.67 -19.39 56.16
CA LEU B 167 29.59 -20.15 56.81
C LEU B 167 29.47 -19.86 58.30
N GLN B 168 30.60 -19.68 58.98
CA GLN B 168 30.57 -19.35 60.40
C GLN B 168 30.26 -17.88 60.65
N ASN B 169 30.34 -17.07 59.60
CA ASN B 169 29.88 -15.68 59.65
C ASN B 169 28.40 -15.54 59.29
N ARG B 170 27.89 -16.46 58.48
CA ARG B 170 26.48 -16.45 58.09
C ARG B 170 25.60 -17.17 59.12
N ILE B 171 25.94 -18.42 59.43
CA ILE B 171 25.21 -19.23 60.41
C ILE B 171 25.71 -18.89 61.81
N GLN B 172 25.04 -17.94 62.44
CA GLN B 172 25.45 -17.44 63.76
C GLN B 172 24.60 -18.04 64.89
N ILE B 173 24.51 -19.37 64.86
CA ILE B 173 23.82 -20.16 65.87
C ILE B 173 24.61 -21.45 66.11
N ASP B 174 24.23 -22.20 67.14
CA ASP B 174 24.79 -23.54 67.36
C ASP B 174 23.89 -24.58 66.69
N ASP C 5 27.56 -36.40 43.73
CA ASP C 5 26.38 -36.67 42.87
C ASP C 5 25.72 -35.39 42.38
N LYS C 6 25.53 -35.28 41.07
CA LYS C 6 24.95 -34.08 40.49
C LYS C 6 23.88 -34.38 39.44
N ILE C 7 22.97 -33.42 39.25
CA ILE C 7 22.02 -33.44 38.16
C ILE C 7 22.15 -32.15 37.34
N CYS C 8 22.41 -32.32 36.05
CA CYS C 8 22.64 -31.19 35.15
C CYS C 8 21.47 -31.01 34.21
N LEU C 9 21.12 -29.75 33.96
CA LEU C 9 20.07 -29.41 33.02
C LEU C 9 20.67 -28.90 31.72
N GLY C 10 19.99 -29.19 30.62
CA GLY C 10 20.48 -28.79 29.32
C GLY C 10 19.46 -28.94 28.21
N HIS C 11 19.93 -28.74 26.98
CA HIS C 11 19.07 -28.71 25.81
C HIS C 11 19.76 -29.42 24.65
N HIS C 12 18.98 -29.73 23.62
CA HIS C 12 19.51 -30.45 22.46
C HIS C 12 20.26 -29.53 21.49
N ALA C 13 21.07 -30.16 20.63
CA ALA C 13 21.77 -29.47 19.56
C ALA C 13 21.99 -30.42 18.39
N VAL C 14 22.26 -29.87 17.21
CA VAL C 14 22.54 -30.68 16.03
C VAL C 14 23.89 -30.26 15.45
N ALA C 15 24.51 -31.16 14.69
CA ALA C 15 25.76 -30.86 14.01
C ALA C 15 25.55 -29.75 12.95
N ASN C 16 24.61 -29.98 12.04
CA ASN C 16 24.29 -29.03 10.99
C ASN C 16 23.03 -28.21 11.31
N GLY C 17 23.24 -26.97 11.75
CA GLY C 17 22.13 -26.06 12.02
C GLY C 17 21.79 -25.19 10.83
N THR C 18 20.66 -24.50 10.91
CA THR C 18 20.22 -23.61 9.83
C THR C 18 20.45 -22.15 10.22
N LYS C 19 21.03 -21.38 9.30
CA LYS C 19 21.23 -19.95 9.49
C LYS C 19 19.92 -19.20 9.22
N VAL C 20 19.50 -18.40 10.20
CA VAL C 20 18.33 -17.54 10.06
C VAL C 20 18.65 -16.12 10.49
N ASN C 21 17.72 -15.21 10.25
CA ASN C 21 17.88 -13.82 10.63
C ASN C 21 16.91 -13.38 11.72
N THR C 22 17.40 -12.54 12.61
CA THR C 22 16.59 -11.99 13.71
C THR C 22 16.69 -10.47 13.69
N LEU C 23 16.13 -9.82 14.70
CA LEU C 23 16.17 -8.36 14.80
C LEU C 23 17.56 -7.84 15.13
N THR C 24 18.35 -8.65 15.84
CA THR C 24 19.67 -8.24 16.30
C THR C 24 20.83 -8.91 15.57
N GLU C 25 20.56 -10.03 14.90
CA GLU C 25 21.63 -10.81 14.27
C GLU C 25 21.29 -11.31 12.87
N ARG C 26 22.31 -11.39 12.03
CA ARG C 26 22.17 -11.97 10.70
C ARG C 26 22.92 -13.29 10.60
N GLY C 27 22.24 -14.33 10.13
CA GLY C 27 22.85 -15.65 9.95
C GLY C 27 23.11 -16.40 11.25
N ILE C 28 22.32 -16.12 12.28
CA ILE C 28 22.38 -16.86 13.54
C ILE C 28 21.87 -18.29 13.28
N GLU C 29 22.44 -19.26 13.99
CA GLU C 29 22.20 -20.67 13.69
C GLU C 29 21.16 -21.28 14.63
N VAL C 30 20.11 -21.86 14.04
CA VAL C 30 19.06 -22.55 14.80
C VAL C 30 19.01 -24.05 14.51
N VAL C 31 18.31 -24.79 15.38
CA VAL C 31 18.20 -26.24 15.26
C VAL C 31 17.44 -26.66 14.00
N ASN C 32 16.36 -25.94 13.68
CA ASN C 32 15.60 -26.16 12.45
C ASN C 32 14.82 -24.93 12.02
N ALA C 33 14.50 -24.86 10.73
CA ALA C 33 13.75 -23.74 10.15
C ALA C 33 12.92 -24.17 8.95
N THR C 34 11.89 -23.38 8.63
CA THR C 34 11.00 -23.64 7.52
C THR C 34 10.93 -22.44 6.58
N GLU C 35 10.99 -22.69 5.28
CA GLU C 35 10.86 -21.66 4.25
C GLU C 35 9.46 -21.03 4.27
N THR C 36 9.41 -19.71 4.09
CA THR C 36 8.14 -18.98 4.05
C THR C 36 7.83 -18.42 2.66
N VAL C 37 8.85 -18.37 1.80
CA VAL C 37 8.70 -17.87 0.44
C VAL C 37 8.64 -19.03 -0.55
N GLU C 38 7.54 -19.11 -1.32
CA GLU C 38 7.37 -20.17 -2.30
C GLU C 38 8.13 -19.88 -3.59
N THR C 39 8.91 -20.86 -4.05
CA THR C 39 9.66 -20.71 -5.30
C THR C 39 9.39 -21.81 -6.32
N THR C 40 8.63 -22.83 -5.93
CA THR C 40 8.27 -23.92 -6.84
C THR C 40 7.07 -23.55 -7.71
N ASN C 41 7.34 -23.34 -9.00
CA ASN C 41 6.32 -23.05 -9.99
C ASN C 41 5.83 -24.34 -10.66
N ILE C 42 4.57 -24.33 -11.10
CA ILE C 42 4.06 -25.37 -11.98
C ILE C 42 3.81 -24.74 -13.36
N LYS C 43 4.58 -25.18 -14.35
CA LYS C 43 4.51 -24.63 -15.71
C LYS C 43 3.25 -25.06 -16.47
N LYS C 44 2.14 -25.10 -15.76
CA LYS C 44 0.87 -25.56 -16.31
C LYS C 44 -0.26 -24.73 -15.74
N ILE C 45 -1.35 -24.61 -16.49
CA ILE C 45 -2.59 -24.07 -15.96
C ILE C 45 -3.38 -25.25 -15.39
N CYS C 46 -3.40 -25.36 -14.06
CA CYS C 46 -4.07 -26.46 -13.37
C CYS C 46 -5.58 -26.25 -13.35
N THR C 47 -6.29 -27.07 -14.12
CA THR C 47 -7.72 -26.86 -14.37
C THR C 47 -8.64 -27.93 -13.76
N GLN C 48 -8.11 -28.74 -12.85
CA GLN C 48 -8.93 -29.75 -12.19
C GLN C 48 -10.02 -29.10 -11.34
N GLY C 49 -11.24 -29.62 -11.45
CA GLY C 49 -12.38 -29.07 -10.73
C GLY C 49 -13.01 -27.88 -11.43
N LYS C 50 -12.31 -27.35 -12.43
CA LYS C 50 -12.76 -26.17 -13.17
C LYS C 50 -13.32 -26.57 -14.52
N ARG C 51 -14.12 -25.68 -15.10
CA ARG C 51 -14.55 -25.80 -16.49
C ARG C 51 -13.79 -24.74 -17.28
N PRO C 52 -12.66 -25.12 -17.91
CA PRO C 52 -11.80 -24.12 -18.54
C PRO C 52 -12.11 -23.85 -20.01
N THR C 53 -11.79 -22.63 -20.45
CA THR C 53 -11.88 -22.26 -21.86
C THR C 53 -10.53 -21.78 -22.38
N ASP C 54 -9.90 -22.60 -23.21
CA ASP C 54 -8.67 -22.24 -23.89
C ASP C 54 -9.06 -21.61 -25.23
N LEU C 55 -8.97 -20.30 -25.30
CA LEU C 55 -9.48 -19.55 -26.46
C LEU C 55 -8.62 -19.66 -27.71
N GLY C 56 -7.38 -20.11 -27.54
CA GLY C 56 -6.46 -20.34 -28.64
C GLY C 56 -6.31 -19.18 -29.60
N GLN C 57 -6.71 -19.40 -30.85
CA GLN C 57 -6.62 -18.41 -31.92
C GLN C 57 -7.65 -17.29 -31.78
N CYS C 58 -8.71 -17.56 -31.03
CA CYS C 58 -9.81 -16.62 -30.86
C CYS C 58 -9.53 -15.58 -29.77
N GLY C 59 -9.62 -14.31 -30.15
CA GLY C 59 -9.50 -13.21 -29.20
C GLY C 59 -10.78 -13.08 -28.39
N LEU C 60 -10.64 -12.74 -27.12
CA LEU C 60 -11.78 -12.65 -26.19
C LEU C 60 -12.92 -11.76 -26.69
N LEU C 61 -12.58 -10.63 -27.29
CA LEU C 61 -13.58 -9.70 -27.82
C LEU C 61 -14.22 -10.23 -29.11
N GLY C 62 -13.49 -11.10 -29.81
CA GLY C 62 -13.98 -11.75 -31.02
C GLY C 62 -15.20 -12.64 -30.77
N THR C 63 -15.32 -13.15 -29.55
CA THR C 63 -16.45 -14.00 -29.17
C THR C 63 -17.79 -13.28 -29.25
N LEU C 64 -17.73 -11.94 -29.25
CA LEU C 64 -18.92 -11.09 -29.27
C LEU C 64 -19.40 -10.77 -30.67
N ILE C 65 -18.47 -10.67 -31.62
CA ILE C 65 -18.77 -10.27 -33.00
C ILE C 65 -18.70 -11.44 -33.99
N GLY C 66 -17.79 -12.37 -33.73
CA GLY C 66 -17.74 -13.65 -34.45
C GLY C 66 -16.98 -13.71 -35.77
N PRO C 67 -15.67 -13.39 -35.76
CA PRO C 67 -14.85 -13.66 -36.93
C PRO C 67 -14.59 -15.18 -37.03
N PRO C 68 -14.17 -15.67 -38.21
CA PRO C 68 -13.89 -17.10 -38.43
C PRO C 68 -13.19 -17.80 -37.26
N GLN C 69 -12.13 -17.20 -36.73
CA GLN C 69 -11.34 -17.77 -35.63
C GLN C 69 -12.17 -18.10 -34.39
N CYS C 70 -13.29 -17.40 -34.22
CA CYS C 70 -14.09 -17.47 -33.00
C CYS C 70 -15.42 -18.22 -33.13
N ASP C 71 -15.66 -18.82 -34.29
CA ASP C 71 -16.90 -19.59 -34.52
C ASP C 71 -17.14 -20.68 -33.49
N GLN C 72 -16.07 -21.10 -32.81
CA GLN C 72 -16.14 -22.13 -31.77
C GLN C 72 -16.54 -21.53 -30.40
N PHE C 73 -16.50 -20.20 -30.29
CA PHE C 73 -16.67 -19.56 -28.98
C PHE C 73 -17.75 -18.48 -28.95
N LEU C 74 -18.64 -18.48 -29.94
CA LEU C 74 -19.76 -17.52 -29.99
C LEU C 74 -20.62 -17.59 -28.74
N GLU C 75 -20.78 -18.80 -28.21
CA GLU C 75 -21.38 -19.01 -26.90
C GLU C 75 -20.47 -19.99 -26.16
N PHE C 76 -19.85 -19.53 -25.09
CA PHE C 76 -18.97 -20.38 -24.30
C PHE C 76 -19.32 -20.26 -22.83
N SER C 77 -18.99 -21.29 -22.06
CA SER C 77 -19.31 -21.33 -20.65
C SER C 77 -18.15 -21.91 -19.84
N SER C 78 -17.54 -21.08 -19.01
CA SER C 78 -16.43 -21.51 -18.18
C SER C 78 -16.27 -20.66 -16.92
N ASP C 79 -15.52 -21.19 -15.96
CA ASP C 79 -15.09 -20.40 -14.80
C ASP C 79 -13.60 -20.04 -14.85
N LEU C 80 -12.94 -20.40 -15.96
CA LEU C 80 -11.52 -20.09 -16.15
C LEU C 80 -11.21 -19.85 -17.63
N ILE C 81 -11.06 -18.58 -17.99
CA ILE C 81 -10.82 -18.17 -19.37
C ILE C 81 -9.33 -17.92 -19.59
N ILE C 82 -8.75 -18.69 -20.52
CA ILE C 82 -7.32 -18.57 -20.85
C ILE C 82 -7.14 -17.90 -22.21
N GLU C 83 -6.62 -16.67 -22.19
CA GLU C 83 -6.26 -15.93 -23.40
C GLU C 83 -4.88 -16.33 -23.89
N ARG C 84 -4.74 -16.49 -25.21
CA ARG C 84 -3.44 -16.84 -25.80
C ARG C 84 -2.86 -15.68 -26.61
N ARG C 85 -1.54 -15.69 -26.74
CA ARG C 85 -0.79 -14.65 -27.46
C ARG C 85 -1.26 -14.46 -28.91
N GLU C 86 -1.58 -15.56 -29.58
CA GLU C 86 -1.98 -15.52 -31.00
C GLU C 86 -3.48 -15.30 -31.21
N GLY C 87 -4.19 -14.97 -30.13
CA GLY C 87 -5.61 -14.65 -30.20
C GLY C 87 -5.86 -13.34 -30.93
N THR C 88 -6.80 -13.15 -31.75
CA THR C 88 -7.18 -12.02 -32.61
C THR C 88 -8.68 -11.73 -32.48
N ASP C 89 -9.01 -10.58 -32.37
CA ASP C 89 -10.39 -10.14 -32.19
C ASP C 89 -11.15 -9.93 -33.50
N ILE C 90 -10.43 -9.56 -34.56
CA ILE C 90 -11.04 -9.11 -35.79
C ILE C 90 -10.42 -9.73 -37.05
N CYS C 91 -11.14 -9.67 -38.16
CA CYS C 91 -10.58 -10.05 -39.47
C CYS C 91 -10.43 -8.83 -40.38
N TYR C 92 -11.51 -8.07 -40.55
CA TYR C 92 -11.45 -6.78 -41.23
C TYR C 92 -10.79 -5.79 -40.27
N PRO C 93 -9.93 -4.89 -40.79
CA PRO C 93 -9.27 -3.90 -39.93
C PRO C 93 -10.25 -3.12 -39.06
N GLY C 94 -9.82 -2.80 -37.84
CA GLY C 94 -10.66 -2.08 -36.89
C GLY C 94 -10.37 -2.49 -35.46
N ARG C 95 -11.13 -1.92 -34.53
CA ARG C 95 -10.93 -2.17 -33.10
C ARG C 95 -12.18 -1.85 -32.29
N PHE C 96 -12.14 -2.22 -31.01
CA PHE C 96 -13.18 -1.87 -30.05
C PHE C 96 -12.75 -0.62 -29.29
N THR C 97 -13.68 0.32 -29.13
CA THR C 97 -13.47 1.43 -28.20
C THR C 97 -13.62 0.92 -26.78
N ASN C 98 -12.78 1.41 -25.87
CA ASN C 98 -12.68 0.91 -24.50
C ASN C 98 -12.43 -0.60 -24.46
N GLU C 99 -11.57 -1.07 -25.37
CA GLU C 99 -11.35 -2.50 -25.57
C GLU C 99 -10.96 -3.26 -24.31
N GLU C 100 -10.10 -2.67 -23.49
CA GLU C 100 -9.62 -3.35 -22.29
C GLU C 100 -10.68 -3.42 -21.18
N SER C 101 -11.50 -2.37 -21.08
CA SER C 101 -12.65 -2.37 -20.19
C SER C 101 -13.60 -3.52 -20.53
N LEU C 102 -13.84 -3.72 -21.82
CA LEU C 102 -14.66 -4.82 -22.30
C LEU C 102 -14.02 -6.19 -22.02
N ARG C 103 -12.71 -6.29 -22.20
CA ARG C 103 -11.98 -7.52 -21.89
C ARG C 103 -12.10 -7.88 -20.42
N GLN C 104 -11.96 -6.87 -19.56
CA GLN C 104 -11.99 -7.07 -18.11
C GLN C 104 -13.34 -7.54 -17.60
N ILE C 105 -14.42 -7.02 -18.18
CA ILE C 105 -15.77 -7.45 -17.77
C ILE C 105 -16.11 -8.83 -18.34
N LEU C 106 -15.51 -9.17 -19.48
CA LEU C 106 -15.70 -10.49 -20.09
C LEU C 106 -14.94 -11.59 -19.34
N ARG C 107 -13.73 -11.28 -18.90
CA ARG C 107 -12.90 -12.23 -18.15
C ARG C 107 -13.58 -12.79 -16.90
N ARG C 108 -14.49 -12.02 -16.32
CA ARG C 108 -15.20 -12.44 -15.12
C ARG C 108 -16.67 -12.79 -15.39
N SER C 109 -17.05 -12.77 -16.67
CA SER C 109 -18.44 -12.96 -17.09
C SER C 109 -19.00 -14.36 -16.83
N GLY C 110 -18.12 -15.35 -16.70
CA GLY C 110 -18.53 -16.74 -16.59
C GLY C 110 -18.93 -17.31 -17.95
N GLY C 111 -18.54 -16.60 -19.01
CA GLY C 111 -18.94 -16.95 -20.35
C GLY C 111 -20.17 -16.18 -20.81
N ILE C 112 -20.50 -16.31 -22.09
CA ILE C 112 -21.60 -15.56 -22.69
C ILE C 112 -22.66 -16.45 -23.32
N GLY C 113 -23.92 -16.03 -23.19
CA GLY C 113 -25.03 -16.63 -23.91
C GLY C 113 -25.52 -15.63 -24.94
N LYS C 114 -25.90 -16.11 -26.12
CA LYS C 114 -26.35 -15.23 -27.19
C LYS C 114 -27.84 -15.29 -27.42
N GLU C 115 -28.44 -14.13 -27.66
CA GLU C 115 -29.87 -14.02 -27.90
C GLU C 115 -30.09 -13.11 -29.10
N SER C 116 -31.05 -13.50 -29.95
CA SER C 116 -31.40 -12.71 -31.12
C SER C 116 -32.11 -11.42 -30.71
N MET C 117 -31.71 -10.32 -31.35
CA MET C 117 -32.34 -9.03 -31.11
C MET C 117 -33.58 -8.82 -31.97
N GLY C 118 -33.76 -9.70 -32.95
CA GLY C 118 -34.97 -9.71 -33.79
C GLY C 118 -35.11 -8.52 -34.72
N PHE C 119 -34.02 -8.19 -35.42
CA PHE C 119 -34.05 -7.13 -36.41
C PHE C 119 -34.32 -7.69 -37.80
N THR C 120 -35.31 -7.09 -38.47
CA THR C 120 -35.62 -7.44 -39.85
C THR C 120 -35.54 -6.18 -40.70
N TYR C 121 -35.19 -6.36 -41.98
CA TYR C 121 -34.97 -5.21 -42.85
C TYR C 121 -35.69 -5.35 -44.20
N SER C 122 -36.10 -4.22 -44.74
CA SER C 122 -36.60 -4.13 -46.11
C SER C 122 -36.19 -2.78 -46.70
N GLY C 123 -35.94 -2.77 -48.01
CA GLY C 123 -35.47 -1.56 -48.68
C GLY C 123 -33.95 -1.45 -48.75
N ILE C 124 -33.28 -2.41 -48.11
CA ILE C 124 -31.81 -2.47 -48.08
C ILE C 124 -31.29 -3.91 -48.21
N ARG C 125 -29.98 -4.03 -48.42
CA ARG C 125 -29.30 -5.32 -48.40
C ARG C 125 -28.65 -5.54 -47.03
N THR C 126 -28.59 -6.81 -46.61
CA THR C 126 -28.03 -7.20 -45.32
C THR C 126 -26.88 -8.18 -45.48
N ASN C 127 -26.46 -8.39 -46.72
CA ASN C 127 -25.53 -9.46 -47.06
C ASN C 127 -24.08 -9.03 -47.34
N GLY C 128 -23.68 -7.90 -46.75
CA GLY C 128 -22.32 -7.38 -46.91
C GLY C 128 -21.26 -8.39 -46.51
N ALA C 129 -20.20 -8.49 -47.31
CA ALA C 129 -19.14 -9.47 -47.09
C ALA C 129 -17.79 -8.97 -47.60
N THR C 130 -16.72 -9.51 -47.03
CA THR C 130 -15.36 -9.18 -47.46
C THR C 130 -14.45 -10.41 -47.48
N SER C 131 -13.47 -10.38 -48.37
CA SER C 131 -12.51 -11.48 -48.53
C SER C 131 -11.53 -11.56 -47.36
N ALA C 132 -11.54 -10.52 -46.53
CA ALA C 132 -10.73 -10.48 -45.31
C ALA C 132 -11.24 -11.50 -44.28
N CYS C 133 -12.55 -11.72 -44.28
CA CYS C 133 -13.16 -12.73 -43.41
C CYS C 133 -13.69 -13.89 -44.25
N THR C 134 -12.81 -14.84 -44.57
CA THR C 134 -13.21 -16.01 -45.35
C THR C 134 -13.69 -17.14 -44.45
N ARG C 135 -14.85 -17.68 -44.81
CA ARG C 135 -15.49 -18.79 -44.12
C ARG C 135 -16.19 -19.59 -45.21
N SER C 136 -15.38 -20.31 -46.02
CA SER C 136 -15.82 -20.86 -47.31
C SER C 136 -16.28 -19.72 -48.22
N GLY C 137 -15.32 -19.04 -48.84
CA GLY C 137 -15.59 -17.83 -49.62
C GLY C 137 -15.69 -16.59 -48.75
N SER C 138 -16.09 -15.48 -49.36
CA SER C 138 -16.25 -14.21 -48.63
C SER C 138 -17.45 -14.24 -47.70
N SER C 139 -17.25 -13.76 -46.48
CA SER C 139 -18.33 -13.65 -45.49
C SER C 139 -18.15 -12.44 -44.56
N PHE C 140 -18.62 -12.58 -43.32
CA PHE C 140 -18.65 -11.46 -42.37
C PHE C 140 -18.70 -11.97 -40.93
N TYR C 141 -18.67 -11.05 -39.97
CA TYR C 141 -18.81 -11.40 -38.55
C TYR C 141 -20.16 -12.08 -38.31
N ALA C 142 -20.10 -13.28 -37.74
CA ALA C 142 -21.27 -14.16 -37.58
C ALA C 142 -22.42 -13.59 -36.74
N GLU C 143 -22.13 -12.58 -35.94
CA GLU C 143 -23.13 -11.99 -35.05
C GLU C 143 -23.61 -10.63 -35.54
N MET C 144 -23.02 -10.18 -36.65
CA MET C 144 -23.29 -8.84 -37.18
C MET C 144 -23.85 -8.90 -38.59
N LYS C 145 -24.48 -7.81 -39.01
CA LYS C 145 -25.00 -7.67 -40.36
C LYS C 145 -24.45 -6.41 -41.01
N TRP C 146 -23.84 -6.58 -42.18
CA TRP C 146 -23.35 -5.45 -42.96
C TRP C 146 -24.47 -4.95 -43.86
N LEU C 147 -25.02 -3.79 -43.53
CA LEU C 147 -26.17 -3.22 -44.23
C LEU C 147 -25.72 -2.30 -45.37
N LEU C 148 -26.23 -2.54 -46.57
CA LEU C 148 -25.91 -1.73 -47.74
C LEU C 148 -27.19 -1.26 -48.44
N SER C 149 -27.03 -0.34 -49.39
CA SER C 149 -28.13 0.07 -50.26
C SER C 149 -28.49 -1.05 -51.23
N ASN C 150 -29.69 -0.98 -51.80
CA ASN C 150 -30.20 -2.00 -52.72
C ASN C 150 -29.34 -2.24 -53.96
N SER C 151 -28.63 -1.20 -54.38
CA SER C 151 -27.71 -1.26 -55.51
C SER C 151 -26.59 -0.23 -55.33
N ASP C 152 -25.55 -0.35 -56.16
CA ASP C 152 -24.45 0.61 -56.15
C ASP C 152 -24.97 2.04 -56.28
N ASN C 153 -24.49 2.90 -55.39
CA ASN C 153 -24.81 4.34 -55.39
C ASN C 153 -26.25 4.72 -55.06
N ALA C 154 -27.09 3.72 -54.73
CA ALA C 154 -28.46 3.96 -54.34
C ALA C 154 -28.53 4.62 -52.97
N ALA C 155 -29.55 5.45 -52.77
CA ALA C 155 -29.76 6.10 -51.48
C ALA C 155 -30.08 5.08 -50.39
N PHE C 156 -29.43 5.22 -49.25
CA PHE C 156 -29.72 4.39 -48.08
C PHE C 156 -30.74 5.13 -47.22
N PRO C 157 -31.93 4.52 -47.03
CA PRO C 157 -33.03 5.18 -46.31
C PRO C 157 -32.76 5.39 -44.83
N GLN C 158 -33.21 6.52 -44.30
CA GLN C 158 -33.14 6.80 -42.87
C GLN C 158 -33.90 5.72 -42.11
N MET C 159 -33.24 5.12 -41.14
CA MET C 159 -33.74 3.91 -40.50
C MET C 159 -33.67 3.97 -38.99
N THR C 160 -34.66 3.38 -38.34
CA THR C 160 -34.69 3.28 -36.88
C THR C 160 -34.96 1.83 -36.47
N LYS C 161 -34.13 1.33 -35.56
CA LYS C 161 -34.29 -0.02 -35.01
C LYS C 161 -34.18 0.00 -33.48
N ALA C 162 -35.13 -0.65 -32.81
CA ALA C 162 -35.16 -0.67 -31.35
C ALA C 162 -35.17 -2.08 -30.78
N TYR C 163 -34.55 -2.23 -29.62
CA TYR C 163 -34.52 -3.50 -28.92
C TYR C 163 -34.64 -3.30 -27.42
N ARG C 164 -35.64 -3.93 -26.82
CA ARG C 164 -35.83 -3.94 -25.37
C ARG C 164 -35.24 -5.22 -24.78
N ASN C 165 -34.45 -5.07 -23.72
CA ASN C 165 -33.89 -6.21 -23.00
C ASN C 165 -34.96 -6.90 -22.16
N PRO C 166 -35.35 -8.13 -22.54
CA PRO C 166 -36.42 -8.86 -21.83
C PRO C 166 -35.94 -9.66 -20.63
N ARG C 167 -34.65 -9.96 -20.57
CA ARG C 167 -34.05 -10.76 -19.50
C ARG C 167 -33.91 -9.97 -18.19
N ASN C 168 -33.52 -10.66 -17.13
CA ASN C 168 -33.34 -10.06 -15.81
C ASN C 168 -31.90 -9.66 -15.49
N LYS C 169 -31.06 -9.64 -16.52
CA LYS C 169 -29.66 -9.22 -16.38
C LYS C 169 -29.24 -8.35 -17.57
N PRO C 170 -28.22 -7.48 -17.38
CA PRO C 170 -27.78 -6.56 -18.43
C PRO C 170 -27.44 -7.26 -19.76
N ALA C 171 -27.71 -6.57 -20.87
CA ALA C 171 -27.38 -7.08 -22.20
C ALA C 171 -26.21 -6.31 -22.79
N LEU C 172 -25.22 -7.03 -23.28
CA LEU C 172 -24.08 -6.41 -23.95
C LEU C 172 -24.42 -6.15 -25.40
N ILE C 173 -24.49 -4.87 -25.77
CA ILE C 173 -24.87 -4.46 -27.12
C ILE C 173 -23.66 -3.96 -27.89
N ILE C 174 -23.34 -4.65 -28.98
CA ILE C 174 -22.24 -4.26 -29.87
C ILE C 174 -22.81 -3.77 -31.20
N TRP C 175 -22.19 -2.74 -31.77
CA TRP C 175 -22.50 -2.31 -33.12
C TRP C 175 -21.22 -1.79 -33.76
N GLY C 176 -21.25 -1.54 -35.07
CA GLY C 176 -20.05 -1.11 -35.79
C GLY C 176 -20.27 0.05 -36.73
N VAL C 177 -19.23 0.85 -36.91
CA VAL C 177 -19.21 1.92 -37.89
C VAL C 177 -18.21 1.55 -38.99
N HIS C 178 -18.67 1.50 -40.22
CA HIS C 178 -17.79 1.21 -41.35
C HIS C 178 -17.19 2.49 -41.94
N HIS C 179 -15.87 2.59 -41.83
CA HIS C 179 -15.12 3.70 -42.43
C HIS C 179 -14.57 3.19 -43.76
N SER C 180 -15.21 3.62 -44.85
CA SER C 180 -14.95 3.08 -46.18
C SER C 180 -13.50 3.26 -46.69
N GLU C 181 -13.19 2.54 -47.76
CA GLU C 181 -11.88 2.56 -48.39
C GLU C 181 -11.59 3.92 -49.03
N SER C 182 -12.65 4.59 -49.50
CA SER C 182 -12.56 5.91 -50.11
C SER C 182 -13.90 6.64 -50.04
N VAL C 183 -13.88 7.93 -50.34
CA VAL C 183 -15.11 8.73 -50.44
C VAL C 183 -16.03 8.13 -51.52
N SER C 184 -15.43 7.75 -52.64
CA SER C 184 -16.10 7.04 -53.72
C SER C 184 -16.76 5.74 -53.24
N GLU C 185 -16.04 4.99 -52.41
CA GLU C 185 -16.52 3.72 -51.86
C GLU C 185 -17.75 3.87 -50.97
N GLN C 186 -17.76 4.92 -50.16
CA GLN C 186 -18.87 5.17 -49.24
C GLN C 186 -20.17 5.44 -49.99
N THR C 187 -20.11 6.27 -51.02
CA THR C 187 -21.29 6.57 -51.83
C THR C 187 -21.71 5.40 -52.70
N LYS C 188 -20.81 4.43 -52.86
CA LYS C 188 -21.11 3.23 -53.64
C LYS C 188 -21.92 2.23 -52.82
N LEU C 189 -21.50 2.00 -51.59
CA LEU C 189 -22.17 1.06 -50.69
C LEU C 189 -23.46 1.64 -50.12
N TYR C 190 -23.42 2.93 -49.79
CA TYR C 190 -24.54 3.63 -49.17
C TYR C 190 -24.94 4.80 -50.07
N GLY C 191 -25.75 5.72 -49.54
CA GLY C 191 -26.15 6.88 -50.34
C GLY C 191 -25.03 7.89 -50.49
N SER C 192 -25.32 8.99 -51.18
CA SER C 192 -24.41 10.12 -51.22
C SER C 192 -24.73 11.05 -50.05
N GLY C 193 -23.77 11.90 -49.68
CA GLY C 193 -23.96 12.82 -48.57
C GLY C 193 -23.59 12.25 -47.22
N ASN C 194 -23.62 13.11 -46.20
CA ASN C 194 -23.17 12.78 -44.85
C ASN C 194 -23.94 11.63 -44.20
N LYS C 195 -23.19 10.72 -43.58
CA LYS C 195 -23.78 9.61 -42.85
C LYS C 195 -23.69 9.85 -41.35
N LEU C 196 -24.76 9.53 -40.64
CA LEU C 196 -24.76 9.68 -39.18
C LEU C 196 -25.45 8.49 -38.53
N ILE C 197 -24.80 7.96 -37.50
CA ILE C 197 -25.36 6.90 -36.67
C ILE C 197 -25.52 7.45 -35.26
N THR C 198 -26.74 7.37 -34.72
CA THR C 198 -26.97 7.71 -33.33
C THR C 198 -27.54 6.52 -32.54
N VAL C 199 -26.94 6.26 -31.38
CA VAL C 199 -27.30 5.14 -30.53
C VAL C 199 -27.76 5.66 -29.18
N ARG C 200 -28.98 5.30 -28.79
CA ARG C 200 -29.59 5.80 -27.55
C ARG C 200 -30.19 4.71 -26.69
N SER C 201 -29.82 4.71 -25.42
CA SER C 201 -30.58 4.03 -24.37
C SER C 201 -30.92 5.08 -23.33
N SER C 202 -31.64 4.68 -22.28
CA SER C 202 -32.10 5.65 -21.26
C SER C 202 -30.97 6.19 -20.36
N LYS C 203 -29.75 5.70 -20.57
CA LYS C 203 -28.58 6.23 -19.86
C LYS C 203 -27.31 6.27 -20.73
N TYR C 204 -27.51 6.27 -22.05
CA TYR C 204 -26.42 6.36 -23.02
C TYR C 204 -26.92 7.01 -24.29
N GLN C 205 -26.20 8.02 -24.78
CA GLN C 205 -26.48 8.63 -26.07
C GLN C 205 -25.19 9.07 -26.74
N GLN C 206 -24.97 8.60 -27.97
CA GLN C 206 -23.75 8.86 -28.70
C GLN C 206 -24.03 8.83 -30.19
N SER C 207 -23.43 9.76 -30.92
CA SER C 207 -23.51 9.77 -32.37
C SER C 207 -22.16 9.48 -33.00
N PHE C 208 -22.18 8.87 -34.19
CA PHE C 208 -20.98 8.49 -34.91
C PHE C 208 -21.09 8.89 -36.37
N THR C 209 -19.99 9.41 -36.91
CA THR C 209 -19.89 9.70 -38.34
C THR C 209 -18.73 8.89 -38.93
N PRO C 210 -18.88 8.39 -40.16
CA PRO C 210 -17.83 7.59 -40.77
C PRO C 210 -16.62 8.42 -41.19
N ASN C 211 -15.49 7.75 -41.40
CA ASN C 211 -14.23 8.40 -41.69
C ASN C 211 -13.61 7.82 -42.97
N PRO C 212 -14.21 8.13 -44.14
CA PRO C 212 -13.84 7.48 -45.41
C PRO C 212 -12.37 7.66 -45.78
N GLY C 213 -11.79 6.61 -46.38
CA GLY C 213 -10.39 6.62 -46.76
C GLY C 213 -9.56 5.65 -45.93
N ALA C 214 -10.03 5.34 -44.73
CA ALA C 214 -9.33 4.42 -43.83
C ALA C 214 -10.12 3.13 -43.68
N ARG C 215 -9.99 2.22 -44.64
CA ARG C 215 -10.75 0.96 -44.64
C ARG C 215 -10.67 0.25 -43.28
N ARG C 216 -11.76 0.38 -42.50
CA ARG C 216 -11.86 -0.22 -41.17
C ARG C 216 -13.31 -0.26 -40.66
N ILE C 217 -13.59 -1.22 -39.79
CA ILE C 217 -14.85 -1.27 -39.06
C ILE C 217 -14.52 -1.22 -37.57
N ASP C 218 -14.91 -0.12 -36.93
CA ASP C 218 -14.71 0.05 -35.49
C ASP C 218 -15.97 -0.29 -34.72
N PHE C 219 -15.81 -1.10 -33.69
CA PHE C 219 -16.94 -1.56 -32.90
C PHE C 219 -17.09 -0.74 -31.62
N HIS C 220 -18.35 -0.44 -31.29
CA HIS C 220 -18.68 0.26 -30.07
C HIS C 220 -19.70 -0.56 -29.29
N TRP C 221 -19.79 -0.31 -28.00
CA TRP C 221 -20.62 -1.14 -27.13
C TRP C 221 -21.23 -0.37 -25.95
N LEU C 222 -22.34 -0.91 -25.46
CA LEU C 222 -22.98 -0.42 -24.24
C LEU C 222 -23.59 -1.60 -23.49
N LEU C 223 -23.84 -1.39 -22.19
CA LEU C 223 -24.54 -2.38 -21.38
C LEU C 223 -25.97 -1.89 -21.14
N LEU C 224 -26.93 -2.65 -21.66
CA LEU C 224 -28.33 -2.30 -21.58
C LEU C 224 -29.00 -2.96 -20.38
N ASP C 225 -29.59 -2.14 -19.51
CA ASP C 225 -30.30 -2.61 -18.33
C ASP C 225 -31.55 -3.42 -18.70
N PRO C 226 -31.95 -4.36 -17.82
CA PRO C 226 -33.24 -5.05 -17.99
C PRO C 226 -34.40 -4.06 -18.16
N ASN C 227 -35.26 -4.35 -19.14
CA ASN C 227 -36.46 -3.54 -19.44
C ASN C 227 -36.17 -2.17 -20.06
N ASP C 228 -34.92 -1.93 -20.43
CA ASP C 228 -34.51 -0.70 -21.13
C ASP C 228 -34.36 -0.99 -22.64
N THR C 229 -34.36 0.07 -23.44
CA THR C 229 -34.37 -0.05 -24.90
C THR C 229 -33.18 0.67 -25.55
N VAL C 230 -32.48 -0.03 -26.45
CA VAL C 230 -31.52 0.62 -27.33
C VAL C 230 -32.26 1.08 -28.58
N THR C 231 -31.93 2.27 -29.04
CA THR C 231 -32.45 2.76 -30.31
C THR C 231 -31.27 3.08 -31.23
N PHE C 232 -31.27 2.46 -32.40
CA PHE C 232 -30.31 2.75 -33.45
C PHE C 232 -30.99 3.57 -34.54
N THR C 233 -30.42 4.72 -34.84
CA THR C 233 -30.86 5.52 -35.98
C THR C 233 -29.65 5.77 -36.88
N PHE C 234 -29.81 5.45 -38.16
CA PHE C 234 -28.69 5.39 -39.09
C PHE C 234 -29.16 5.49 -40.55
N ASN C 235 -28.29 6.01 -41.41
CA ASN C 235 -28.57 6.09 -42.84
C ASN C 235 -27.44 5.54 -43.72
N GLY C 236 -26.63 4.66 -43.15
CA GLY C 236 -25.49 4.08 -43.84
C GLY C 236 -24.27 3.96 -42.95
N ALA C 237 -23.25 3.25 -43.43
CA ALA C 237 -22.00 3.01 -42.71
C ALA C 237 -22.20 2.36 -41.34
N PHE C 238 -23.31 1.62 -41.20
CA PHE C 238 -23.69 1.02 -39.93
C PHE C 238 -23.62 -0.50 -39.98
N ILE C 239 -22.91 -1.08 -39.04
CA ILE C 239 -22.82 -2.52 -38.88
C ILE C 239 -23.72 -2.93 -37.73
N ALA C 240 -24.77 -3.68 -38.05
CA ALA C 240 -25.86 -3.96 -37.12
C ALA C 240 -25.65 -5.23 -36.31
N PRO C 241 -26.03 -5.20 -35.02
CA PRO C 241 -26.05 -6.42 -34.23
C PRO C 241 -27.21 -7.34 -34.60
N ASP C 242 -26.91 -8.61 -34.85
CA ASP C 242 -27.94 -9.62 -35.05
C ASP C 242 -28.27 -10.28 -33.71
N ARG C 243 -27.25 -10.44 -32.87
CA ARG C 243 -27.40 -11.06 -31.55
C ARG C 243 -26.70 -10.27 -30.45
N THR C 244 -27.35 -10.19 -29.29
CA THR C 244 -26.78 -9.56 -28.09
C THR C 244 -26.24 -10.64 -27.13
N SER C 245 -25.45 -10.23 -26.14
CA SER C 245 -24.84 -11.18 -25.20
C SER C 245 -25.31 -11.01 -23.76
N PHE C 246 -25.42 -12.14 -23.06
CA PHE C 246 -25.75 -12.16 -21.64
C PHE C 246 -24.71 -12.97 -20.89
N PHE C 247 -24.22 -12.42 -19.78
CA PHE C 247 -23.20 -13.09 -18.98
C PHE C 247 -23.81 -14.25 -18.20
N ARG C 248 -23.06 -15.34 -18.09
CA ARG C 248 -23.59 -16.56 -17.48
C ARG C 248 -23.46 -16.60 -15.96
N GLY C 249 -22.32 -16.10 -15.45
CA GLY C 249 -22.07 -16.11 -14.01
C GLY C 249 -20.73 -15.50 -13.62
N GLU C 250 -19.83 -16.32 -13.09
CA GLU C 250 -18.53 -15.86 -12.62
C GLU C 250 -17.38 -16.69 -13.19
N SER C 251 -16.33 -16.01 -13.62
CA SER C 251 -15.12 -16.65 -14.11
C SER C 251 -13.87 -15.88 -13.73
N LEU C 252 -12.73 -16.54 -13.81
CA LEU C 252 -11.43 -15.90 -13.63
C LEU C 252 -10.73 -15.88 -14.98
N GLY C 253 -10.07 -14.78 -15.29
CA GLY C 253 -9.39 -14.62 -16.56
C GLY C 253 -7.88 -14.71 -16.41
N VAL C 254 -7.24 -15.47 -17.29
CA VAL C 254 -5.78 -15.64 -17.26
C VAL C 254 -5.17 -15.44 -18.63
N GLN C 255 -3.97 -14.86 -18.65
CA GLN C 255 -3.15 -14.80 -19.86
C GLN C 255 -1.92 -15.67 -19.66
N SER C 256 -1.75 -16.64 -20.55
CA SER C 256 -0.65 -17.59 -20.41
C SER C 256 -0.30 -18.26 -21.72
N ASP C 257 0.89 -18.83 -21.77
CA ASP C 257 1.31 -19.70 -22.86
C ASP C 257 1.43 -21.14 -22.36
N ALA C 258 1.25 -21.31 -21.05
CA ALA C 258 1.34 -22.62 -20.40
C ALA C 258 0.16 -23.52 -20.81
N PRO C 259 0.44 -24.81 -21.07
CA PRO C 259 -0.62 -25.75 -21.44
C PRO C 259 -1.59 -26.03 -20.29
N LEU C 260 -2.82 -26.39 -20.62
CA LEU C 260 -3.80 -26.79 -19.61
C LEU C 260 -3.49 -28.18 -19.08
N ASP C 261 -3.75 -28.39 -17.80
CA ASP C 261 -3.63 -29.70 -17.18
C ASP C 261 -4.78 -29.94 -16.21
N SER C 262 -5.63 -30.90 -16.55
CA SER C 262 -6.83 -31.21 -15.78
C SER C 262 -6.56 -32.15 -14.60
N SER C 263 -5.30 -32.49 -14.37
CA SER C 263 -4.94 -33.45 -13.33
C SER C 263 -4.40 -32.82 -12.03
N CYS C 264 -4.31 -31.49 -12.00
CA CYS C 264 -3.91 -30.78 -10.78
C CYS C 264 -4.84 -29.61 -10.46
N ARG C 265 -5.07 -29.38 -9.16
CA ARG C 265 -5.82 -28.22 -8.70
C ARG C 265 -4.91 -27.00 -8.60
N GLY C 266 -5.52 -25.83 -8.73
CA GLY C 266 -4.81 -24.57 -8.59
C GLY C 266 -5.80 -23.43 -8.49
N ASP C 267 -5.41 -22.38 -7.78
CA ASP C 267 -6.26 -21.20 -7.63
C ASP C 267 -5.49 -19.91 -7.84
N CYS C 268 -4.18 -20.03 -8.02
CA CYS C 268 -3.31 -18.90 -8.30
C CYS C 268 -2.60 -19.12 -9.64
N PHE C 269 -2.84 -18.21 -10.57
CA PHE C 269 -2.32 -18.36 -11.92
C PHE C 269 -1.51 -17.16 -12.38
N HIS C 270 -0.57 -17.41 -13.29
CA HIS C 270 0.22 -16.36 -13.92
C HIS C 270 0.62 -16.79 -15.32
N SER C 271 1.34 -15.91 -16.02
CA SER C 271 1.78 -16.16 -17.40
C SER C 271 2.60 -17.45 -17.55
N GLY C 272 3.33 -17.79 -16.50
CA GLY C 272 4.18 -18.98 -16.51
C GLY C 272 3.57 -20.20 -15.85
N GLY C 273 2.29 -20.12 -15.48
CA GLY C 273 1.56 -21.29 -14.96
C GLY C 273 0.76 -21.10 -13.69
N THR C 274 0.95 -22.03 -12.76
CA THR C 274 0.16 -22.09 -11.53
C THR C 274 1.05 -22.14 -10.30
N ILE C 275 0.69 -21.36 -9.29
CA ILE C 275 1.36 -21.39 -8.00
C ILE C 275 0.49 -22.14 -7.01
N VAL C 276 0.96 -23.32 -6.57
CA VAL C 276 0.28 -24.11 -5.56
C VAL C 276 1.14 -24.11 -4.31
N SER C 277 0.62 -23.51 -3.25
CA SER C 277 1.37 -23.33 -2.01
C SER C 277 0.46 -22.97 -0.85
N SER C 278 0.89 -23.33 0.36
CA SER C 278 0.25 -22.89 1.59
C SER C 278 1.04 -21.76 2.23
N LEU C 279 2.22 -21.48 1.68
CA LEU C 279 3.14 -20.48 2.22
C LEU C 279 2.60 -19.06 2.01
N PRO C 280 2.89 -18.15 2.95
CA PRO C 280 2.32 -16.79 2.88
C PRO C 280 2.90 -15.92 1.75
N PHE C 281 4.11 -16.26 1.28
CA PHE C 281 4.77 -15.47 0.25
C PHE C 281 5.24 -16.31 -0.94
N GLN C 282 5.57 -15.64 -2.04
CA GLN C 282 6.08 -16.29 -3.24
C GLN C 282 7.03 -15.37 -4.00
N ASN C 283 8.03 -15.97 -4.65
CA ASN C 283 9.02 -15.20 -5.44
C ASN C 283 8.99 -15.62 -6.92
N ILE C 284 7.85 -16.17 -7.35
CA ILE C 284 7.73 -16.73 -8.70
C ILE C 284 7.37 -15.66 -9.75
N ASN C 285 6.34 -14.87 -9.46
CA ASN C 285 5.84 -13.86 -10.39
C ASN C 285 5.09 -12.76 -9.64
N SER C 286 5.44 -11.50 -9.93
CA SER C 286 4.81 -10.35 -9.28
C SER C 286 3.41 -10.07 -9.84
N ARG C 287 3.15 -10.53 -11.05
CA ARG C 287 1.83 -10.40 -11.68
C ARG C 287 1.11 -11.75 -11.66
N THR C 288 0.10 -11.86 -10.82
CA THR C 288 -0.68 -13.09 -10.66
C THR C 288 -2.17 -12.78 -10.67
N VAL C 289 -2.99 -13.81 -10.90
CA VAL C 289 -4.44 -13.69 -10.80
C VAL C 289 -5.03 -14.82 -9.97
N GLY C 290 -6.14 -14.54 -9.29
CA GLY C 290 -6.80 -15.52 -8.44
C GLY C 290 -6.42 -15.32 -6.99
N LYS C 291 -6.38 -16.42 -6.23
CA LYS C 291 -6.04 -16.37 -4.81
C LYS C 291 -4.58 -16.79 -4.62
N CYS C 292 -3.74 -15.83 -4.23
CA CYS C 292 -2.30 -16.05 -4.20
C CYS C 292 -1.63 -15.66 -2.89
N PRO C 293 -0.49 -16.28 -2.57
CA PRO C 293 0.43 -15.70 -1.60
C PRO C 293 0.98 -14.39 -2.16
N ARG C 294 1.41 -13.49 -1.28
CA ARG C 294 1.92 -12.20 -1.73
C ARG C 294 3.31 -12.32 -2.35
N TYR C 295 3.57 -11.52 -3.38
CA TYR C 295 4.88 -11.52 -4.01
C TYR C 295 5.88 -10.71 -3.18
N VAL C 296 7.06 -11.28 -2.96
CA VAL C 296 8.18 -10.60 -2.32
C VAL C 296 9.42 -10.67 -3.21
N LYS C 297 10.35 -9.73 -3.02
CA LYS C 297 11.61 -9.70 -3.79
C LYS C 297 12.59 -10.79 -3.33
N GLN C 298 12.51 -11.19 -2.07
CA GLN C 298 13.46 -12.16 -1.50
C GLN C 298 13.23 -13.57 -2.03
N LYS C 299 14.33 -14.27 -2.27
CA LYS C 299 14.31 -15.65 -2.76
C LYS C 299 13.93 -16.60 -1.61
N SER C 300 14.42 -16.29 -0.42
CA SER C 300 14.26 -17.14 0.75
C SER C 300 14.12 -16.31 2.03
N LEU C 301 13.17 -16.70 2.88
CA LEU C 301 12.99 -16.11 4.21
C LEU C 301 12.66 -17.21 5.21
N LEU C 302 13.68 -17.69 5.92
CA LEU C 302 13.54 -18.85 6.79
C LEU C 302 13.02 -18.52 8.18
N LEU C 303 11.97 -19.24 8.59
CA LEU C 303 11.37 -19.06 9.91
C LEU C 303 11.88 -20.12 10.87
N ALA C 304 12.58 -19.67 11.91
CA ALA C 304 13.12 -20.56 12.93
C ALA C 304 12.00 -21.35 13.60
N THR C 305 12.16 -22.67 13.61
CA THR C 305 11.21 -23.56 14.30
C THR C 305 11.90 -24.32 15.43
N GLY C 306 13.12 -23.88 15.75
CA GLY C 306 13.90 -24.46 16.83
C GLY C 306 14.70 -23.41 17.59
N MET C 307 15.27 -23.81 18.72
CA MET C 307 16.09 -22.93 19.55
C MET C 307 17.43 -22.62 18.87
N ARG C 308 18.21 -21.74 19.49
CA ARG C 308 19.55 -21.47 19.01
C ARG C 308 20.38 -22.74 19.07
N ASN C 309 21.09 -23.04 17.99
CA ASN C 309 21.95 -24.21 17.95
C ASN C 309 23.32 -23.89 18.55
N VAL C 310 23.62 -24.50 19.69
CA VAL C 310 24.93 -24.37 20.32
C VAL C 310 25.59 -25.74 20.42
N PRO C 311 26.51 -26.05 19.48
CA PRO C 311 27.18 -27.34 19.53
C PRO C 311 28.35 -27.32 20.51
N GLU C 312 28.90 -28.49 20.82
CA GLU C 312 30.11 -28.56 21.63
C GLU C 312 31.34 -28.46 20.72
N GLY D 1 20.04 -15.31 23.94
CA GLY D 1 18.62 -14.94 24.25
C GLY D 1 18.52 -14.02 25.46
N LEU D 2 17.30 -13.60 25.76
CA LEU D 2 17.03 -12.68 26.87
C LEU D 2 17.19 -13.31 28.25
N PHE D 3 17.12 -14.64 28.33
CA PHE D 3 17.05 -15.34 29.61
C PHE D 3 18.37 -15.92 30.09
N GLY D 4 19.36 -15.95 29.19
CA GLY D 4 20.74 -16.27 29.55
C GLY D 4 21.04 -17.73 29.87
N ALA D 5 20.10 -18.62 29.55
CA ALA D 5 20.32 -20.05 29.71
C ALA D 5 20.99 -20.64 28.46
N ILE D 6 20.23 -20.75 27.36
CA ILE D 6 20.74 -21.25 26.09
C ILE D 6 21.72 -20.24 25.49
N ALA D 7 22.94 -20.71 25.22
CA ALA D 7 24.06 -19.85 24.79
C ALA D 7 24.48 -18.84 25.86
N GLY D 8 24.21 -19.18 27.12
CA GLY D 8 24.53 -18.33 28.26
C GLY D 8 25.29 -19.11 29.33
N PHE D 9 24.69 -19.24 30.52
CA PHE D 9 25.33 -19.98 31.61
C PHE D 9 25.40 -21.49 31.35
N ILE D 10 24.46 -22.02 30.57
CA ILE D 10 24.58 -23.37 30.05
C ILE D 10 25.53 -23.31 28.85
N GLU D 11 26.68 -23.96 29.00
CA GLU D 11 27.79 -23.90 28.04
C GLU D 11 27.37 -24.19 26.60
N ASN D 12 26.86 -25.39 26.36
CA ASN D 12 26.45 -25.81 25.03
C ASN D 12 25.28 -26.80 25.05
N GLY D 13 24.81 -27.16 23.86
CA GLY D 13 23.75 -28.16 23.73
C GLY D 13 24.28 -29.57 23.69
N TRP D 14 23.37 -30.53 23.76
CA TRP D 14 23.72 -31.94 23.73
C TRP D 14 23.22 -32.61 22.45
N GLU D 15 24.15 -33.06 21.62
CA GLU D 15 23.81 -33.81 20.40
C GLU D 15 23.16 -35.15 20.72
N GLY D 16 23.44 -35.67 21.91
CA GLY D 16 22.93 -36.97 22.35
C GLY D 16 21.49 -36.98 22.83
N LEU D 17 20.94 -35.80 23.09
CA LEU D 17 19.54 -35.66 23.49
C LEU D 17 18.65 -35.63 22.25
N ILE D 18 18.11 -36.79 21.89
CA ILE D 18 17.33 -36.93 20.66
C ILE D 18 15.83 -37.12 20.89
N ASN D 19 15.44 -37.26 22.16
CA ASN D 19 14.04 -37.50 22.52
C ASN D 19 13.29 -36.25 23.00
N GLY D 20 13.88 -35.08 22.78
CA GLY D 20 13.29 -33.82 23.20
C GLY D 20 14.20 -32.62 23.10
N TRP D 21 13.65 -31.45 23.42
CA TRP D 21 14.37 -30.18 23.34
C TRP D 21 15.19 -29.93 24.60
N TYR D 22 14.68 -30.38 25.74
CA TYR D 22 15.32 -30.16 27.04
C TYR D 22 15.38 -31.49 27.81
N GLY D 23 16.23 -31.54 28.84
CA GLY D 23 16.35 -32.75 29.63
C GLY D 23 17.33 -32.71 30.79
N PHE D 24 17.56 -33.88 31.38
CA PHE D 24 18.40 -34.02 32.56
C PHE D 24 19.55 -34.98 32.29
N ARG D 25 20.76 -34.55 32.64
CA ARG D 25 21.92 -35.43 32.66
C ARG D 25 22.41 -35.54 34.10
N HIS D 26 22.49 -36.76 34.61
CA HIS D 26 22.86 -36.96 36.02
C HIS D 26 24.14 -37.76 36.20
N GLN D 27 24.79 -37.54 37.33
CA GLN D 27 25.96 -38.30 37.72
C GLN D 27 25.77 -38.79 39.16
N ASN D 28 25.96 -40.09 39.36
CA ASN D 28 25.94 -40.68 40.70
C ASN D 28 26.90 -41.87 40.83
N ALA D 29 26.70 -42.69 41.86
CA ALA D 29 27.55 -43.87 42.09
C ALA D 29 27.29 -44.98 41.08
N GLN D 30 26.09 -44.98 40.49
CA GLN D 30 25.68 -45.99 39.52
C GLN D 30 26.12 -45.67 38.09
N GLY D 31 26.66 -44.47 37.89
CA GLY D 31 27.08 -44.01 36.57
C GLY D 31 26.28 -42.82 36.10
N GLU D 32 26.38 -42.49 34.81
CA GLU D 32 25.65 -41.36 34.26
C GLU D 32 24.44 -41.80 33.42
N GLY D 33 23.51 -40.86 33.22
CA GLY D 33 22.33 -41.10 32.40
C GLY D 33 21.70 -39.80 31.93
N THR D 34 21.06 -39.85 30.77
CA THR D 34 20.41 -38.67 30.20
C THR D 34 18.96 -38.98 29.83
N ALA D 35 18.04 -38.17 30.34
CA ALA D 35 16.61 -38.32 30.06
C ALA D 35 15.98 -36.99 29.68
N ALA D 36 15.21 -37.00 28.59
CA ALA D 36 14.51 -35.82 28.11
C ALA D 36 13.29 -35.52 28.97
N ASP D 37 12.84 -34.26 28.94
CA ASP D 37 11.66 -33.83 29.68
C ASP D 37 10.51 -33.49 28.73
N TYR D 38 9.40 -34.20 28.89
CA TYR D 38 8.23 -34.03 28.02
C TYR D 38 7.57 -32.65 28.17
N LYS D 39 7.38 -32.23 29.41
CA LYS D 39 6.56 -31.05 29.74
C LYS D 39 7.04 -29.75 29.08
N SER D 40 8.32 -29.41 29.28
CA SER D 40 8.88 -28.19 28.71
C SER D 40 9.16 -28.30 27.21
N THR D 41 9.46 -29.50 26.74
CA THR D 41 9.66 -29.76 25.31
C THR D 41 8.36 -29.58 24.54
N GLN D 42 7.28 -30.14 25.08
CA GLN D 42 5.97 -30.02 24.46
C GLN D 42 5.46 -28.58 24.47
N SER D 43 5.68 -27.89 25.58
CA SER D 43 5.30 -26.49 25.72
C SER D 43 6.00 -25.58 24.70
N ALA D 44 7.24 -25.91 24.38
CA ALA D 44 8.00 -25.17 23.38
C ALA D 44 7.54 -25.49 21.96
N ILE D 45 7.33 -26.78 21.68
CA ILE D 45 6.89 -27.24 20.36
C ILE D 45 5.50 -26.70 20.00
N ASP D 46 4.60 -26.65 20.98
CA ASP D 46 3.24 -26.14 20.76
C ASP D 46 3.22 -24.65 20.41
N GLN D 47 4.10 -23.88 21.03
CA GLN D 47 4.18 -22.44 20.80
C GLN D 47 4.73 -22.12 19.42
N ILE D 48 5.68 -22.93 18.96
CA ILE D 48 6.24 -22.82 17.61
C ILE D 48 5.22 -23.27 16.57
N THR D 49 4.46 -24.31 16.89
CA THR D 49 3.35 -24.78 16.05
C THR D 49 2.31 -23.67 15.85
N GLY D 50 2.00 -22.97 16.94
CA GLY D 50 1.07 -21.84 16.90
C GLY D 50 1.47 -20.77 15.90
N LYS D 51 2.78 -20.48 15.85
CA LYS D 51 3.33 -19.52 14.88
C LYS D 51 3.13 -19.98 13.44
N LEU D 52 3.31 -21.28 13.20
CA LEU D 52 3.10 -21.86 11.87
C LEU D 52 1.63 -21.88 11.48
N ASN D 53 0.75 -22.13 12.44
CA ASN D 53 -0.70 -22.07 12.23
C ASN D 53 -1.18 -20.71 11.70
N ARG D 54 -0.48 -19.65 12.11
CA ARG D 54 -0.79 -18.30 11.67
C ARG D 54 -0.33 -17.99 10.26
N LEU D 55 0.87 -18.45 9.90
CA LEU D 55 1.46 -18.12 8.61
C LEU D 55 1.08 -19.09 7.49
N ILE D 56 0.89 -20.36 7.84
CA ILE D 56 0.61 -21.41 6.86
C ILE D 56 -0.89 -21.57 6.61
N GLY D 57 -1.27 -21.78 5.36
CA GLY D 57 -2.64 -22.08 4.98
C GLY D 57 -3.62 -20.93 5.13
N LYS D 58 -3.13 -19.71 4.91
CA LYS D 58 -3.98 -18.52 4.93
C LYS D 58 -4.95 -18.53 3.77
N THR D 59 -6.15 -18.01 4.00
CA THR D 59 -7.10 -17.75 2.92
C THR D 59 -6.69 -16.44 2.28
N ASN D 60 -6.64 -16.44 0.95
CA ASN D 60 -6.21 -15.28 0.20
C ASN D 60 -7.35 -14.69 -0.61
N GLN D 61 -7.38 -13.36 -0.69
CA GLN D 61 -8.39 -12.67 -1.48
C GLN D 61 -8.05 -12.72 -2.96
N GLN D 62 -9.08 -12.63 -3.79
CA GLN D 62 -8.92 -12.72 -5.24
C GLN D 62 -8.46 -11.41 -5.87
N PHE D 63 -7.56 -11.53 -6.84
CA PHE D 63 -7.16 -10.40 -7.68
C PHE D 63 -7.32 -10.76 -9.15
N GLU D 64 -7.79 -9.78 -9.93
CA GLU D 64 -8.01 -9.94 -11.37
C GLU D 64 -6.88 -9.27 -12.16
N LEU D 65 -6.87 -9.51 -13.47
CA LEU D 65 -5.99 -8.81 -14.39
C LEU D 65 -6.40 -7.36 -14.56
N ILE D 66 -5.42 -6.46 -14.46
CA ILE D 66 -5.67 -5.03 -14.67
C ILE D 66 -4.86 -4.47 -15.85
N ASP D 67 -3.86 -5.23 -16.30
CA ASP D 67 -3.16 -4.90 -17.54
C ASP D 67 -3.18 -6.07 -18.53
N ASN D 68 -2.42 -5.94 -19.62
CA ASN D 68 -2.50 -6.89 -20.73
C ASN D 68 -1.12 -7.14 -21.34
N GLU D 69 -0.70 -8.41 -21.29
CA GLU D 69 0.58 -8.83 -21.86
C GLU D 69 0.60 -8.84 -23.38
N PHE D 70 -0.54 -9.16 -23.99
CA PHE D 70 -0.60 -9.39 -25.43
C PHE D 70 -0.90 -8.12 -26.24
N ASN D 71 -1.72 -7.24 -25.68
CA ASN D 71 -2.02 -5.95 -26.29
C ASN D 71 -1.93 -4.84 -25.26
N GLU D 72 -0.85 -4.07 -25.33
CA GLU D 72 -0.57 -3.02 -24.32
C GLU D 72 -1.74 -2.07 -24.09
N ILE D 73 -2.04 -1.85 -22.82
CA ILE D 73 -3.07 -0.89 -22.41
C ILE D 73 -2.54 0.54 -22.56
N GLU D 74 -3.44 1.52 -22.48
CA GLU D 74 -3.06 2.94 -22.56
C GLU D 74 -1.92 3.26 -21.59
N GLN D 75 -0.88 3.90 -22.11
CA GLN D 75 0.41 3.99 -21.41
C GLN D 75 0.41 4.72 -20.07
N GLN D 76 -0.49 5.69 -19.91
CA GLN D 76 -0.58 6.44 -18.65
C GLN D 76 -1.04 5.56 -17.50
N ILE D 77 -2.08 4.76 -17.75
CA ILE D 77 -2.60 3.84 -16.75
C ILE D 77 -1.61 2.71 -16.48
N GLY D 78 -0.93 2.25 -17.52
CA GLY D 78 0.13 1.25 -17.40
C GLY D 78 1.22 1.68 -16.44
N ASN D 79 1.64 2.94 -16.57
CA ASN D 79 2.65 3.51 -15.70
C ASN D 79 2.20 3.63 -14.25
N VAL D 80 0.92 3.97 -14.05
CA VAL D 80 0.34 4.04 -12.71
C VAL D 80 0.27 2.64 -12.11
N ILE D 81 -0.22 1.68 -12.88
CA ILE D 81 -0.25 0.28 -12.46
C ILE D 81 1.14 -0.21 -12.03
N ASN D 82 2.13 0.02 -12.89
CA ASN D 82 3.50 -0.40 -12.62
C ASN D 82 4.10 0.27 -11.40
N TRP D 83 3.82 1.56 -11.26
CA TRP D 83 4.24 2.36 -10.11
C TRP D 83 3.59 1.85 -8.82
N THR D 84 2.31 1.50 -8.91
CA THR D 84 1.55 0.96 -7.79
C THR D 84 2.06 -0.43 -7.39
N ARG D 85 2.28 -1.29 -8.38
CA ARG D 85 2.77 -2.66 -8.15
C ARG D 85 4.13 -2.70 -7.43
N ASP D 86 5.07 -1.87 -7.88
CA ASP D 86 6.39 -1.80 -7.25
C ASP D 86 6.27 -1.37 -5.80
N ALA D 87 5.44 -0.35 -5.54
CA ALA D 87 5.18 0.12 -4.20
C ALA D 87 4.59 -1.01 -3.34
N MET D 88 3.63 -1.75 -3.87
CA MET D 88 3.07 -2.93 -3.21
C MET D 88 4.16 -3.96 -2.86
N THR D 89 4.98 -4.27 -3.84
CA THR D 89 6.06 -5.25 -3.68
C THR D 89 7.02 -4.84 -2.56
N GLU D 90 7.38 -3.56 -2.52
CA GLU D 90 8.27 -3.04 -1.49
C GLU D 90 7.70 -3.20 -0.08
N ILE D 91 6.41 -2.88 0.07
CA ILE D 91 5.72 -3.02 1.36
C ILE D 91 5.71 -4.48 1.81
N TRP D 92 5.32 -5.39 0.92
CA TRP D 92 5.26 -6.81 1.26
C TRP D 92 6.65 -7.42 1.50
N SER D 93 7.64 -6.98 0.75
CA SER D 93 9.03 -7.39 0.96
C SER D 93 9.53 -6.94 2.32
N TYR D 94 9.20 -5.69 2.69
CA TYR D 94 9.52 -5.16 4.02
C TYR D 94 8.82 -5.98 5.10
N ASN D 95 7.51 -6.18 4.95
CA ASN D 95 6.69 -6.91 5.92
C ASN D 95 7.17 -8.33 6.17
N ALA D 96 7.46 -9.06 5.10
CA ALA D 96 7.90 -10.46 5.18
C ALA D 96 9.23 -10.58 5.92
N GLU D 97 10.17 -9.69 5.56
CA GLU D 97 11.49 -9.65 6.18
C GLU D 97 11.40 -9.29 7.67
N LEU D 98 10.55 -8.33 8.00
CA LEU D 98 10.36 -7.89 9.39
C LEU D 98 9.65 -8.96 10.23
N LEU D 99 8.63 -9.58 9.64
CA LEU D 99 7.89 -10.66 10.31
C LEU D 99 8.81 -11.79 10.71
N VAL D 100 9.57 -12.30 9.75
CA VAL D 100 10.48 -13.41 9.99
C VAL D 100 11.51 -13.06 11.07
N ALA D 101 12.14 -11.89 10.93
CA ALA D 101 13.15 -11.43 11.88
C ALA D 101 12.61 -11.28 13.30
N MET D 102 11.40 -10.71 13.41
CA MET D 102 10.76 -10.54 14.70
C MET D 102 10.34 -11.87 15.30
N GLU D 103 9.71 -12.72 14.49
CA GLU D 103 9.29 -14.06 14.92
C GLU D 103 10.46 -14.91 15.40
N ASN D 104 11.57 -14.88 14.65
CA ASN D 104 12.77 -15.63 15.02
C ASN D 104 13.37 -15.15 16.33
N GLN D 105 13.38 -13.84 16.55
CA GLN D 105 13.87 -13.26 17.79
C GLN D 105 13.06 -13.81 18.97
N HIS D 106 11.74 -13.80 18.83
CA HIS D 106 10.84 -14.30 19.86
C HIS D 106 10.98 -15.80 20.06
N THR D 107 11.12 -16.55 18.95
CA THR D 107 11.30 -18.00 18.99
C THR D 107 12.52 -18.42 19.81
N ILE D 108 13.67 -17.79 19.52
CA ILE D 108 14.92 -18.03 20.23
C ILE D 108 14.78 -17.73 21.73
N ASP D 109 14.25 -16.53 22.04
CA ASP D 109 14.00 -16.11 23.43
C ASP D 109 13.00 -17.02 24.15
N LEU D 110 12.00 -17.47 23.40
CA LEU D 110 10.96 -18.39 23.90
C LEU D 110 11.55 -19.72 24.35
N ALA D 111 12.44 -20.27 23.53
CA ALA D 111 13.12 -21.52 23.85
C ALA D 111 14.08 -21.34 25.03
N ASP D 112 14.74 -20.18 25.06
CA ASP D 112 15.62 -19.78 26.16
C ASP D 112 14.80 -19.69 27.46
N SER D 113 13.62 -19.08 27.36
CA SER D 113 12.69 -18.97 28.47
C SER D 113 12.31 -20.33 29.04
N GLU D 114 11.97 -21.28 28.16
CA GLU D 114 11.55 -22.62 28.59
C GLU D 114 12.66 -23.35 29.32
N MET D 115 13.90 -23.17 28.86
CA MET D 115 15.07 -23.73 29.52
C MET D 115 15.22 -23.16 30.94
N SER D 116 15.09 -21.83 31.03
CA SER D 116 15.18 -21.12 32.31
C SER D 116 14.08 -21.54 33.29
N LYS D 117 12.87 -21.73 32.78
CA LYS D 117 11.73 -22.17 33.60
C LYS D 117 11.97 -23.53 34.25
N LEU D 118 12.48 -24.46 33.46
CA LEU D 118 12.76 -25.83 33.93
C LEU D 118 13.85 -25.83 34.98
N TYR D 119 14.89 -25.04 34.75
CA TYR D 119 15.99 -24.87 35.69
C TYR D 119 15.50 -24.32 37.02
N GLU D 120 14.66 -23.28 36.96
CA GLU D 120 14.12 -22.64 38.15
C GLU D 120 13.15 -23.54 38.90
N ARG D 121 12.46 -24.42 38.18
CA ARG D 121 11.55 -25.40 38.79
C ARG D 121 12.34 -26.43 39.60
N VAL D 122 13.45 -26.90 39.04
CA VAL D 122 14.30 -27.89 39.70
C VAL D 122 15.03 -27.29 40.89
N LYS D 123 15.39 -26.01 40.80
CA LYS D 123 16.01 -25.29 41.91
C LYS D 123 15.07 -25.24 43.11
N LYS D 124 13.81 -24.93 42.87
CA LYS D 124 12.79 -24.88 43.91
C LYS D 124 12.46 -26.25 44.48
N GLN D 125 12.51 -27.27 43.63
CA GLN D 125 12.34 -28.67 44.04
C GLN D 125 13.35 -29.07 45.11
N LEU D 126 14.62 -28.85 44.81
CA LEU D 126 15.73 -29.35 45.64
C LEU D 126 15.93 -28.58 46.95
N ARG D 127 15.27 -27.43 47.07
CA ARG D 127 15.24 -26.65 48.31
C ARG D 127 16.63 -26.37 48.90
N GLU D 128 16.96 -27.06 49.98
CA GLU D 128 18.24 -26.87 50.67
C GLU D 128 19.18 -28.06 50.48
N ASN D 129 18.79 -28.99 49.62
CA ASN D 129 19.54 -30.23 49.42
C ASN D 129 20.61 -30.12 48.34
N ALA D 130 20.58 -29.03 47.58
CA ALA D 130 21.49 -28.86 46.45
C ALA D 130 21.99 -27.43 46.29
N GLU D 131 23.18 -27.28 45.73
CA GLU D 131 23.75 -25.99 45.39
C GLU D 131 24.06 -25.95 43.89
N GLU D 132 23.71 -24.84 43.25
CA GLU D 132 23.95 -24.68 41.82
C GLU D 132 25.40 -24.25 41.54
N ASP D 133 26.02 -24.89 40.56
CA ASP D 133 27.44 -24.66 40.26
C ASP D 133 27.70 -23.53 39.28
N GLY D 134 26.63 -23.03 38.65
CA GLY D 134 26.75 -21.92 37.71
C GLY D 134 26.71 -22.31 36.24
N THR D 135 26.87 -23.60 35.97
CA THR D 135 26.88 -24.11 34.59
C THR D 135 25.59 -24.83 34.22
N GLY D 136 24.59 -24.71 35.10
CA GLY D 136 23.31 -25.38 34.89
C GLY D 136 23.17 -26.69 35.65
N CYS D 137 24.18 -27.03 36.45
CA CYS D 137 24.15 -28.26 37.24
C CYS D 137 23.81 -28.00 38.71
N PHE D 138 23.19 -29.00 39.34
CA PHE D 138 22.89 -28.94 40.76
C PHE D 138 23.73 -29.98 41.49
N GLU D 139 24.56 -29.52 42.42
CA GLU D 139 25.33 -30.40 43.27
C GLU D 139 24.44 -30.91 44.40
N ILE D 140 23.95 -32.14 44.26
CA ILE D 140 23.14 -32.78 45.29
C ILE D 140 24.05 -33.16 46.46
N PHE D 141 23.69 -32.70 47.66
CA PHE D 141 24.52 -32.93 48.84
C PHE D 141 24.12 -34.17 49.64
N HIS D 142 23.55 -35.15 48.95
CA HIS D 142 23.23 -36.45 49.54
C HIS D 142 23.32 -37.54 48.48
N LYS D 143 23.42 -38.79 48.91
CA LYS D 143 23.40 -39.91 47.98
C LYS D 143 22.04 -40.02 47.30
N CYS D 144 22.05 -39.79 46.00
CA CYS D 144 20.84 -39.77 45.20
C CYS D 144 20.99 -40.77 44.04
N ASP D 145 20.47 -41.98 44.24
CA ASP D 145 20.57 -43.05 43.25
C ASP D 145 19.71 -42.80 42.02
N ASP D 146 19.74 -43.74 41.07
CA ASP D 146 18.96 -43.64 39.83
C ASP D 146 17.47 -43.43 40.07
N GLN D 147 16.93 -44.08 41.09
CA GLN D 147 15.52 -43.94 41.46
C GLN D 147 15.23 -42.60 42.13
N CYS D 148 16.23 -42.05 42.81
CA CYS D 148 16.14 -40.73 43.42
C CYS D 148 16.20 -39.65 42.34
N MET D 149 17.07 -39.85 41.36
CA MET D 149 17.18 -38.97 40.19
C MET D 149 15.87 -38.95 39.41
N GLU D 150 15.24 -40.13 39.32
CA GLU D 150 13.92 -40.29 38.72
C GLU D 150 12.91 -39.31 39.33
N SER D 151 12.83 -39.28 40.66
CA SER D 151 11.85 -38.46 41.37
C SER D 151 12.03 -36.96 41.16
N ILE D 152 13.27 -36.54 40.93
CA ILE D 152 13.59 -35.15 40.60
C ILE D 152 12.99 -34.80 39.23
N ARG D 153 13.15 -35.71 38.26
CA ARG D 153 12.58 -35.54 36.93
C ARG D 153 11.05 -35.65 36.97
N ASN D 154 10.54 -36.51 37.84
CA ASN D 154 9.11 -36.80 37.95
C ASN D 154 8.30 -35.79 38.76
N ASN D 155 8.99 -34.84 39.41
CA ASN D 155 8.35 -33.91 40.35
C ASN D 155 7.77 -34.57 41.60
N THR D 156 8.26 -35.75 41.94
CA THR D 156 7.79 -36.49 43.12
C THR D 156 8.83 -36.48 44.24
N TYR D 157 9.91 -35.72 44.02
CA TYR D 157 11.03 -35.64 44.96
C TYR D 157 10.63 -34.97 46.28
N ASP D 158 10.67 -35.74 47.36
CA ASP D 158 10.40 -35.25 48.70
C ASP D 158 11.70 -34.74 49.33
N HIS D 159 11.79 -33.43 49.50
CA HIS D 159 13.02 -32.79 50.00
C HIS D 159 13.24 -33.02 51.51
N THR D 160 12.16 -33.23 52.25
CA THR D 160 12.21 -33.46 53.69
C THR D 160 12.92 -34.77 54.02
N GLN D 161 12.82 -35.72 53.10
CA GLN D 161 13.43 -37.04 53.21
C GLN D 161 14.96 -36.99 53.30
N TYR D 162 15.56 -36.00 52.64
CA TYR D 162 17.02 -35.90 52.54
C TYR D 162 17.59 -34.64 53.19
N ARG D 163 16.71 -33.83 53.80
CA ARG D 163 17.09 -32.53 54.34
C ARG D 163 18.19 -32.59 55.41
N THR D 164 18.03 -33.48 56.38
CA THR D 164 18.98 -33.59 57.49
C THR D 164 20.38 -34.00 57.01
N GLU D 165 20.42 -35.02 56.15
CA GLU D 165 21.68 -35.51 55.58
C GLU D 165 22.40 -34.42 54.80
N SER D 166 21.66 -33.74 53.93
CA SER D 166 22.23 -32.74 53.03
C SER D 166 22.67 -31.48 53.76
N LEU D 167 21.91 -31.05 54.77
CA LEU D 167 22.26 -29.87 55.57
C LEU D 167 23.58 -30.02 56.30
N GLN D 168 23.79 -31.17 56.95
CA GLN D 168 25.05 -31.41 57.69
C GLN D 168 26.23 -31.63 56.75
N ASN D 169 25.94 -32.03 55.51
CA ASN D 169 26.95 -32.15 54.47
C ASN D 169 27.37 -30.80 53.91
N ARG D 170 26.46 -29.83 53.96
CA ARG D 170 26.74 -28.48 53.47
C ARG D 170 27.51 -27.63 54.48
N ILE D 171 27.39 -27.98 55.76
CA ILE D 171 28.01 -27.22 56.85
C ILE D 171 29.45 -27.68 57.15
N GLN D 172 29.73 -28.96 56.94
CA GLN D 172 31.05 -29.53 57.23
C GLN D 172 32.19 -28.86 56.46
N ILE D 173 33.36 -28.83 57.10
CA ILE D 173 34.51 -28.06 56.63
C ILE D 173 35.56 -28.97 55.98
N GLY E 4 3.09 -24.24 60.04
CA GLY E 4 3.96 -23.03 60.08
C GLY E 4 3.38 -21.86 59.31
N ASP E 5 3.81 -20.64 59.67
CA ASP E 5 3.35 -19.42 59.03
C ASP E 5 3.92 -19.28 57.61
N LYS E 6 3.10 -18.75 56.69
CA LYS E 6 3.53 -18.56 55.31
C LYS E 6 2.86 -17.37 54.63
N ILE E 7 3.59 -16.76 53.70
CA ILE E 7 3.06 -15.69 52.85
C ILE E 7 3.10 -16.13 51.38
N CYS E 8 1.97 -16.01 50.70
CA CYS E 8 1.85 -16.44 49.31
C CYS E 8 1.58 -15.28 48.38
N LEU E 9 2.30 -15.26 47.25
CA LEU E 9 2.07 -14.26 46.23
C LEU E 9 1.17 -14.82 45.14
N GLY E 10 0.38 -13.94 44.53
CA GLY E 10 -0.54 -14.33 43.49
C GLY E 10 -1.16 -13.17 42.75
N HIS E 11 -2.00 -13.49 41.79
CA HIS E 11 -2.61 -12.51 40.90
C HIS E 11 -4.12 -12.74 40.86
N HIS E 12 -4.86 -11.72 40.44
CA HIS E 12 -6.31 -11.84 40.35
C HIS E 12 -6.75 -12.63 39.12
N ALA E 13 -7.97 -13.15 39.18
CA ALA E 13 -8.58 -13.86 38.05
C ALA E 13 -10.08 -13.59 38.03
N VAL E 14 -10.69 -13.83 36.87
CA VAL E 14 -12.15 -13.72 36.73
C VAL E 14 -12.75 -15.08 36.36
N ALA E 15 -14.03 -15.26 36.65
CA ALA E 15 -14.74 -16.51 36.36
C ALA E 15 -14.78 -16.80 34.86
N ASN E 16 -15.17 -15.78 34.09
CA ASN E 16 -15.25 -15.90 32.64
C ASN E 16 -14.43 -14.80 31.95
N GLY E 17 -13.28 -15.18 31.40
CA GLY E 17 -12.40 -14.25 30.72
C GLY E 17 -12.76 -14.04 29.27
N THR E 18 -11.88 -13.35 28.54
CA THR E 18 -12.09 -13.08 27.12
C THR E 18 -11.01 -13.75 26.28
N LYS E 19 -11.43 -14.45 25.23
CA LYS E 19 -10.51 -15.15 24.33
C LYS E 19 -9.89 -14.18 23.33
N VAL E 20 -8.57 -14.11 23.31
CA VAL E 20 -7.83 -13.29 22.36
C VAL E 20 -6.79 -14.12 21.62
N ASN E 21 -6.23 -13.54 20.56
CA ASN E 21 -5.19 -14.22 19.78
C ASN E 21 -3.82 -13.59 20.01
N THR E 22 -2.83 -14.45 20.16
CA THR E 22 -1.43 -14.03 20.24
C THR E 22 -0.67 -14.54 19.02
N LEU E 23 0.66 -14.35 19.01
CA LEU E 23 1.51 -14.90 17.95
C LEU E 23 1.63 -16.41 18.07
N THR E 24 1.42 -16.88 19.30
CA THR E 24 1.67 -18.26 19.67
C THR E 24 0.38 -19.08 19.78
N GLU E 25 -0.69 -18.45 20.24
CA GLU E 25 -1.93 -19.17 20.49
C GLU E 25 -3.15 -18.48 19.91
N ARG E 26 -4.13 -19.30 19.52
CA ARG E 26 -5.41 -18.82 19.05
C ARG E 26 -6.47 -19.15 20.12
N GLY E 27 -7.07 -18.12 20.69
CA GLY E 27 -8.16 -18.31 21.67
C GLY E 27 -7.72 -18.46 23.12
N ILE E 28 -6.56 -17.91 23.46
CA ILE E 28 -6.07 -17.89 24.84
C ILE E 28 -6.91 -16.90 25.67
N GLU E 29 -7.23 -17.28 26.91
CA GLU E 29 -8.09 -16.44 27.75
C GLU E 29 -7.32 -15.43 28.59
N VAL E 30 -7.71 -14.16 28.47
CA VAL E 30 -7.18 -13.08 29.31
C VAL E 30 -8.28 -12.49 30.19
N VAL E 31 -7.88 -11.74 31.21
CA VAL E 31 -8.81 -11.14 32.17
C VAL E 31 -9.78 -10.19 31.45
N ASN E 32 -9.22 -9.25 30.70
CA ASN E 32 -10.02 -8.28 29.95
C ASN E 32 -9.44 -8.04 28.56
N ALA E 33 -10.32 -7.65 27.64
CA ALA E 33 -9.92 -7.33 26.26
C ALA E 33 -10.79 -6.21 25.73
N THR E 34 -10.26 -5.48 24.74
CA THR E 34 -10.99 -4.38 24.14
C THR E 34 -10.92 -4.43 22.61
N GLU E 35 -12.05 -4.20 21.95
CA GLU E 35 -12.14 -4.25 20.49
C GLU E 35 -11.33 -3.13 19.84
N THR E 36 -10.73 -3.44 18.69
CA THR E 36 -9.99 -2.44 17.90
C THR E 36 -10.64 -2.19 16.54
N VAL E 37 -11.61 -3.00 16.19
CA VAL E 37 -12.29 -2.90 14.89
C VAL E 37 -13.72 -2.39 15.06
N GLU E 38 -13.98 -1.21 14.54
CA GLU E 38 -15.32 -0.62 14.59
C GLU E 38 -16.28 -1.33 13.64
N THR E 39 -17.41 -1.78 14.18
CA THR E 39 -18.45 -2.43 13.37
C THR E 39 -19.78 -1.68 13.42
N THR E 40 -19.89 -0.72 14.35
CA THR E 40 -21.12 0.04 14.54
C THR E 40 -21.20 1.22 13.58
N ASN E 41 -22.15 1.14 12.66
CA ASN E 41 -22.41 2.18 11.68
C ASN E 41 -23.54 3.10 12.12
N ILE E 42 -23.49 4.35 11.69
CA ILE E 42 -24.63 5.24 11.83
C ILE E 42 -25.18 5.50 10.43
N LYS E 43 -26.43 5.09 10.21
CA LYS E 43 -27.08 5.20 8.92
C LYS E 43 -27.55 6.64 8.64
N LYS E 44 -26.63 7.58 8.81
CA LYS E 44 -26.89 9.01 8.66
C LYS E 44 -25.63 9.72 8.21
N ILE E 45 -25.80 10.85 7.54
CA ILE E 45 -24.69 11.75 7.27
C ILE E 45 -24.64 12.75 8.42
N CYS E 46 -23.64 12.60 9.29
CA CYS E 46 -23.48 13.47 10.46
C CYS E 46 -22.86 14.80 10.06
N THR E 47 -23.63 15.88 10.23
CA THR E 47 -23.26 17.18 9.69
C THR E 47 -23.05 18.27 10.74
N GLN E 48 -22.98 17.88 12.02
CA GLN E 48 -22.79 18.83 13.11
C GLN E 48 -21.42 19.49 13.03
N GLY E 49 -21.40 20.82 13.22
CA GLY E 49 -20.17 21.60 13.11
C GLY E 49 -19.68 21.71 11.67
N LYS E 50 -20.57 21.42 10.73
CA LYS E 50 -20.27 21.46 9.31
C LYS E 50 -21.37 22.19 8.57
N ARG E 51 -21.04 22.66 7.36
CA ARG E 51 -22.00 23.34 6.51
C ARG E 51 -22.27 22.44 5.31
N PRO E 52 -23.35 21.65 5.37
CA PRO E 52 -23.62 20.67 4.33
C PRO E 52 -24.49 21.20 3.19
N THR E 53 -24.38 20.59 2.02
CA THR E 53 -25.29 20.85 0.91
C THR E 53 -25.76 19.52 0.33
N ASP E 54 -27.03 19.21 0.58
CA ASP E 54 -27.66 18.02 0.01
C ASP E 54 -28.23 18.38 -1.36
N LEU E 55 -27.53 17.98 -2.41
CA LEU E 55 -27.87 18.37 -3.77
C LEU E 55 -29.15 17.74 -4.33
N GLY E 56 -29.57 16.63 -3.73
CA GLY E 56 -30.80 15.93 -4.13
C GLY E 56 -30.91 15.68 -5.63
N GLN E 57 -31.95 16.24 -6.24
CA GLN E 57 -32.25 16.06 -7.66
C GLN E 57 -31.25 16.76 -8.58
N CYS E 58 -30.47 17.67 -8.02
CA CYS E 58 -29.48 18.44 -8.76
C CYS E 58 -28.16 17.68 -8.88
N GLY E 59 -27.68 17.56 -10.11
CA GLY E 59 -26.36 17.01 -10.38
C GLY E 59 -25.30 18.05 -10.15
N LEU E 60 -24.14 17.63 -9.66
CA LEU E 60 -23.04 18.53 -9.32
C LEU E 60 -22.61 19.44 -10.48
N LEU E 61 -22.63 18.90 -11.70
CA LEU E 61 -22.29 19.68 -12.90
C LEU E 61 -23.42 20.63 -13.29
N GLY E 62 -24.63 20.31 -12.88
CA GLY E 62 -25.80 21.15 -13.12
C GLY E 62 -25.70 22.51 -12.44
N THR E 63 -24.96 22.58 -11.34
CA THR E 63 -24.77 23.83 -10.60
C THR E 63 -24.03 24.89 -11.42
N LEU E 64 -23.41 24.46 -12.51
CA LEU E 64 -22.62 25.35 -13.37
C LEU E 64 -23.42 25.93 -14.52
N ILE E 65 -24.36 25.16 -15.06
CA ILE E 65 -25.12 25.56 -16.25
C ILE E 65 -26.57 25.89 -15.94
N GLY E 66 -27.12 25.23 -14.93
CA GLY E 66 -28.41 25.59 -14.36
C GLY E 66 -29.67 25.06 -15.03
N PRO E 67 -29.87 23.73 -15.02
CA PRO E 67 -31.17 23.18 -15.37
C PRO E 67 -32.15 23.46 -14.22
N PRO E 68 -33.47 23.37 -14.48
CA PRO E 68 -34.48 23.67 -13.45
C PRO E 68 -34.19 23.05 -12.07
N GLN E 69 -33.69 21.82 -12.05
CA GLN E 69 -33.43 21.09 -10.80
C GLN E 69 -32.30 21.70 -9.97
N CYS E 70 -31.51 22.56 -10.59
CA CYS E 70 -30.32 23.14 -9.95
C CYS E 70 -30.41 24.64 -9.68
N ASP E 71 -31.60 25.21 -9.86
CA ASP E 71 -31.82 26.64 -9.66
C ASP E 71 -31.42 27.12 -8.25
N GLN E 72 -31.70 26.31 -7.24
CA GLN E 72 -31.40 26.66 -5.86
C GLN E 72 -29.94 26.44 -5.48
N PHE E 73 -29.17 25.81 -6.36
CA PHE E 73 -27.76 25.53 -6.10
C PHE E 73 -26.80 26.22 -7.08
N LEU E 74 -27.29 27.26 -7.77
CA LEU E 74 -26.46 28.01 -8.71
C LEU E 74 -25.27 28.66 -8.01
N GLU E 75 -25.52 29.22 -6.83
CA GLU E 75 -24.47 29.67 -5.94
C GLU E 75 -24.75 29.00 -4.61
N PHE E 76 -23.73 28.36 -4.06
CA PHE E 76 -23.83 27.71 -2.77
C PHE E 76 -22.48 27.68 -2.07
N SER E 77 -22.52 27.46 -0.76
CA SER E 77 -21.32 27.48 0.07
C SER E 77 -21.43 26.36 1.09
N SER E 78 -20.47 25.45 1.06
CA SER E 78 -20.42 24.36 2.03
C SER E 78 -19.04 23.72 2.14
N ASP E 79 -18.83 22.96 3.21
CA ASP E 79 -17.62 22.17 3.38
C ASP E 79 -17.91 20.67 3.23
N LEU E 80 -19.17 20.34 2.98
CA LEU E 80 -19.60 18.95 2.83
C LEU E 80 -20.69 18.82 1.77
N ILE E 81 -20.30 18.48 0.55
CA ILE E 81 -21.22 18.35 -0.58
C ILE E 81 -21.70 16.91 -0.75
N ILE E 82 -23.00 16.70 -0.60
CA ILE E 82 -23.60 15.37 -0.69
C ILE E 82 -24.33 15.16 -2.02
N GLU E 83 -23.82 14.24 -2.83
CA GLU E 83 -24.46 13.86 -4.09
C GLU E 83 -25.47 12.74 -3.83
N ARG E 84 -26.49 12.66 -4.68
CA ARG E 84 -27.53 11.64 -4.56
C ARG E 84 -27.73 10.90 -5.87
N ARG E 85 -28.23 9.67 -5.78
CA ARG E 85 -28.50 8.83 -6.94
C ARG E 85 -29.37 9.52 -8.00
N GLU E 86 -30.37 10.27 -7.55
CA GLU E 86 -31.33 10.91 -8.45
C GLU E 86 -30.82 12.23 -9.07
N GLY E 87 -29.66 12.70 -8.62
CA GLY E 87 -29.06 13.92 -9.17
C GLY E 87 -28.78 13.80 -10.65
N THR E 88 -29.01 14.61 -11.43
CA THR E 88 -29.04 14.86 -12.87
C THR E 88 -28.45 16.24 -13.21
N ASP E 89 -27.49 16.18 -14.25
CA ASP E 89 -26.75 17.38 -14.67
C ASP E 89 -27.49 18.22 -15.70
N ILE E 90 -28.27 17.57 -16.56
CA ILE E 90 -28.81 18.21 -17.75
C ILE E 90 -30.33 18.08 -17.87
N CYS E 91 -30.91 18.86 -18.77
CA CYS E 91 -32.32 18.68 -19.14
C CYS E 91 -32.44 18.37 -20.63
N TYR E 92 -31.69 19.12 -21.45
CA TYR E 92 -31.56 18.79 -22.86
C TYR E 92 -30.44 17.75 -23.02
N PRO E 93 -30.64 16.74 -23.88
CA PRO E 93 -29.60 15.71 -24.06
C PRO E 93 -28.24 16.29 -24.44
N GLY E 94 -27.18 15.75 -23.84
CA GLY E 94 -25.83 16.23 -24.01
C GLY E 94 -24.96 15.84 -22.83
N ARG E 95 -23.66 16.12 -22.93
CA ARG E 95 -22.71 15.72 -21.88
C ARG E 95 -21.59 16.76 -21.67
N PHE E 96 -20.85 16.57 -20.58
CA PHE E 96 -19.67 17.39 -20.30
C PHE E 96 -18.42 16.65 -20.71
N THR E 97 -17.51 17.37 -21.36
CA THR E 97 -16.17 16.86 -21.64
C THR E 97 -15.42 16.68 -20.32
N ASN E 98 -14.78 15.54 -20.14
CA ASN E 98 -14.05 15.20 -18.91
C ASN E 98 -14.90 15.45 -17.67
N GLU E 99 -16.07 14.81 -17.63
CA GLU E 99 -17.06 15.06 -16.58
C GLU E 99 -16.57 14.70 -15.17
N GLU E 100 -15.88 13.57 -15.06
CA GLU E 100 -15.42 13.10 -13.75
C GLU E 100 -14.33 14.01 -13.18
N SER E 101 -13.43 14.47 -14.04
CA SER E 101 -12.41 15.45 -13.64
C SER E 101 -13.05 16.71 -13.09
N LEU E 102 -14.04 17.23 -13.80
CA LEU E 102 -14.78 18.41 -13.38
C LEU E 102 -15.54 18.18 -12.07
N ARG E 103 -16.18 17.02 -11.95
CA ARG E 103 -16.86 16.64 -10.70
C ARG E 103 -15.91 16.62 -9.52
N GLN E 104 -14.70 16.14 -9.75
CA GLN E 104 -13.70 16.01 -8.69
C GLN E 104 -13.20 17.34 -8.15
N ILE E 105 -13.04 18.33 -9.03
CA ILE E 105 -12.62 19.66 -8.59
C ILE E 105 -13.76 20.44 -7.92
N LEU E 106 -14.99 20.17 -8.34
CA LEU E 106 -16.18 20.79 -7.75
C LEU E 106 -16.48 20.31 -6.34
N ARG E 107 -16.29 19.01 -6.09
CA ARG E 107 -16.50 18.41 -4.78
C ARG E 107 -15.66 19.07 -3.69
N ARG E 108 -14.46 19.52 -4.05
CA ARG E 108 -13.53 20.12 -3.09
C ARG E 108 -13.41 21.64 -3.24
N SER E 109 -14.39 22.26 -3.88
CA SER E 109 -14.37 23.68 -4.18
C SER E 109 -14.76 24.57 -2.99
N GLY E 110 -15.52 24.00 -2.06
CA GLY E 110 -16.13 24.78 -0.98
C GLY E 110 -17.38 25.48 -1.47
N GLY E 111 -17.93 25.00 -2.58
CA GLY E 111 -19.07 25.64 -3.24
C GLY E 111 -18.61 26.62 -4.29
N ILE E 112 -19.58 27.28 -4.93
CA ILE E 112 -19.28 28.20 -6.03
C ILE E 112 -19.96 29.56 -5.90
N GLY E 113 -19.24 30.59 -6.31
CA GLY E 113 -19.82 31.92 -6.51
C GLY E 113 -19.91 32.18 -7.99
N LYS E 114 -20.95 32.89 -8.41
CA LYS E 114 -21.16 33.19 -9.81
C LYS E 114 -20.96 34.67 -10.11
N GLU E 115 -20.43 34.95 -11.29
CA GLU E 115 -20.23 36.32 -11.75
C GLU E 115 -20.57 36.45 -13.22
N SER E 116 -21.21 37.56 -13.58
CA SER E 116 -21.55 37.84 -14.96
C SER E 116 -20.29 38.05 -15.79
N MET E 117 -20.39 37.71 -17.07
CA MET E 117 -19.24 37.86 -17.97
C MET E 117 -19.35 39.08 -18.88
N GLY E 118 -20.41 39.87 -18.67
CA GLY E 118 -20.60 41.13 -19.38
C GLY E 118 -20.84 41.01 -20.87
N PHE E 119 -21.36 39.85 -21.31
CA PHE E 119 -21.66 39.64 -22.71
C PHE E 119 -22.99 40.26 -23.10
N THR E 120 -22.94 41.17 -24.07
CA THR E 120 -24.14 41.77 -24.64
C THR E 120 -24.20 41.47 -26.14
N TYR E 121 -25.43 41.29 -26.66
CA TYR E 121 -25.62 40.94 -28.05
C TYR E 121 -26.62 41.85 -28.74
N SER E 122 -26.39 42.09 -30.03
CA SER E 122 -27.36 42.78 -30.89
C SER E 122 -27.32 42.23 -32.31
N GLY E 123 -28.48 42.23 -32.97
CA GLY E 123 -28.61 41.69 -34.32
C GLY E 123 -28.90 40.20 -34.34
N ILE E 124 -29.07 39.62 -33.16
CA ILE E 124 -29.39 38.20 -33.00
C ILE E 124 -30.43 37.99 -31.90
N ARG E 125 -30.93 36.76 -31.79
CA ARG E 125 -31.81 36.39 -30.69
C ARG E 125 -31.04 35.67 -29.59
N THR E 126 -31.55 35.83 -28.36
CA THR E 126 -30.85 35.40 -27.16
C THR E 126 -31.68 34.39 -26.36
N ASN E 127 -32.93 34.19 -26.79
CA ASN E 127 -33.95 33.50 -26.01
C ASN E 127 -34.29 32.07 -26.46
N GLY E 128 -33.32 31.36 -27.05
CA GLY E 128 -33.53 29.97 -27.45
C GLY E 128 -33.97 29.12 -26.27
N ALA E 129 -35.04 28.36 -26.44
CA ALA E 129 -35.59 27.54 -25.36
C ALA E 129 -36.06 26.16 -25.84
N THR E 130 -36.24 25.24 -24.89
CA THR E 130 -36.69 23.88 -25.19
C THR E 130 -37.71 23.39 -24.17
N SER E 131 -38.59 22.49 -24.61
CA SER E 131 -39.58 21.85 -23.75
C SER E 131 -38.93 20.90 -22.74
N ALA E 132 -37.68 20.51 -23.02
CA ALA E 132 -36.93 19.60 -22.16
C ALA E 132 -36.49 20.26 -20.86
N CYS E 133 -36.33 21.59 -20.88
CA CYS E 133 -36.02 22.36 -19.68
C CYS E 133 -37.21 23.26 -19.35
N THR E 134 -38.14 22.75 -18.55
CA THR E 134 -39.33 23.51 -18.17
C THR E 134 -39.19 24.15 -16.80
N ARG E 135 -39.46 25.46 -16.75
CA ARG E 135 -39.53 26.18 -15.49
C ARG E 135 -40.99 26.60 -15.30
N SER E 136 -41.53 27.28 -16.31
CA SER E 136 -42.97 27.51 -16.44
C SER E 136 -43.26 27.58 -17.93
N GLY E 137 -43.18 26.40 -18.58
CA GLY E 137 -43.12 26.34 -20.04
C GLY E 137 -41.67 26.24 -20.49
N SER E 138 -41.46 26.32 -21.80
CA SER E 138 -40.13 26.15 -22.39
C SER E 138 -39.11 27.14 -21.86
N SER E 139 -38.02 26.62 -21.32
CA SER E 139 -36.94 27.41 -20.75
C SER E 139 -35.58 26.84 -21.19
N PHE E 140 -34.50 27.34 -20.61
CA PHE E 140 -33.17 26.90 -20.96
C PHE E 140 -32.26 26.86 -19.73
N TYR E 141 -31.00 26.50 -19.92
CA TYR E 141 -30.01 26.55 -18.85
C TYR E 141 -29.83 27.98 -18.34
N ALA E 142 -30.03 28.15 -17.03
CA ALA E 142 -30.07 29.48 -16.41
C ALA E 142 -28.79 30.30 -16.57
N GLU E 143 -27.65 29.61 -16.61
CA GLU E 143 -26.35 30.27 -16.71
C GLU E 143 -25.87 30.45 -18.14
N MET E 144 -26.67 29.95 -19.09
CA MET E 144 -26.28 29.95 -20.50
C MET E 144 -27.28 30.74 -21.35
N LYS E 145 -26.85 31.10 -22.55
CA LYS E 145 -27.72 31.74 -23.55
C LYS E 145 -27.66 30.96 -24.86
N TRP E 146 -28.82 30.53 -25.34
CA TRP E 146 -28.93 29.87 -26.63
C TRP E 146 -29.10 30.94 -27.71
N LEU E 147 -28.01 31.24 -28.41
CA LEU E 147 -27.99 32.29 -29.42
C LEU E 147 -28.57 31.81 -30.75
N LEU E 148 -29.41 32.65 -31.35
CA LEU E 148 -30.15 32.34 -32.58
C LEU E 148 -30.06 33.50 -33.56
N SER E 149 -30.32 33.22 -34.84
CA SER E 149 -30.51 34.27 -35.83
C SER E 149 -31.81 35.01 -35.55
N ASN E 150 -31.94 36.22 -36.12
CA ASN E 150 -33.14 37.05 -35.94
C ASN E 150 -34.45 36.38 -36.38
N SER E 151 -34.37 35.53 -37.39
CA SER E 151 -35.52 34.79 -37.90
C SER E 151 -35.08 33.53 -38.63
N ASP E 152 -36.05 32.67 -38.95
CA ASP E 152 -35.81 31.43 -39.68
C ASP E 152 -34.92 31.64 -40.91
N ASN E 153 -33.81 30.91 -40.96
CA ASN E 153 -32.88 30.88 -42.09
C ASN E 153 -32.05 32.16 -42.32
N ALA E 154 -32.07 33.07 -41.36
CA ALA E 154 -31.25 34.27 -41.45
C ALA E 154 -29.81 33.96 -41.07
N ALA E 155 -28.86 34.65 -41.71
CA ALA E 155 -27.44 34.45 -41.44
C ALA E 155 -27.07 34.93 -40.04
N PHE E 156 -26.41 34.07 -39.29
CA PHE E 156 -25.85 34.41 -38.03
C PHE E 156 -24.57 35.09 -38.32
N PRO E 157 -24.33 36.18 -37.63
CA PRO E 157 -23.15 37.01 -37.79
C PRO E 157 -21.91 36.43 -37.20
N GLN E 158 -20.77 36.77 -37.74
CA GLN E 158 -19.54 36.32 -37.18
C GLN E 158 -19.24 37.15 -35.97
N MET E 159 -19.14 36.48 -34.84
CA MET E 159 -19.06 37.13 -33.56
C MET E 159 -17.81 36.80 -32.80
N THR E 160 -17.26 37.80 -32.16
CA THR E 160 -16.20 37.61 -31.19
C THR E 160 -16.67 38.10 -29.82
N LYS E 161 -16.40 37.31 -28.78
CA LYS E 161 -16.71 37.68 -27.41
C LYS E 161 -15.55 37.32 -26.49
N ALA E 162 -15.00 38.32 -25.80
CA ALA E 162 -13.84 38.12 -24.93
C ALA E 162 -14.17 38.44 -23.47
N TYR E 163 -13.60 37.66 -22.56
CA TYR E 163 -13.78 37.89 -21.13
C TYR E 163 -12.46 37.70 -20.37
N ARG E 164 -12.08 38.73 -19.63
CA ARG E 164 -10.89 38.67 -18.79
C ARG E 164 -11.29 38.38 -17.34
N ASN E 165 -10.57 37.45 -16.72
CA ASN E 165 -10.77 37.11 -15.32
C ASN E 165 -10.19 38.22 -14.43
N PRO E 166 -11.08 38.96 -13.73
CA PRO E 166 -10.65 40.09 -12.89
C PRO E 166 -10.33 39.70 -11.46
N ARG E 167 -10.62 38.46 -11.10
CA ARG E 167 -10.42 37.96 -9.74
C ARG E 167 -9.02 37.38 -9.56
N ASN E 168 -8.65 37.06 -8.32
CA ASN E 168 -7.34 36.50 -8.03
C ASN E 168 -7.37 34.97 -7.88
N LYS E 169 -8.34 34.35 -8.54
CA LYS E 169 -8.43 32.90 -8.60
C LYS E 169 -8.97 32.47 -9.97
N PRO E 170 -8.72 31.21 -10.37
CA PRO E 170 -9.17 30.74 -11.68
C PRO E 170 -10.69 30.78 -11.85
N ALA E 171 -11.13 31.22 -13.03
CA ALA E 171 -12.55 31.21 -13.38
C ALA E 171 -12.87 29.93 -14.15
N LEU E 172 -13.93 29.26 -13.74
CA LEU E 172 -14.42 28.09 -14.47
C LEU E 172 -15.33 28.54 -15.61
N ILE E 173 -14.79 28.54 -16.82
CA ILE E 173 -15.51 28.97 -18.01
C ILE E 173 -16.20 27.77 -18.67
N ILE E 174 -17.50 27.88 -18.86
CA ILE E 174 -18.28 26.84 -19.51
C ILE E 174 -18.88 27.37 -20.80
N TRP E 175 -18.98 26.51 -21.81
CA TRP E 175 -19.68 26.84 -23.04
C TRP E 175 -20.25 25.56 -23.65
N GLY E 176 -21.25 25.72 -24.52
CA GLY E 176 -21.88 24.59 -25.17
C GLY E 176 -21.81 24.65 -26.68
N VAL E 177 -21.91 23.48 -27.31
CA VAL E 177 -22.02 23.39 -28.75
C VAL E 177 -23.34 22.70 -29.07
N HIS E 178 -24.15 23.33 -29.92
CA HIS E 178 -25.44 22.77 -30.29
C HIS E 178 -25.37 21.95 -31.56
N HIS E 179 -25.72 20.67 -31.43
CA HIS E 179 -25.82 19.78 -32.58
C HIS E 179 -27.31 19.61 -32.89
N SER E 180 -27.77 20.30 -33.93
CA SER E 180 -29.18 20.30 -34.31
C SER E 180 -29.67 18.91 -34.69
N GLU E 181 -31.00 18.73 -34.72
CA GLU E 181 -31.57 17.44 -35.07
C GLU E 181 -31.48 17.13 -36.57
N SER E 182 -31.21 18.16 -37.38
CA SER E 182 -30.99 18.00 -38.81
C SER E 182 -30.19 19.16 -39.41
N VAL E 183 -29.77 19.00 -40.67
CA VAL E 183 -29.06 20.06 -41.40
C VAL E 183 -29.95 21.28 -41.61
N SER E 184 -31.19 21.04 -42.02
CA SER E 184 -32.15 22.13 -42.25
C SER E 184 -32.52 22.85 -40.95
N GLU E 185 -32.51 22.10 -39.84
CA GLU E 185 -32.75 22.66 -38.52
C GLU E 185 -31.62 23.61 -38.10
N GLN E 186 -30.39 23.26 -38.49
CA GLN E 186 -29.24 24.14 -38.28
C GLN E 186 -29.33 25.38 -39.17
N THR E 187 -29.84 25.20 -40.39
CA THR E 187 -30.07 26.31 -41.31
C THR E 187 -31.20 27.21 -40.82
N LYS E 188 -32.19 26.61 -40.16
CA LYS E 188 -33.33 27.34 -39.61
C LYS E 188 -32.90 28.30 -38.50
N LEU E 189 -32.08 27.81 -37.58
CA LEU E 189 -31.71 28.55 -36.37
C LEU E 189 -30.54 29.51 -36.59
N TYR E 190 -29.63 29.12 -37.48
CA TYR E 190 -28.45 29.91 -37.81
C TYR E 190 -28.40 30.01 -39.33
N GLY E 191 -27.41 30.71 -39.89
CA GLY E 191 -27.30 30.78 -41.35
C GLY E 191 -27.02 29.41 -41.96
N SER E 192 -27.20 29.28 -43.27
CA SER E 192 -26.75 28.08 -43.97
C SER E 192 -25.23 28.12 -44.06
N GLY E 193 -24.61 26.97 -44.24
CA GLY E 193 -23.16 26.88 -44.33
C GLY E 193 -22.54 26.32 -43.07
N ASN E 194 -21.24 26.02 -43.14
CA ASN E 194 -20.52 25.41 -42.03
C ASN E 194 -20.32 26.37 -40.86
N LYS E 195 -20.54 25.84 -39.66
CA LYS E 195 -20.42 26.62 -38.45
C LYS E 195 -19.12 26.27 -37.74
N LEU E 196 -18.49 27.29 -37.17
CA LEU E 196 -17.19 27.11 -36.53
C LEU E 196 -17.11 27.92 -35.24
N ILE E 197 -16.74 27.24 -34.16
CA ILE E 197 -16.59 27.85 -32.85
C ILE E 197 -15.15 27.65 -32.37
N THR E 198 -14.44 28.75 -32.15
CA THR E 198 -13.11 28.68 -31.55
C THR E 198 -13.11 29.28 -30.15
N VAL E 199 -12.45 28.58 -29.23
CA VAL E 199 -12.32 29.03 -27.86
C VAL E 199 -10.82 29.11 -27.56
N ARG E 200 -10.37 30.27 -27.11
CA ARG E 200 -8.94 30.53 -26.97
C ARG E 200 -8.59 31.35 -25.74
N SER E 201 -7.78 30.76 -24.86
CA SER E 201 -7.10 31.49 -23.81
C SER E 201 -5.59 31.31 -24.04
N SER E 202 -4.77 31.84 -23.14
CA SER E 202 -3.30 31.72 -23.29
C SER E 202 -2.80 30.31 -22.99
N LYS E 203 -3.68 29.47 -22.46
CA LYS E 203 -3.33 28.09 -22.08
C LYS E 203 -4.27 27.07 -22.73
N TYR E 204 -5.24 27.56 -23.48
CA TYR E 204 -6.23 26.68 -24.11
C TYR E 204 -6.53 27.15 -25.53
N GLN E 205 -6.58 26.21 -26.46
CA GLN E 205 -6.91 26.50 -27.85
C GLN E 205 -7.59 25.28 -28.47
N GLN E 206 -8.84 25.46 -28.89
CA GLN E 206 -9.64 24.38 -29.45
C GLN E 206 -10.76 24.95 -30.31
N SER E 207 -11.08 24.26 -31.39
CA SER E 207 -12.22 24.64 -32.24
C SER E 207 -13.25 23.51 -32.29
N PHE E 208 -14.50 23.90 -32.50
CA PHE E 208 -15.62 22.97 -32.50
C PHE E 208 -16.49 23.18 -33.72
N THR E 209 -16.93 22.09 -34.33
CA THR E 209 -17.89 22.13 -35.42
C THR E 209 -19.12 21.33 -35.02
N PRO E 210 -20.33 21.86 -35.28
CA PRO E 210 -21.55 21.12 -34.96
C PRO E 210 -21.71 19.88 -35.84
N ASN E 211 -22.40 18.88 -35.31
CA ASN E 211 -22.63 17.63 -35.98
C ASN E 211 -24.13 17.44 -36.18
N PRO E 212 -24.69 18.07 -37.23
CA PRO E 212 -26.14 18.09 -37.47
C PRO E 212 -26.75 16.70 -37.56
N GLY E 213 -27.75 16.44 -36.73
CA GLY E 213 -28.42 15.14 -36.68
C GLY E 213 -28.37 14.47 -35.33
N ALA E 214 -27.45 14.94 -34.48
CA ALA E 214 -27.20 14.33 -33.17
C ALA E 214 -28.18 14.76 -32.07
N ARG E 215 -28.89 15.89 -32.30
CA ARG E 215 -29.87 16.44 -31.36
C ARG E 215 -29.37 16.45 -29.91
N ARG E 216 -28.37 17.29 -29.64
CA ARG E 216 -27.73 17.37 -28.33
C ARG E 216 -26.96 18.68 -28.14
N ILE E 217 -26.76 19.06 -26.88
CA ILE E 217 -25.88 20.18 -26.54
C ILE E 217 -24.74 19.68 -25.65
N ASP E 218 -23.54 19.67 -26.22
CA ASP E 218 -22.36 19.21 -25.49
C ASP E 218 -21.61 20.39 -24.87
N PHE E 219 -21.28 20.23 -23.59
CA PHE E 219 -20.62 21.29 -22.85
C PHE E 219 -19.13 21.06 -22.66
N HIS E 220 -18.36 22.12 -22.82
CA HIS E 220 -16.92 22.07 -22.63
C HIS E 220 -16.50 23.15 -21.63
N TRP E 221 -15.29 23.03 -21.11
CA TRP E 221 -14.84 23.89 -20.01
C TRP E 221 -13.33 24.08 -19.93
N LEU E 222 -12.94 25.22 -19.39
CA LEU E 222 -11.54 25.52 -19.08
C LEU E 222 -11.44 26.29 -17.76
N LEU E 223 -10.23 26.33 -17.21
CA LEU E 223 -9.95 27.18 -16.07
C LEU E 223 -9.12 28.37 -16.54
N LEU E 224 -9.65 29.56 -16.32
CA LEU E 224 -9.01 30.78 -16.79
C LEU E 224 -8.28 31.47 -15.64
N ASP E 225 -6.95 31.54 -15.75
CA ASP E 225 -6.10 32.17 -14.76
C ASP E 225 -6.43 33.64 -14.53
N PRO E 226 -6.12 34.18 -13.33
CA PRO E 226 -6.20 35.61 -13.08
C PRO E 226 -5.54 36.41 -14.18
N ASN E 227 -6.23 37.44 -14.68
CA ASN E 227 -5.72 38.35 -15.73
C ASN E 227 -5.71 37.78 -17.15
N ASP E 228 -5.97 36.48 -17.28
CA ASP E 228 -5.99 35.85 -18.60
C ASP E 228 -7.35 36.08 -19.27
N THR E 229 -7.34 36.11 -20.60
CA THR E 229 -8.55 36.32 -21.39
C THR E 229 -8.96 35.05 -22.12
N VAL E 230 -10.26 34.73 -22.08
CA VAL E 230 -10.84 33.70 -22.94
C VAL E 230 -11.60 34.37 -24.08
N THR E 231 -11.28 33.99 -25.30
CA THR E 231 -11.89 34.59 -26.48
C THR E 231 -12.77 33.56 -27.20
N PHE E 232 -14.01 33.95 -27.46
CA PHE E 232 -14.95 33.10 -28.19
C PHE E 232 -15.20 33.68 -29.58
N THR E 233 -14.97 32.86 -30.60
CA THR E 233 -15.28 33.22 -31.97
C THR E 233 -16.25 32.18 -32.52
N PHE E 234 -17.39 32.66 -33.03
CA PHE E 234 -18.47 31.77 -33.45
C PHE E 234 -19.41 32.43 -34.46
N ASN E 235 -20.10 31.59 -35.23
CA ASN E 235 -21.09 32.05 -36.20
C ASN E 235 -22.37 31.22 -36.16
N GLY E 236 -22.67 30.67 -34.99
CA GLY E 236 -23.85 29.83 -34.79
C GLY E 236 -23.55 28.57 -34.01
N ALA E 237 -24.61 27.85 -33.63
CA ALA E 237 -24.51 26.62 -32.85
C ALA E 237 -23.77 26.79 -31.51
N PHE E 238 -23.70 28.03 -31.04
CA PHE E 238 -22.94 28.35 -29.84
C PHE E 238 -23.85 28.62 -28.65
N ILE E 239 -23.65 27.86 -27.58
CA ILE E 239 -24.35 28.07 -26.33
C ILE E 239 -23.44 28.87 -25.42
N ALA E 240 -23.72 30.17 -25.31
CA ALA E 240 -22.82 31.10 -24.66
C ALA E 240 -22.98 31.10 -23.15
N PRO E 241 -21.87 31.24 -22.42
CA PRO E 241 -21.97 31.46 -20.98
C PRO E 241 -22.48 32.87 -20.69
N ASP E 242 -23.39 32.97 -19.73
CA ASP E 242 -23.82 34.27 -19.23
C ASP E 242 -23.04 34.58 -17.95
N ARG E 243 -22.77 33.55 -17.17
CA ARG E 243 -22.01 33.69 -15.93
C ARG E 243 -20.90 32.64 -15.83
N THR E 244 -19.88 32.96 -15.05
CA THR E 244 -18.79 32.01 -14.76
C THR E 244 -18.69 31.76 -13.25
N SER E 245 -18.01 30.66 -12.89
CA SER E 245 -17.93 30.22 -11.49
C SER E 245 -16.54 30.44 -10.88
N PHE E 246 -16.54 30.76 -9.59
CA PHE E 246 -15.32 30.82 -8.79
C PHE E 246 -15.49 29.95 -7.55
N PHE E 247 -14.42 29.24 -7.17
CA PHE E 247 -14.48 28.36 -6.00
C PHE E 247 -14.28 29.16 -4.72
N ARG E 248 -14.85 28.69 -3.62
CA ARG E 248 -14.86 29.46 -2.38
C ARG E 248 -13.73 29.09 -1.43
N GLY E 249 -13.48 27.78 -1.28
CA GLY E 249 -12.44 27.29 -0.37
C GLY E 249 -12.30 25.78 -0.43
N GLU E 250 -12.63 25.12 0.68
CA GLU E 250 -12.43 23.69 0.82
C GLU E 250 -13.68 22.94 1.27
N SER E 251 -13.90 21.79 0.66
CA SER E 251 -15.03 20.93 0.99
C SER E 251 -14.68 19.47 0.75
N LEU E 252 -15.46 18.59 1.37
CA LEU E 252 -15.39 17.18 1.09
C LEU E 252 -16.63 16.77 0.31
N GLY E 253 -16.45 15.95 -0.72
CA GLY E 253 -17.56 15.41 -1.50
C GLY E 253 -17.95 14.03 -1.01
N VAL E 254 -19.25 13.77 -0.90
CA VAL E 254 -19.76 12.49 -0.43
C VAL E 254 -20.88 11.99 -1.35
N GLN E 255 -20.91 10.68 -1.56
CA GLN E 255 -22.02 10.03 -2.26
C GLN E 255 -22.72 9.08 -1.31
N SER E 256 -24.01 9.31 -1.09
CA SER E 256 -24.77 8.54 -0.11
C SER E 256 -26.26 8.55 -0.36
N ASP E 257 -26.95 7.59 0.25
CA ASP E 257 -28.41 7.56 0.28
C ASP E 257 -28.91 7.80 1.71
N ALA E 258 -27.97 7.99 2.62
CA ALA E 258 -28.28 8.23 4.03
C ALA E 258 -28.79 9.66 4.25
N PRO E 259 -29.82 9.81 5.09
CA PRO E 259 -30.35 11.15 5.41
C PRO E 259 -29.37 11.99 6.24
N LEU E 260 -29.51 13.31 6.15
CA LEU E 260 -28.66 14.22 6.94
C LEU E 260 -29.10 14.23 8.40
N ASP E 261 -28.14 14.44 9.29
CA ASP E 261 -28.41 14.56 10.73
C ASP E 261 -27.42 15.54 11.36
N SER E 262 -27.93 16.69 11.78
CA SER E 262 -27.12 17.75 12.36
C SER E 262 -26.87 17.59 13.86
N SER E 263 -27.35 16.49 14.44
CA SER E 263 -27.23 16.26 15.88
C SER E 263 -26.10 15.29 16.25
N CYS E 264 -25.36 14.82 15.25
CA CYS E 264 -24.17 13.99 15.47
C CYS E 264 -22.97 14.52 14.69
N ARG E 265 -21.78 14.35 15.28
CA ARG E 265 -20.54 14.79 14.67
C ARG E 265 -19.83 13.60 14.02
N GLY E 266 -19.19 13.84 12.88
CA GLY E 266 -18.48 12.79 12.15
C GLY E 266 -17.52 13.32 11.11
N ASP E 267 -16.42 12.61 10.90
CA ASP E 267 -15.39 13.02 9.95
C ASP E 267 -15.18 11.98 8.86
N CYS E 268 -15.88 10.85 9.01
CA CYS E 268 -15.72 9.72 8.11
C CYS E 268 -17.05 9.28 7.53
N PHE E 269 -17.18 9.44 6.21
CA PHE E 269 -18.46 9.22 5.53
C PHE E 269 -18.36 8.14 4.46
N HIS E 270 -19.49 7.50 4.19
CA HIS E 270 -19.57 6.48 3.15
C HIS E 270 -20.99 6.32 2.63
N SER E 271 -21.11 5.52 1.57
CA SER E 271 -22.39 5.16 0.95
C SER E 271 -23.55 5.02 1.95
N GLY E 272 -23.33 4.23 3.00
CA GLY E 272 -24.35 3.97 4.00
C GLY E 272 -24.30 4.83 5.26
N GLY E 273 -23.60 5.96 5.19
CA GLY E 273 -23.62 6.92 6.29
C GLY E 273 -22.28 7.33 6.87
N THR E 274 -22.21 7.37 8.19
CA THR E 274 -21.05 7.92 8.93
C THR E 274 -20.46 6.87 9.87
N ILE E 275 -19.13 6.79 9.90
CA ILE E 275 -18.42 5.97 10.87
C ILE E 275 -17.88 6.88 11.96
N VAL E 276 -18.33 6.65 13.20
CA VAL E 276 -17.91 7.45 14.35
C VAL E 276 -17.18 6.54 15.33
N SER E 277 -15.88 6.80 15.50
CA SER E 277 -15.00 5.90 16.24
C SER E 277 -13.63 6.48 16.50
N SER E 278 -13.02 6.04 17.60
CA SER E 278 -11.63 6.31 17.91
C SER E 278 -10.77 5.08 17.64
N LEU E 279 -11.40 3.99 17.21
CA LEU E 279 -10.70 2.73 16.95
C LEU E 279 -9.83 2.82 15.68
N PRO E 280 -8.67 2.15 15.68
CA PRO E 280 -7.76 2.22 14.53
C PRO E 280 -8.33 1.62 13.24
N PHE E 281 -9.18 0.60 13.36
CA PHE E 281 -9.69 -0.10 12.19
C PHE E 281 -11.22 -0.15 12.16
N GLN E 282 -11.77 -0.31 10.96
CA GLN E 282 -13.21 -0.49 10.77
C GLN E 282 -13.52 -1.60 9.76
N ASN E 283 -14.62 -2.31 9.97
CA ASN E 283 -15.07 -3.35 9.07
C ASN E 283 -16.42 -3.02 8.43
N ILE E 284 -16.70 -1.71 8.31
CA ILE E 284 -18.00 -1.25 7.85
C ILE E 284 -18.05 -1.10 6.32
N ASN E 285 -17.12 -0.33 5.76
CA ASN E 285 -17.09 -0.07 4.32
C ASN E 285 -15.65 0.10 3.84
N SER E 286 -15.28 -0.62 2.78
CA SER E 286 -13.95 -0.48 2.18
C SER E 286 -13.80 0.86 1.47
N ARG E 287 -14.92 1.40 1.02
CA ARG E 287 -14.95 2.66 0.29
C ARG E 287 -15.44 3.78 1.21
N THR E 288 -14.52 4.61 1.66
CA THR E 288 -14.87 5.74 2.53
C THR E 288 -14.28 7.04 2.02
N VAL E 289 -14.79 8.14 2.54
CA VAL E 289 -14.25 9.48 2.28
C VAL E 289 -14.14 10.25 3.58
N GLY E 290 -13.10 11.08 3.69
CA GLY E 290 -12.85 11.84 4.90
C GLY E 290 -11.70 11.28 5.72
N LYS E 291 -11.78 11.48 7.03
CA LYS E 291 -10.75 11.03 7.96
C LYS E 291 -11.22 9.78 8.70
N CYS E 292 -10.70 8.63 8.27
CA CYS E 292 -11.28 7.33 8.63
C CYS E 292 -10.30 6.36 9.26
N PRO E 293 -10.82 5.43 10.11
CA PRO E 293 -10.04 4.25 10.45
C PRO E 293 -9.80 3.42 9.20
N ARG E 294 -8.69 2.70 9.15
CA ARG E 294 -8.38 1.85 8.01
C ARG E 294 -9.31 0.65 7.94
N TYR E 295 -9.77 0.32 6.72
CA TYR E 295 -10.64 -0.84 6.53
C TYR E 295 -9.87 -2.14 6.60
N VAL E 296 -10.39 -3.08 7.38
CA VAL E 296 -9.84 -4.43 7.48
C VAL E 296 -10.96 -5.43 7.19
N LYS E 297 -10.60 -6.66 6.83
CA LYS E 297 -11.61 -7.67 6.51
C LYS E 297 -12.12 -8.46 7.72
N GLN E 298 -11.41 -8.36 8.84
CA GLN E 298 -11.84 -9.02 10.08
C GLN E 298 -13.01 -8.28 10.71
N LYS E 299 -13.96 -9.05 11.23
CA LYS E 299 -15.08 -8.49 12.00
C LYS E 299 -14.62 -8.01 13.37
N SER E 300 -13.59 -8.67 13.91
CA SER E 300 -13.18 -8.46 15.29
C SER E 300 -11.71 -8.79 15.53
N LEU E 301 -11.03 -7.88 16.22
CA LEU E 301 -9.67 -8.12 16.69
C LEU E 301 -9.56 -7.54 18.10
N LEU E 302 -9.46 -8.43 19.09
CA LEU E 302 -9.49 -8.03 20.49
C LEU E 302 -8.10 -7.80 21.07
N LEU E 303 -7.88 -6.60 21.60
CA LEU E 303 -6.62 -6.25 22.24
C LEU E 303 -6.71 -6.52 23.74
N ALA E 304 -5.86 -7.43 24.21
CA ALA E 304 -5.80 -7.79 25.63
C ALA E 304 -5.46 -6.57 26.48
N THR E 305 -6.22 -6.37 27.54
CA THR E 305 -6.01 -5.27 28.48
C THR E 305 -5.82 -5.83 29.89
N GLY E 306 -5.47 -7.10 29.95
CA GLY E 306 -5.19 -7.79 31.20
C GLY E 306 -4.33 -9.01 31.01
N MET E 307 -3.84 -9.56 32.11
CA MET E 307 -3.02 -10.77 32.12
C MET E 307 -3.78 -12.00 31.64
N ARG E 308 -3.03 -13.08 31.37
CA ARG E 308 -3.62 -14.40 31.16
C ARG E 308 -4.57 -14.74 32.31
N ASN E 309 -5.75 -15.23 31.98
CA ASN E 309 -6.75 -15.62 32.98
C ASN E 309 -6.64 -17.09 33.33
N VAL E 310 -6.37 -17.37 34.61
CA VAL E 310 -6.27 -18.74 35.13
C VAL E 310 -7.09 -18.82 36.42
N PRO E 311 -8.29 -19.43 36.35
CA PRO E 311 -9.14 -19.53 37.53
C PRO E 311 -9.20 -20.94 38.12
N GLU E 312 -10.19 -21.18 38.98
CA GLU E 312 -10.54 -22.53 39.43
C GLU E 312 -12.04 -22.84 39.28
N GLY F 1 3.36 -17.78 29.40
CA GLY F 1 4.15 -16.54 29.69
C GLY F 1 5.64 -16.81 29.77
N LEU F 2 6.43 -15.86 29.27
CA LEU F 2 7.89 -15.99 29.21
C LEU F 2 8.60 -16.10 30.56
N PHE F 3 7.94 -15.70 31.64
CA PHE F 3 8.60 -15.65 32.94
C PHE F 3 8.28 -16.82 33.88
N GLY F 4 7.24 -17.57 33.53
CA GLY F 4 6.91 -18.80 34.23
C GLY F 4 6.23 -18.64 35.58
N ALA F 5 5.73 -17.44 35.87
CA ALA F 5 5.00 -17.19 37.11
C ALA F 5 3.49 -17.37 36.91
N ILE F 6 2.87 -16.46 36.16
CA ILE F 6 1.44 -16.55 35.84
C ILE F 6 1.21 -17.67 34.83
N ALA F 7 0.31 -18.61 35.18
CA ALA F 7 0.08 -19.84 34.42
C ALA F 7 1.33 -20.73 34.38
N GLY F 8 2.22 -20.53 35.36
CA GLY F 8 3.47 -21.27 35.48
C GLY F 8 3.56 -21.96 36.82
N PHE F 9 4.51 -21.53 37.66
CA PHE F 9 4.68 -22.14 38.98
C PHE F 9 3.61 -21.72 39.97
N ILE F 10 2.95 -20.59 39.69
CA ILE F 10 1.75 -20.21 40.41
C ILE F 10 0.56 -20.93 39.76
N GLU F 11 -0.10 -21.78 40.55
CA GLU F 11 -1.18 -22.65 40.07
C GLU F 11 -2.29 -21.89 39.32
N ASN F 12 -2.89 -20.91 40.00
CA ASN F 12 -4.00 -20.14 39.44
C ASN F 12 -4.11 -18.74 40.04
N GLY F 13 -5.02 -17.95 39.49
CA GLY F 13 -5.31 -16.63 40.03
C GLY F 13 -6.32 -16.71 41.16
N TRP F 14 -6.54 -15.58 41.82
CA TRP F 14 -7.52 -15.49 42.89
C TRP F 14 -8.71 -14.63 42.46
N GLU F 15 -9.89 -15.22 42.49
CA GLU F 15 -11.11 -14.52 42.12
C GLU F 15 -11.55 -13.54 43.20
N GLY F 16 -11.13 -13.82 44.45
CA GLY F 16 -11.43 -12.96 45.58
C GLY F 16 -10.64 -11.66 45.60
N LEU F 17 -9.49 -11.66 44.94
CA LEU F 17 -8.64 -10.48 44.85
C LEU F 17 -9.24 -9.43 43.90
N ILE F 18 -10.16 -8.63 44.44
CA ILE F 18 -10.90 -7.65 43.64
C ILE F 18 -10.25 -6.26 43.66
N ASN F 19 -9.29 -6.06 44.56
CA ASN F 19 -8.71 -4.75 44.80
C ASN F 19 -7.55 -4.39 43.88
N GLY F 20 -6.94 -5.40 43.26
CA GLY F 20 -5.79 -5.19 42.39
C GLY F 20 -5.39 -6.39 41.55
N TRP F 21 -4.37 -6.20 40.72
CA TRP F 21 -3.87 -7.23 39.81
C TRP F 21 -3.03 -8.27 40.54
N TYR F 22 -2.20 -7.81 41.47
CA TYR F 22 -1.29 -8.68 42.23
C TYR F 22 -1.49 -8.46 43.72
N GLY F 23 -1.16 -9.48 44.52
CA GLY F 23 -1.32 -9.38 45.97
C GLY F 23 -0.70 -10.48 46.80
N PHE F 24 -0.85 -10.35 48.11
CA PHE F 24 -0.29 -11.29 49.08
C PHE F 24 -1.41 -11.99 49.84
N ARG F 25 -1.23 -13.29 50.09
CA ARG F 25 -2.12 -14.07 50.94
C ARG F 25 -1.29 -14.74 52.03
N HIS F 26 -1.66 -14.48 53.28
CA HIS F 26 -0.88 -14.98 54.42
C HIS F 26 -1.66 -15.86 55.37
N GLN F 27 -0.98 -16.87 55.91
CA GLN F 27 -1.52 -17.66 57.03
C GLN F 27 -0.59 -17.54 58.25
N ASN F 28 -1.20 -17.26 59.40
CA ASN F 28 -0.50 -17.28 60.68
C ASN F 28 -1.42 -17.78 61.79
N ALA F 29 -1.05 -17.52 63.05
CA ALA F 29 -1.84 -17.96 64.20
C ALA F 29 -3.18 -17.22 64.29
N GLN F 30 -3.29 -16.11 63.58
CA GLN F 30 -4.50 -15.30 63.57
C GLN F 30 -5.43 -15.62 62.40
N GLY F 31 -4.91 -16.35 61.41
CA GLY F 31 -5.73 -16.87 60.31
C GLY F 31 -5.31 -16.46 58.91
N GLU F 32 -6.28 -16.49 57.99
CA GLU F 32 -6.09 -16.09 56.59
C GLU F 32 -6.00 -14.56 56.45
N GLY F 33 -5.69 -14.10 55.24
CA GLY F 33 -5.65 -12.67 54.94
C GLY F 33 -5.13 -12.38 53.54
N THR F 34 -5.89 -11.58 52.79
CA THR F 34 -5.48 -11.18 51.44
C THR F 34 -5.44 -9.66 51.30
N ALA F 35 -4.36 -9.16 50.71
CA ALA F 35 -4.18 -7.73 50.45
C ALA F 35 -3.52 -7.51 49.09
N ALA F 36 -4.01 -6.52 48.35
CA ALA F 36 -3.48 -6.20 47.03
C ALA F 36 -2.24 -5.30 47.12
N ASP F 37 -1.30 -5.51 46.21
CA ASP F 37 -0.12 -4.66 46.11
C ASP F 37 -0.36 -3.57 45.08
N TYR F 38 -0.24 -2.31 45.52
CA TYR F 38 -0.53 -1.17 44.67
C TYR F 38 0.51 -0.96 43.56
N LYS F 39 1.79 -0.97 43.95
CA LYS F 39 2.89 -0.63 43.05
C LYS F 39 2.93 -1.46 41.76
N SER F 40 2.92 -2.79 41.91
CA SER F 40 3.00 -3.70 40.77
C SER F 40 1.73 -3.66 39.93
N THR F 41 0.58 -3.47 40.59
CA THR F 41 -0.70 -3.32 39.90
C THR F 41 -0.69 -2.06 39.05
N GLN F 42 -0.21 -0.96 39.63
CA GLN F 42 -0.18 0.32 38.94
C GLN F 42 0.83 0.33 37.79
N SER F 43 1.96 -0.34 38.00
CA SER F 43 2.98 -0.48 36.96
C SER F 43 2.43 -1.17 35.71
N ALA F 44 1.64 -2.23 35.92
CA ALA F 44 1.07 -3.00 34.82
C ALA F 44 -0.04 -2.25 34.08
N ILE F 45 -0.93 -1.60 34.82
CA ILE F 45 -2.03 -0.83 34.23
C ILE F 45 -1.49 0.35 33.40
N ASP F 46 -0.48 1.04 33.93
CA ASP F 46 0.16 2.15 33.22
C ASP F 46 0.70 1.71 31.87
N GLN F 47 1.25 0.50 31.83
CA GLN F 47 1.80 -0.07 30.59
C GLN F 47 0.72 -0.49 29.60
N ILE F 48 -0.40 -1.00 30.10
CA ILE F 48 -1.56 -1.32 29.27
C ILE F 48 -2.24 -0.05 28.71
N THR F 49 -2.33 0.99 29.54
CA THR F 49 -2.89 2.27 29.12
C THR F 49 -2.03 2.91 28.02
N GLY F 50 -0.73 2.70 28.10
CA GLY F 50 0.23 3.20 27.11
C GLY F 50 0.04 2.61 25.73
N LYS F 51 -0.30 1.31 25.68
CA LYS F 51 -0.63 0.64 24.43
C LYS F 51 -1.89 1.24 23.81
N LEU F 52 -2.89 1.52 24.67
CA LEU F 52 -4.15 2.11 24.23
C LEU F 52 -3.97 3.52 23.70
N ASN F 53 -3.19 4.35 24.41
CA ASN F 53 -2.90 5.71 23.96
C ASN F 53 -2.29 5.75 22.56
N ARG F 54 -1.55 4.71 22.20
CA ARG F 54 -0.94 4.57 20.89
C ARG F 54 -1.95 4.21 19.79
N LEU F 55 -2.90 3.33 20.12
CA LEU F 55 -3.83 2.79 19.13
C LEU F 55 -5.15 3.55 19.02
N ILE F 56 -5.60 4.12 20.14
CA ILE F 56 -6.91 4.76 20.23
C ILE F 56 -6.79 6.28 20.10
N GLY F 57 -7.67 6.86 19.28
CA GLY F 57 -7.74 8.32 19.12
C GLY F 57 -6.69 8.90 18.19
N LYS F 58 -6.33 8.15 17.15
CA LYS F 58 -5.33 8.60 16.19
C LYS F 58 -5.93 9.61 15.22
N THR F 59 -5.10 10.59 14.82
CA THR F 59 -5.47 11.52 13.76
C THR F 59 -5.27 10.81 12.43
N ASN F 60 -6.26 10.93 11.54
CA ASN F 60 -6.23 10.24 10.26
C ASN F 60 -6.07 11.19 9.09
N GLN F 61 -5.53 10.68 7.99
CA GLN F 61 -5.43 11.44 6.76
C GLN F 61 -6.79 11.52 6.09
N GLN F 62 -7.02 12.59 5.34
CA GLN F 62 -8.21 12.70 4.52
C GLN F 62 -8.02 11.93 3.21
N PHE F 63 -9.06 11.24 2.79
CA PHE F 63 -9.12 10.63 1.46
C PHE F 63 -10.40 11.08 0.77
N GLU F 64 -10.30 11.33 -0.52
CA GLU F 64 -11.42 11.86 -1.30
C GLU F 64 -12.02 10.75 -2.17
N LEU F 65 -13.16 11.06 -2.80
CA LEU F 65 -13.73 10.18 -3.81
C LEU F 65 -12.85 10.18 -5.07
N ILE F 66 -12.49 8.98 -5.50
CA ILE F 66 -11.80 8.81 -6.77
C ILE F 66 -12.68 7.97 -7.69
N ASP F 67 -13.86 7.63 -7.18
CA ASP F 67 -14.84 6.81 -7.88
C ASP F 67 -16.15 7.56 -8.05
N ASN F 68 -17.09 6.90 -8.72
CA ASN F 68 -18.44 7.39 -8.84
C ASN F 68 -19.44 6.23 -8.82
N GLU F 69 -20.20 6.13 -7.73
CA GLU F 69 -21.20 5.08 -7.56
C GLU F 69 -22.39 5.25 -8.51
N PHE F 70 -22.75 6.50 -8.78
CA PHE F 70 -23.96 6.81 -9.57
C PHE F 70 -23.67 6.97 -11.06
N ASN F 71 -22.45 7.37 -11.39
CA ASN F 71 -22.02 7.52 -12.77
C ASN F 71 -20.73 6.76 -13.02
N GLU F 72 -20.88 5.48 -13.38
CA GLU F 72 -19.74 4.58 -13.56
C GLU F 72 -18.66 5.15 -14.48
N ILE F 73 -17.45 5.28 -13.94
CA ILE F 73 -16.28 5.65 -14.72
C ILE F 73 -15.86 4.46 -15.56
N GLU F 74 -15.04 4.67 -16.59
CA GLU F 74 -14.65 3.55 -17.45
C GLU F 74 -14.00 2.42 -16.65
N GLN F 75 -14.45 1.20 -16.94
CA GLN F 75 -14.07 -0.01 -16.18
C GLN F 75 -12.57 -0.18 -16.03
N GLN F 76 -11.80 0.35 -16.99
CA GLN F 76 -10.35 0.31 -16.95
C GLN F 76 -9.77 0.98 -15.69
N ILE F 77 -10.17 2.23 -15.45
CA ILE F 77 -9.73 2.96 -14.25
C ILE F 77 -10.36 2.37 -12.99
N GLY F 78 -11.65 2.03 -13.09
CA GLY F 78 -12.39 1.43 -11.98
C GLY F 78 -11.76 0.16 -11.45
N ASN F 79 -11.37 -0.75 -12.35
CA ASN F 79 -10.70 -1.99 -11.96
C ASN F 79 -9.33 -1.77 -11.35
N VAL F 80 -8.62 -0.74 -11.82
CA VAL F 80 -7.34 -0.36 -11.26
C VAL F 80 -7.52 0.14 -9.83
N ILE F 81 -8.43 1.10 -9.65
CA ILE F 81 -8.83 1.60 -8.32
C ILE F 81 -9.22 0.45 -7.38
N ASN F 82 -10.01 -0.50 -7.88
CA ASN F 82 -10.47 -1.64 -7.09
C ASN F 82 -9.37 -2.61 -6.69
N TRP F 83 -8.44 -2.85 -7.61
CA TRP F 83 -7.26 -3.65 -7.35
C TRP F 83 -6.47 -3.02 -6.20
N THR F 84 -6.20 -1.72 -6.31
CA THR F 84 -5.49 -0.96 -5.27
C THR F 84 -6.22 -1.00 -3.93
N ARG F 85 -7.53 -0.77 -3.93
CA ARG F 85 -8.34 -0.84 -2.72
C ARG F 85 -8.21 -2.20 -2.04
N ASP F 86 -8.36 -3.27 -2.83
CA ASP F 86 -8.21 -4.64 -2.32
C ASP F 86 -6.80 -4.91 -1.80
N ALA F 87 -5.79 -4.41 -2.53
CA ALA F 87 -4.40 -4.51 -2.10
C ALA F 87 -4.16 -3.81 -0.76
N MET F 88 -4.77 -2.65 -0.58
CA MET F 88 -4.71 -1.89 0.68
C MET F 88 -5.36 -2.69 1.79
N THR F 89 -6.55 -3.20 1.52
CA THR F 89 -7.28 -4.06 2.44
C THR F 89 -6.42 -5.25 2.87
N GLU F 90 -5.71 -5.85 1.91
CA GLU F 90 -4.82 -6.97 2.20
C GLU F 90 -3.73 -6.60 3.20
N ILE F 91 -3.11 -5.43 3.01
CA ILE F 91 -2.03 -4.96 3.87
C ILE F 91 -2.51 -4.60 5.27
N TRP F 92 -3.59 -3.82 5.34
CA TRP F 92 -4.12 -3.37 6.62
C TRP F 92 -4.67 -4.51 7.47
N SER F 93 -5.33 -5.46 6.82
CA SER F 93 -5.83 -6.67 7.49
C SER F 93 -4.67 -7.48 8.05
N TYR F 94 -3.57 -7.54 7.30
CA TYR F 94 -2.35 -8.19 7.75
C TYR F 94 -1.74 -7.44 8.95
N ASN F 95 -1.58 -6.13 8.80
CA ASN F 95 -1.00 -5.29 9.84
C ASN F 95 -1.78 -5.34 11.16
N ALA F 96 -3.10 -5.20 11.04
CA ALA F 96 -3.99 -5.22 12.21
C ALA F 96 -3.89 -6.55 12.96
N GLU F 97 -4.04 -7.64 12.23
CA GLU F 97 -3.89 -8.99 12.79
C GLU F 97 -2.55 -9.13 13.54
N LEU F 98 -1.47 -8.78 12.86
CA LEU F 98 -0.13 -8.86 13.42
C LEU F 98 0.07 -7.94 14.62
N LEU F 99 -0.41 -6.70 14.51
CA LEU F 99 -0.32 -5.72 15.59
C LEU F 99 -0.98 -6.24 16.87
N VAL F 100 -2.25 -6.63 16.75
CA VAL F 100 -3.01 -7.14 17.88
C VAL F 100 -2.39 -8.42 18.46
N ALA F 101 -2.03 -9.38 17.60
CA ALA F 101 -1.42 -10.63 18.04
C ALA F 101 -0.09 -10.39 18.77
N MET F 102 0.70 -9.46 18.23
CA MET F 102 1.99 -9.11 18.81
C MET F 102 1.84 -8.39 20.14
N GLU F 103 0.95 -7.40 20.18
CA GLU F 103 0.66 -6.66 21.42
C GLU F 103 0.15 -7.56 22.54
N ASN F 104 -0.73 -8.49 22.18
CA ASN F 104 -1.31 -9.43 23.15
C ASN F 104 -0.25 -10.36 23.75
N GLN F 105 0.67 -10.82 22.90
CA GLN F 105 1.82 -11.61 23.35
C GLN F 105 2.64 -10.84 24.37
N HIS F 106 2.88 -9.56 24.08
CA HIS F 106 3.63 -8.67 24.97
C HIS F 106 2.89 -8.40 26.27
N THR F 107 1.59 -8.11 26.17
CA THR F 107 0.73 -7.85 27.33
C THR F 107 0.74 -9.01 28.32
N ILE F 108 0.59 -10.22 27.80
CA ILE F 108 0.60 -11.43 28.62
C ILE F 108 1.94 -11.63 29.34
N ASP F 109 3.04 -11.42 28.61
CA ASP F 109 4.39 -11.58 29.15
C ASP F 109 4.76 -10.44 30.11
N LEU F 110 4.26 -9.24 29.81
CA LEU F 110 4.46 -8.05 30.64
C LEU F 110 3.84 -8.25 32.03
N ALA F 111 2.62 -8.77 32.06
CA ALA F 111 1.91 -9.04 33.31
C ALA F 111 2.56 -10.18 34.10
N ASP F 112 3.02 -11.20 33.38
CA ASP F 112 3.76 -12.32 33.96
C ASP F 112 5.08 -11.84 34.57
N SER F 113 5.72 -10.88 33.90
CA SER F 113 6.94 -10.24 34.37
C SER F 113 6.73 -9.48 35.68
N GLU F 114 5.62 -8.75 35.77
CA GLU F 114 5.32 -7.97 36.98
C GLU F 114 5.12 -8.87 38.19
N MET F 115 4.45 -10.01 37.98
CA MET F 115 4.25 -11.02 39.02
C MET F 115 5.60 -11.56 39.49
N SER F 116 6.45 -11.92 38.53
CA SER F 116 7.78 -12.45 38.80
C SER F 116 8.64 -11.47 39.59
N LYS F 117 8.63 -10.21 39.18
CA LYS F 117 9.40 -9.14 39.85
C LYS F 117 9.00 -8.93 41.30
N LEU F 118 7.69 -9.00 41.57
CA LEU F 118 7.17 -8.87 42.93
C LEU F 118 7.58 -10.07 43.78
N TYR F 119 7.49 -11.26 43.18
CA TYR F 119 7.95 -12.49 43.81
C TYR F 119 9.42 -12.41 44.19
N GLU F 120 10.25 -11.88 43.28
CA GLU F 120 11.68 -11.71 43.49
C GLU F 120 11.98 -10.66 44.57
N ARG F 121 11.20 -9.59 44.56
CA ARG F 121 11.30 -8.52 45.54
C ARG F 121 11.13 -9.09 46.96
N VAL F 122 10.09 -9.90 47.14
CA VAL F 122 9.80 -10.52 48.43
C VAL F 122 10.91 -11.49 48.85
N LYS F 123 11.36 -12.33 47.91
CA LYS F 123 12.43 -13.30 48.16
C LYS F 123 13.67 -12.64 48.78
N LYS F 124 14.15 -11.59 48.12
CA LYS F 124 15.31 -10.83 48.59
C LYS F 124 15.05 -10.11 49.92
N GLN F 125 13.79 -9.74 50.14
CA GLN F 125 13.36 -9.09 51.37
C GLN F 125 13.46 -10.05 52.56
N LEU F 126 13.08 -11.31 52.34
CA LEU F 126 13.00 -12.30 53.41
C LEU F 126 14.35 -12.91 53.80
N ARG F 127 15.34 -12.79 52.92
CA ARG F 127 16.71 -13.24 53.16
C ARG F 127 16.78 -14.71 53.59
N GLU F 128 17.36 -14.97 54.76
CA GLU F 128 17.51 -16.34 55.27
C GLU F 128 16.34 -16.77 56.17
N ASN F 129 15.35 -15.89 56.32
CA ASN F 129 14.25 -16.13 57.25
C ASN F 129 13.10 -16.97 56.68
N ALA F 130 13.19 -17.28 55.39
CA ALA F 130 12.15 -18.05 54.72
C ALA F 130 12.70 -18.91 53.59
N GLU F 131 11.95 -19.94 53.23
CA GLU F 131 12.25 -20.75 52.06
C GLU F 131 11.06 -20.73 51.11
N GLU F 132 11.32 -20.88 49.82
CA GLU F 132 10.26 -20.87 48.83
C GLU F 132 9.63 -22.25 48.64
N ASP F 133 8.30 -22.25 48.57
CA ASP F 133 7.49 -23.46 48.47
C ASP F 133 7.55 -24.09 47.08
N GLY F 134 7.80 -23.26 46.07
CA GLY F 134 7.83 -23.70 44.69
C GLY F 134 6.53 -23.41 43.96
N THR F 135 5.49 -23.07 44.73
CA THR F 135 4.16 -22.78 44.18
C THR F 135 3.79 -21.30 44.32
N GLY F 136 4.79 -20.46 44.58
CA GLY F 136 4.58 -19.02 44.77
C GLY F 136 4.53 -18.58 46.22
N CYS F 137 4.68 -19.52 47.14
CA CYS F 137 4.61 -19.25 48.58
C CYS F 137 5.98 -19.24 49.26
N PHE F 138 6.08 -18.51 50.37
CA PHE F 138 7.28 -18.51 51.19
C PHE F 138 6.97 -19.06 52.57
N GLU F 139 7.56 -20.21 52.91
CA GLU F 139 7.45 -20.77 54.25
C GLU F 139 8.37 -20.01 55.19
N ILE F 140 7.76 -19.22 56.07
CA ILE F 140 8.48 -18.36 57.01
C ILE F 140 8.83 -19.17 58.27
N PHE F 141 10.11 -19.18 58.62
CA PHE F 141 10.60 -19.97 59.75
C PHE F 141 10.68 -19.19 61.07
N HIS F 142 9.79 -18.22 61.24
CA HIS F 142 9.63 -17.52 62.51
C HIS F 142 8.18 -17.10 62.71
N LYS F 143 7.79 -16.94 63.97
CA LYS F 143 6.44 -16.51 64.31
C LYS F 143 6.23 -15.09 63.78
N CYS F 144 5.24 -14.94 62.90
CA CYS F 144 5.02 -13.69 62.18
C CYS F 144 3.54 -13.30 62.19
N ASP F 145 3.20 -12.32 63.04
CA ASP F 145 1.82 -11.87 63.20
C ASP F 145 1.39 -10.89 62.10
N ASP F 146 0.20 -10.33 62.24
CA ASP F 146 -0.37 -9.42 61.24
C ASP F 146 0.45 -8.14 61.02
N GLN F 147 1.10 -7.66 62.08
CA GLN F 147 1.98 -6.50 61.98
C GLN F 147 3.24 -6.88 61.20
N CYS F 148 3.72 -8.09 61.44
CA CYS F 148 4.88 -8.65 60.76
C CYS F 148 4.55 -8.94 59.28
N MET F 149 3.35 -9.43 59.02
CA MET F 149 2.89 -9.70 57.66
C MET F 149 2.76 -8.40 56.86
N GLU F 150 2.39 -7.33 57.55
CA GLU F 150 2.22 -6.01 56.93
C GLU F 150 3.57 -5.39 56.56
N SER F 151 4.57 -5.59 57.43
CA SER F 151 5.93 -5.08 57.18
C SER F 151 6.55 -5.68 55.93
N ILE F 152 6.23 -6.94 55.66
CA ILE F 152 6.67 -7.61 54.44
C ILE F 152 6.01 -6.96 53.22
N ARG F 153 4.69 -6.75 53.31
CA ARG F 153 3.90 -6.21 52.20
C ARG F 153 4.33 -4.81 51.75
N ASN F 154 4.67 -3.95 52.71
CA ASN F 154 5.06 -2.57 52.35
C ASN F 154 6.54 -2.24 52.58
N ASN F 155 7.39 -3.27 52.50
CA ASN F 155 8.86 -3.12 52.44
C ASN F 155 9.53 -2.48 53.67
N THR F 156 9.07 -2.85 54.86
CA THR F 156 9.64 -2.34 56.11
C THR F 156 10.10 -3.48 57.03
N TYR F 157 9.98 -4.71 56.54
CA TYR F 157 10.44 -5.91 57.22
C TYR F 157 11.96 -5.89 57.40
N ASP F 158 12.40 -6.02 58.65
CA ASP F 158 13.82 -6.14 58.96
C ASP F 158 14.15 -7.59 59.27
N HIS F 159 14.95 -8.20 58.39
CA HIS F 159 15.29 -9.62 58.51
C HIS F 159 16.18 -9.92 59.72
N THR F 160 16.99 -8.93 60.12
CA THR F 160 17.91 -9.08 61.24
C THR F 160 17.18 -9.46 62.52
N GLN F 161 16.01 -8.87 62.72
CA GLN F 161 15.18 -9.10 63.91
C GLN F 161 14.79 -10.56 64.11
N TYR F 162 14.66 -11.30 63.02
CA TYR F 162 14.17 -12.68 63.08
C TYR F 162 15.19 -13.73 62.65
N ARG F 163 16.37 -13.28 62.21
CA ARG F 163 17.39 -14.17 61.65
C ARG F 163 17.79 -15.31 62.59
N THR F 164 18.04 -14.99 63.87
CA THR F 164 18.45 -16.00 64.84
C THR F 164 17.38 -17.06 65.05
N GLU F 165 16.13 -16.61 65.22
CA GLU F 165 14.97 -17.50 65.40
C GLU F 165 14.76 -18.38 64.16
N SER F 166 14.90 -17.77 62.98
CA SER F 166 14.66 -18.46 61.72
C SER F 166 15.72 -19.52 61.42
N LEU F 167 16.99 -19.16 61.63
CA LEU F 167 18.10 -20.06 61.31
C LEU F 167 18.08 -21.36 62.10
N GLN F 168 17.71 -21.29 63.38
CA GLN F 168 17.59 -22.49 64.20
C GLN F 168 16.34 -23.32 63.84
N ASN F 169 15.29 -22.65 63.38
CA ASN F 169 14.11 -23.34 62.86
C ASN F 169 14.36 -24.05 61.54
N ARG F 170 15.35 -23.56 60.79
CA ARG F 170 15.71 -24.14 59.49
C ARG F 170 16.68 -25.31 59.62
N ILE F 171 17.55 -25.26 60.62
CA ILE F 171 18.53 -26.32 60.87
C ILE F 171 18.02 -27.24 61.98
N GLN F 172 17.50 -28.40 61.58
CA GLN F 172 16.99 -29.41 62.52
C GLN F 172 17.35 -30.82 62.06
#